data_1NKD
# 
_entry.id   1NKD 
# 
_audit_conform.dict_name       mmcif_pdbx.dic 
_audit_conform.dict_version    5.386 
_audit_conform.dict_location   http://mmcif.pdb.org/dictionaries/ascii/mmcif_pdbx.dic 
# 
loop_
_database_2.database_id 
_database_2.database_code 
_database_2.pdbx_database_accession 
_database_2.pdbx_DOI 
PDB   1NKD         pdb_00001nkd 10.2210/pdb1nkd/pdb 
WWPDB D_1000175318 ?            ?                   
# 
loop_
_pdbx_audit_revision_history.ordinal 
_pdbx_audit_revision_history.data_content_type 
_pdbx_audit_revision_history.major_revision 
_pdbx_audit_revision_history.minor_revision 
_pdbx_audit_revision_history.revision_date 
1 'Structure model' 1 0 1999-03-23 
2 'Structure model' 1 1 2008-03-24 
3 'Structure model' 1 2 2011-07-13 
4 'Structure model' 1 3 2017-11-29 
5 'Structure model' 1 4 2024-02-14 
# 
_pdbx_audit_revision_details.ordinal             1 
_pdbx_audit_revision_details.revision_ordinal    1 
_pdbx_audit_revision_details.data_content_type   'Structure model' 
_pdbx_audit_revision_details.provider            repository 
_pdbx_audit_revision_details.type                'Initial release' 
_pdbx_audit_revision_details.description         ? 
_pdbx_audit_revision_details.details             ? 
# 
loop_
_pdbx_audit_revision_group.ordinal 
_pdbx_audit_revision_group.revision_ordinal 
_pdbx_audit_revision_group.data_content_type 
_pdbx_audit_revision_group.group 
1 2 'Structure model' 'Version format compliance' 
2 3 'Structure model' 'Derived calculations'      
3 3 'Structure model' 'Version format compliance' 
4 4 'Structure model' 'Derived calculations'      
5 4 'Structure model' Other                       
6 5 'Structure model' 'Data collection'           
7 5 'Structure model' 'Database references'       
# 
loop_
_pdbx_audit_revision_category.ordinal 
_pdbx_audit_revision_category.revision_ordinal 
_pdbx_audit_revision_category.data_content_type 
_pdbx_audit_revision_category.category 
1 4 'Structure model' pdbx_database_status 
2 4 'Structure model' struct_conf          
3 4 'Structure model' struct_conf_type     
4 5 'Structure model' chem_comp_atom       
5 5 'Structure model' chem_comp_bond       
6 5 'Structure model' database_2           
7 5 'Structure model' diffrn_source        
8 5 'Structure model' struct_ref_seq_dif   
# 
loop_
_pdbx_audit_revision_item.ordinal 
_pdbx_audit_revision_item.revision_ordinal 
_pdbx_audit_revision_item.data_content_type 
_pdbx_audit_revision_item.item 
1 4 'Structure model' '_pdbx_database_status.process_site'   
2 5 'Structure model' '_database_2.pdbx_DOI'                 
3 5 'Structure model' '_database_2.pdbx_database_accession'  
4 5 'Structure model' '_diffrn_source.pdbx_synchrotron_site' 
5 5 'Structure model' '_struct_ref_seq_dif.details'          
# 
_pdbx_database_status.status_code                     REL 
_pdbx_database_status.entry_id                        1NKD 
_pdbx_database_status.recvd_initial_deposition_date   1997-09-23 
_pdbx_database_status.deposit_site                    ? 
_pdbx_database_status.process_site                    BNL 
_pdbx_database_status.status_code_sf                  REL 
_pdbx_database_status.status_code_mr                  ? 
_pdbx_database_status.SG_entry                        ? 
_pdbx_database_status.pdb_format_compatible           Y 
_pdbx_database_status.status_code_cs                  ? 
_pdbx_database_status.methods_development_category    ? 
_pdbx_database_status.status_code_nmr_data            ? 
# 
loop_
_audit_author.name 
_audit_author.pdbx_ordinal 
'Vlassi, M.'     1 
'Kokkinidis, M.' 2 
# 
loop_
_citation.id 
_citation.title 
_citation.journal_abbrev 
_citation.journal_volume 
_citation.page_first 
_citation.page_last 
_citation.year 
_citation.journal_id_ASTM 
_citation.country 
_citation.journal_id_ISSN 
_citation.journal_id_CSD 
_citation.book_publisher 
_citation.pdbx_database_id_PubMed 
_citation.pdbx_database_id_DOI 
primary 
;Structural parameters for proteins derived from the atomic resolution (1.09 A) structure of a designed variant of the ColE1 ROP protein.
;
'Acta Crystallogr.,Sect.D' 54  1245 1260 1998 ABCRE6 DK 0907-4449 0766 ? 10089502 10.1107/S0907444998002492 
1       'Restored Heptad Pattern Continuity Does not Alter the Folding of a Four-Alpha-Helix Bundle' Nat.Struct.Biol.           1 
706  ?    1994 NSBIEW US 1072-8368 2024 ? ?        ?                         
2       'Correlation between Protein Stability and Crystal Properties of Designed Rop Variants' Proteins                   16  214 
?    1993 PSFGEY US 0887-3585 0867 ? ?        ?                         
3       'Structure of the Cole1 Rop Protein at 1.7 A Resolution' J.Mol.Biol.                196 657  ?    1987 JMOBAK UK 0022-2836 
0070 ? ?        ?                         
# 
loop_
_citation_author.citation_id 
_citation_author.name 
_citation_author.ordinal 
_citation_author.identifier_ORCID 
primary 'Vlassi, M.'       1  ? 
primary 'Dauter, Z.'       2  ? 
primary 'Wilson, K.S.'     3  ? 
primary 'Kokkinidis, M.'   4  ? 
1       'Vlassi, M.'       5  ? 
1       'Steif, C.'        6  ? 
1       'Weber, P.'        7  ? 
1       'Tsernoglou, D.'   8  ? 
1       'Wilson, K.S.'     9  ? 
1       'Hinz, H.J.'       10 ? 
1       'Kokkinidis, M.'   11 ? 
2       'Kokkinidis, M.'   12 ? 
2       'Vlassi, M.'       13 ? 
2       'Papanikolaou, Y.' 14 ? 
2       'Kotsifaki, D.'    15 ? 
2       'Kingswell, A.'    16 ? 
2       'Tsernoglou, D.'   17 ? 
2       'Hinz, H.J.'       18 ? 
3       'Banner, D.W.'     19 ? 
3       'Kokkinidis, M.'   20 ? 
3       'Tsernoglou, D.'   21 ? 
# 
loop_
_entity.id 
_entity.type 
_entity.src_method 
_entity.pdbx_description 
_entity.formula_weight 
_entity.pdbx_number_of_molecules 
_entity.pdbx_ec 
_entity.pdbx_mutation 
_entity.pdbx_fragment 
_entity.details 
1 polymer man ROP   7379.194 1   ? 'INS(A-D31-A)' ? ? 
2 water   nat water 18.015   114 ? ?              ? ? 
# 
_entity_name_com.entity_id   1 
_entity_name_com.name        'COLE1 REPRESSOR OF PRIMER' 
# 
_entity_poly.entity_id                      1 
_entity_poly.type                           'polypeptide(L)' 
_entity_poly.nstd_linkage                   no 
_entity_poly.nstd_monomer                   no 
_entity_poly.pdbx_seq_one_letter_code       MTKQEKTALNMARFIRSQTLTLLEKLNELADAADEQADICESLHDHADELYRSCLARFGDDGENL 
_entity_poly.pdbx_seq_one_letter_code_can   MTKQEKTALNMARFIRSQTLTLLEKLNELADAADEQADICESLHDHADELYRSCLARFGDDGENL 
_entity_poly.pdbx_strand_id                 A 
_entity_poly.pdbx_target_identifier         ? 
# 
_pdbx_entity_nonpoly.entity_id   2 
_pdbx_entity_nonpoly.name        water 
_pdbx_entity_nonpoly.comp_id     HOH 
# 
loop_
_entity_poly_seq.entity_id 
_entity_poly_seq.num 
_entity_poly_seq.mon_id 
_entity_poly_seq.hetero 
1 1  MET n 
1 2  THR n 
1 3  LYS n 
1 4  GLN n 
1 5  GLU n 
1 6  LYS n 
1 7  THR n 
1 8  ALA n 
1 9  LEU n 
1 10 ASN n 
1 11 MET n 
1 12 ALA n 
1 13 ARG n 
1 14 PHE n 
1 15 ILE n 
1 16 ARG n 
1 17 SER n 
1 18 GLN n 
1 19 THR n 
1 20 LEU n 
1 21 THR n 
1 22 LEU n 
1 23 LEU n 
1 24 GLU n 
1 25 LYS n 
1 26 LEU n 
1 27 ASN n 
1 28 GLU n 
1 29 LEU n 
1 30 ALA n 
1 31 ASP n 
1 32 ALA n 
1 33 ALA n 
1 34 ASP n 
1 35 GLU n 
1 36 GLN n 
1 37 ALA n 
1 38 ASP n 
1 39 ILE n 
1 40 CYS n 
1 41 GLU n 
1 42 SER n 
1 43 LEU n 
1 44 HIS n 
1 45 ASP n 
1 46 HIS n 
1 47 ALA n 
1 48 ASP n 
1 49 GLU n 
1 50 LEU n 
1 51 TYR n 
1 52 ARG n 
1 53 SER n 
1 54 CYS n 
1 55 LEU n 
1 56 ALA n 
1 57 ARG n 
1 58 PHE n 
1 59 GLY n 
1 60 ASP n 
1 61 ASP n 
1 62 GLY n 
1 63 GLU n 
1 64 ASN n 
1 65 LEU n 
# 
_entity_src_gen.entity_id                          1 
_entity_src_gen.pdbx_src_id                        1 
_entity_src_gen.pdbx_alt_source_flag               sample 
_entity_src_gen.pdbx_seq_type                      ? 
_entity_src_gen.pdbx_beg_seq_num                   ? 
_entity_src_gen.pdbx_end_seq_num                   ? 
_entity_src_gen.gene_src_common_name               ? 
_entity_src_gen.gene_src_genus                     Escherichia 
_entity_src_gen.pdbx_gene_src_gene                 ? 
_entity_src_gen.gene_src_species                   ? 
_entity_src_gen.gene_src_strain                    ? 
_entity_src_gen.gene_src_tissue                    ? 
_entity_src_gen.gene_src_tissue_fraction           ? 
_entity_src_gen.gene_src_details                   ? 
_entity_src_gen.pdbx_gene_src_fragment             ? 
_entity_src_gen.pdbx_gene_src_scientific_name      'Escherichia coli' 
_entity_src_gen.pdbx_gene_src_ncbi_taxonomy_id     562 
_entity_src_gen.pdbx_gene_src_variant              ? 
_entity_src_gen.pdbx_gene_src_cell_line            ? 
_entity_src_gen.pdbx_gene_src_atcc                 ? 
_entity_src_gen.pdbx_gene_src_organ                ? 
_entity_src_gen.pdbx_gene_src_organelle            ? 
_entity_src_gen.pdbx_gene_src_cell                 ? 
_entity_src_gen.pdbx_gene_src_cellular_location    ? 
_entity_src_gen.host_org_common_name               ? 
_entity_src_gen.pdbx_host_org_scientific_name      'Escherichia coli' 
_entity_src_gen.pdbx_host_org_ncbi_taxonomy_id     562 
_entity_src_gen.host_org_genus                     Escherichia 
_entity_src_gen.pdbx_host_org_gene                 ? 
_entity_src_gen.pdbx_host_org_organ                ? 
_entity_src_gen.host_org_species                   ? 
_entity_src_gen.pdbx_host_org_tissue               ? 
_entity_src_gen.pdbx_host_org_tissue_fraction      ? 
_entity_src_gen.pdbx_host_org_strain               ? 
_entity_src_gen.pdbx_host_org_variant              ? 
_entity_src_gen.pdbx_host_org_cell_line            ? 
_entity_src_gen.pdbx_host_org_atcc                 ? 
_entity_src_gen.pdbx_host_org_culture_collection   ? 
_entity_src_gen.pdbx_host_org_cell                 ? 
_entity_src_gen.pdbx_host_org_organelle            ? 
_entity_src_gen.pdbx_host_org_cellular_location    ? 
_entity_src_gen.pdbx_host_org_vector_type          ? 
_entity_src_gen.pdbx_host_org_vector               ? 
_entity_src_gen.host_org_details                   ? 
_entity_src_gen.expression_system_id               ? 
_entity_src_gen.plasmid_name                       ? 
_entity_src_gen.plasmid_details                    ? 
_entity_src_gen.pdbx_description                   ? 
# 
loop_
_chem_comp.id 
_chem_comp.type 
_chem_comp.mon_nstd_flag 
_chem_comp.name 
_chem_comp.pdbx_synonyms 
_chem_comp.formula 
_chem_comp.formula_weight 
ALA 'L-peptide linking' y ALANINE         ? 'C3 H7 N O2'     89.093  
ARG 'L-peptide linking' y ARGININE        ? 'C6 H15 N4 O2 1' 175.209 
ASN 'L-peptide linking' y ASPARAGINE      ? 'C4 H8 N2 O3'    132.118 
ASP 'L-peptide linking' y 'ASPARTIC ACID' ? 'C4 H7 N O4'     133.103 
CYS 'L-peptide linking' y CYSTEINE        ? 'C3 H7 N O2 S'   121.158 
GLN 'L-peptide linking' y GLUTAMINE       ? 'C5 H10 N2 O3'   146.144 
GLU 'L-peptide linking' y 'GLUTAMIC ACID' ? 'C5 H9 N O4'     147.129 
GLY 'peptide linking'   y GLYCINE         ? 'C2 H5 N O2'     75.067  
HIS 'L-peptide linking' y HISTIDINE       ? 'C6 H10 N3 O2 1' 156.162 
HOH non-polymer         . WATER           ? 'H2 O'           18.015  
ILE 'L-peptide linking' y ISOLEUCINE      ? 'C6 H13 N O2'    131.173 
LEU 'L-peptide linking' y LEUCINE         ? 'C6 H13 N O2'    131.173 
LYS 'L-peptide linking' y LYSINE          ? 'C6 H15 N2 O2 1' 147.195 
MET 'L-peptide linking' y METHIONINE      ? 'C5 H11 N O2 S'  149.211 
PHE 'L-peptide linking' y PHENYLALANINE   ? 'C9 H11 N O2'    165.189 
SER 'L-peptide linking' y SERINE          ? 'C3 H7 N O3'     105.093 
THR 'L-peptide linking' y THREONINE       ? 'C4 H9 N O3'     119.119 
TYR 'L-peptide linking' y TYROSINE        ? 'C9 H11 N O3'    181.189 
# 
loop_
_pdbx_poly_seq_scheme.asym_id 
_pdbx_poly_seq_scheme.entity_id 
_pdbx_poly_seq_scheme.seq_id 
_pdbx_poly_seq_scheme.mon_id 
_pdbx_poly_seq_scheme.ndb_seq_num 
_pdbx_poly_seq_scheme.pdb_seq_num 
_pdbx_poly_seq_scheme.auth_seq_num 
_pdbx_poly_seq_scheme.pdb_mon_id 
_pdbx_poly_seq_scheme.auth_mon_id 
_pdbx_poly_seq_scheme.pdb_strand_id 
_pdbx_poly_seq_scheme.pdb_ins_code 
_pdbx_poly_seq_scheme.hetero 
A 1 1  MET 1  1  1  MET MET A . n 
A 1 2  THR 2  2  2  THR THR A . n 
A 1 3  LYS 3  3  3  LYS LYS A . n 
A 1 4  GLN 4  4  4  GLN GLN A . n 
A 1 5  GLU 5  5  5  GLU GLU A . n 
A 1 6  LYS 6  6  6  LYS LYS A . n 
A 1 7  THR 7  7  7  THR THR A . n 
A 1 8  ALA 8  8  8  ALA ALA A . n 
A 1 9  LEU 9  9  9  LEU LEU A . n 
A 1 10 ASN 10 10 10 ASN ASN A . n 
A 1 11 MET 11 11 11 MET MET A . n 
A 1 12 ALA 12 12 12 ALA ALA A . n 
A 1 13 ARG 13 13 13 ARG ARG A . n 
A 1 14 PHE 14 14 14 PHE PHE A . n 
A 1 15 ILE 15 15 15 ILE ILE A . n 
A 1 16 ARG 16 16 16 ARG ARG A . n 
A 1 17 SER 17 17 17 SER SER A . n 
A 1 18 GLN 18 18 18 GLN GLN A . n 
A 1 19 THR 19 19 19 THR THR A . n 
A 1 20 LEU 20 20 20 LEU LEU A . n 
A 1 21 THR 21 21 21 THR THR A . n 
A 1 22 LEU 22 22 22 LEU LEU A . n 
A 1 23 LEU 23 23 23 LEU LEU A . n 
A 1 24 GLU 24 24 24 GLU GLU A . n 
A 1 25 LYS 25 25 25 LYS LYS A . n 
A 1 26 LEU 26 26 26 LEU LEU A . n 
A 1 27 ASN 27 27 27 ASN ASN A . n 
A 1 28 GLU 28 28 28 GLU GLU A . n 
A 1 29 LEU 29 29 29 LEU LEU A . n 
A 1 30 ALA 30 30 30 ALA ALA A . n 
A 1 31 ASP 31 31 31 ASP ASP A . n 
A 1 32 ALA 32 32 32 ALA ALA A . n 
A 1 33 ALA 33 33 33 ALA ALA A . n 
A 1 34 ASP 34 34 34 ASP ASP A . n 
A 1 35 GLU 35 35 35 GLU GLU A . n 
A 1 36 GLN 36 36 36 GLN GLN A . n 
A 1 37 ALA 37 37 37 ALA ALA A . n 
A 1 38 ASP 38 38 38 ASP ASP A . n 
A 1 39 ILE 39 39 39 ILE ILE A . n 
A 1 40 CYS 40 40 40 CYS CYS A . n 
A 1 41 GLU 41 41 41 GLU GLU A . n 
A 1 42 SER 42 42 42 SER SER A . n 
A 1 43 LEU 43 43 43 LEU LEU A . n 
A 1 44 HIS 44 44 44 HIS HIS A . n 
A 1 45 ASP 45 45 45 ASP ASP A . n 
A 1 46 HIS 46 46 46 HIS HIS A . n 
A 1 47 ALA 47 47 47 ALA ALA A . n 
A 1 48 ASP 48 48 48 ASP ASP A . n 
A 1 49 GLU 49 49 49 GLU GLU A . n 
A 1 50 LEU 50 50 50 LEU LEU A . n 
A 1 51 TYR 51 51 51 TYR TYR A . n 
A 1 52 ARG 52 52 52 ARG ARG A . n 
A 1 53 SER 53 53 53 SER SER A . n 
A 1 54 CYS 54 54 54 CYS CYS A . n 
A 1 55 LEU 55 55 55 LEU LEU A . n 
A 1 56 ALA 56 56 56 ALA ALA A . n 
A 1 57 ARG 57 57 57 ARG ARG A . n 
A 1 58 PHE 58 58 58 PHE PHE A . n 
A 1 59 GLY 59 59 59 GLY GLY A . n 
A 1 60 ASP 60 60 ?  ?   ?   A . n 
A 1 61 ASP 61 61 ?  ?   ?   A . n 
A 1 62 GLY 62 62 ?  ?   ?   A . n 
A 1 63 GLU 63 63 ?  ?   ?   A . n 
A 1 64 ASN 64 64 ?  ?   ?   A . n 
A 1 65 LEU 65 65 ?  ?   ?   A . n 
# 
loop_
_pdbx_nonpoly_scheme.asym_id 
_pdbx_nonpoly_scheme.entity_id 
_pdbx_nonpoly_scheme.mon_id 
_pdbx_nonpoly_scheme.ndb_seq_num 
_pdbx_nonpoly_scheme.pdb_seq_num 
_pdbx_nonpoly_scheme.auth_seq_num 
_pdbx_nonpoly_scheme.pdb_mon_id 
_pdbx_nonpoly_scheme.auth_mon_id 
_pdbx_nonpoly_scheme.pdb_strand_id 
_pdbx_nonpoly_scheme.pdb_ins_code 
B 2 HOH 1   66  1   HOH HOH A . 
B 2 HOH 2   67  2   HOH HOH A . 
B 2 HOH 3   68  3   HOH HOH A . 
B 2 HOH 4   69  4   HOH HOH A . 
B 2 HOH 5   70  5   HOH HOH A . 
B 2 HOH 6   71  6   HOH HOH A . 
B 2 HOH 7   72  7   HOH HOH A . 
B 2 HOH 8   73  8   HOH HOH A . 
B 2 HOH 9   74  9   HOH HOH A . 
B 2 HOH 10  75  10  HOH HOH A . 
B 2 HOH 11  76  11  HOH HOH A . 
B 2 HOH 12  77  12  HOH HOH A . 
B 2 HOH 13  78  13  HOH HOH A . 
B 2 HOH 14  79  14  HOH HOH A . 
B 2 HOH 15  80  15  HOH HOH A . 
B 2 HOH 16  81  16  HOH HOH A . 
B 2 HOH 17  82  17  HOH HOH A . 
B 2 HOH 18  83  18  HOH HOH A . 
B 2 HOH 19  84  19  HOH HOH A . 
B 2 HOH 20  85  20  HOH HOH A . 
B 2 HOH 21  86  21  HOH HOH A . 
B 2 HOH 22  87  22  HOH HOH A . 
B 2 HOH 23  88  23  HOH HOH A . 
B 2 HOH 24  89  24  HOH HOH A . 
B 2 HOH 25  90  25  HOH HOH A . 
B 2 HOH 26  91  26  HOH HOH A . 
B 2 HOH 27  92  27  HOH HOH A . 
B 2 HOH 28  93  28  HOH HOH A . 
B 2 HOH 29  94  29  HOH HOH A . 
B 2 HOH 30  95  30  HOH HOH A . 
B 2 HOH 31  96  31  HOH HOH A . 
B 2 HOH 32  97  32  HOH HOH A . 
B 2 HOH 33  98  33  HOH HOH A . 
B 2 HOH 34  99  34  HOH HOH A . 
B 2 HOH 35  100 35  HOH HOH A . 
B 2 HOH 36  101 36  HOH HOH A . 
B 2 HOH 37  102 37  HOH HOH A . 
B 2 HOH 38  103 38  HOH HOH A . 
B 2 HOH 39  104 39  HOH HOH A . 
B 2 HOH 40  105 40  HOH HOH A . 
B 2 HOH 41  106 41  HOH HOH A . 
B 2 HOH 42  107 42  HOH HOH A . 
B 2 HOH 43  108 43  HOH HOH A . 
B 2 HOH 44  109 44  HOH HOH A . 
B 2 HOH 45  110 45  HOH HOH A . 
B 2 HOH 46  111 46  HOH HOH A . 
B 2 HOH 47  112 47  HOH HOH A . 
B 2 HOH 48  113 48  HOH HOH A . 
B 2 HOH 49  114 49  HOH HOH A . 
B 2 HOH 50  115 50  HOH HOH A . 
B 2 HOH 51  116 51  HOH HOH A . 
B 2 HOH 52  117 52  HOH HOH A . 
B 2 HOH 53  118 53  HOH HOH A . 
B 2 HOH 54  119 54  HOH HOH A . 
B 2 HOH 55  120 55  HOH HOH A . 
B 2 HOH 56  121 56  HOH HOH A . 
B 2 HOH 57  122 57  HOH HOH A . 
B 2 HOH 58  123 58  HOH HOH A . 
B 2 HOH 59  124 59  HOH HOH A . 
B 2 HOH 60  125 60  HOH HOH A . 
B 2 HOH 61  126 61  HOH HOH A . 
B 2 HOH 62  127 62  HOH HOH A . 
B 2 HOH 63  128 63  HOH HOH A . 
B 2 HOH 64  129 64  HOH HOH A . 
B 2 HOH 65  130 65  HOH HOH A . 
B 2 HOH 66  131 66  HOH HOH A . 
B 2 HOH 67  132 67  HOH HOH A . 
B 2 HOH 68  133 68  HOH HOH A . 
B 2 HOH 69  134 69  HOH HOH A . 
B 2 HOH 70  135 70  HOH HOH A . 
B 2 HOH 71  136 71  HOH HOH A . 
B 2 HOH 72  137 72  HOH HOH A . 
B 2 HOH 73  138 73  HOH HOH A . 
B 2 HOH 74  139 74  HOH HOH A . 
B 2 HOH 75  140 75  HOH HOH A . 
B 2 HOH 76  141 76  HOH HOH A . 
B 2 HOH 77  142 77  HOH HOH A . 
B 2 HOH 78  143 78  HOH HOH A . 
B 2 HOH 79  144 79  HOH HOH A . 
B 2 HOH 80  145 80  HOH HOH A . 
B 2 HOH 81  146 81  HOH HOH A . 
B 2 HOH 82  147 82  HOH HOH A . 
B 2 HOH 83  148 83  HOH HOH A . 
B 2 HOH 84  149 84  HOH HOH A . 
B 2 HOH 85  150 85  HOH HOH A . 
B 2 HOH 86  151 86  HOH HOH A . 
B 2 HOH 87  152 87  HOH HOH A . 
B 2 HOH 88  153 88  HOH HOH A . 
B 2 HOH 89  154 89  HOH HOH A . 
B 2 HOH 90  155 90  HOH HOH A . 
B 2 HOH 91  156 91  HOH HOH A . 
B 2 HOH 92  157 92  HOH HOH A . 
B 2 HOH 93  158 93  HOH HOH A . 
B 2 HOH 94  159 94  HOH HOH A . 
B 2 HOH 95  160 95  HOH HOH A . 
B 2 HOH 96  161 96  HOH HOH A . 
B 2 HOH 97  162 97  HOH HOH A . 
B 2 HOH 98  163 98  HOH HOH A . 
B 2 HOH 99  164 99  HOH HOH A . 
B 2 HOH 100 165 100 HOH HOH A . 
B 2 HOH 101 166 101 HOH HOH A . 
B 2 HOH 102 167 102 HOH HOH A . 
B 2 HOH 103 168 103 HOH HOH A . 
B 2 HOH 104 169 104 HOH HOH A . 
B 2 HOH 105 170 105 HOH HOH A . 
B 2 HOH 106 171 106 HOH HOH A . 
B 2 HOH 107 172 107 HOH HOH A . 
B 2 HOH 108 173 108 HOH HOH A . 
B 2 HOH 109 174 109 HOH HOH A . 
B 2 HOH 110 175 110 HOH HOH A . 
B 2 HOH 111 176 111 HOH HOH A . 
B 2 HOH 112 177 112 HOH HOH A . 
B 2 HOH 113 178 113 HOH HOH A . 
B 2 HOH 114 179 114 HOH HOH A . 
# 
loop_
_software.name 
_software.classification 
_software.version 
_software.citation_id 
_software.pdbx_ordinal 
SHELXL-93 'model building' . ? 1 
SHELXL-93 refinement       . ? 2 
DENZO     'data reduction' . ? 3 
SCALEPACK 'data scaling'   . ? 4 
SHELXL-93 phasing          . ? 5 
# 
_cell.entry_id           1NKD 
_cell.length_a           47.060 
_cell.length_b           37.880 
_cell.length_c           31.650 
_cell.angle_alpha        90.00 
_cell.angle_beta         100.80 
_cell.angle_gamma        90.00 
_cell.Z_PDB              4 
_cell.pdbx_unique_axis   ? 
# 
_symmetry.entry_id                         1NKD 
_symmetry.space_group_name_H-M             'C 1 2 1' 
_symmetry.pdbx_full_space_group_name_H-M   ? 
_symmetry.cell_setting                     ? 
_symmetry.Int_Tables_number                5 
# 
_exptl.entry_id          1NKD 
_exptl.method            'X-RAY DIFFRACTION' 
_exptl.crystals_number   1 
# 
_exptl_crystal.id                    1 
_exptl_crystal.density_meas          ? 
_exptl_crystal.density_Matthews      1.9 
_exptl_crystal.density_percent_sol   35 
_exptl_crystal.description           ? 
# 
_diffrn.id                     1 
_diffrn.ambient_temp           ? 
_diffrn.ambient_temp_details   ? 
_diffrn.crystal_id             1 
# 
_diffrn_radiation.diffrn_id                        1 
_diffrn_radiation.wavelength_id                    1 
_diffrn_radiation.pdbx_monochromatic_or_laue_m_l   M 
_diffrn_radiation.monochromator                    ? 
_diffrn_radiation.pdbx_diffrn_protocol             ? 
_diffrn_radiation.pdbx_scattering_type             x-ray 
# 
_diffrn_radiation_wavelength.id           1 
_diffrn_radiation_wavelength.wavelength   0.92 
_diffrn_radiation_wavelength.wt           1.0 
# 
_diffrn_source.diffrn_id                   1 
_diffrn_source.source                      SYNCHROTRON 
_diffrn_source.type                        'EMBL/DESY, HAMBURG BEAMLINE X11' 
_diffrn_source.pdbx_synchrotron_site       'EMBL/DESY, HAMBURG' 
_diffrn_source.pdbx_synchrotron_beamline   X11 
_diffrn_source.pdbx_wavelength             0.92 
_diffrn_source.pdbx_wavelength_list        ? 
# 
_reflns.entry_id                     1NKD 
_reflns.observed_criterion_sigma_I   ? 
_reflns.observed_criterion_sigma_F   ? 
_reflns.d_resolution_low             23.13 
_reflns.d_resolution_high            1.09 
_reflns.number_obs                   22361 
_reflns.number_all                   ? 
_reflns.percent_possible_obs         98.2 
_reflns.pdbx_Rmerge_I_obs            0.4500000 
_reflns.pdbx_Rsym_value              ? 
_reflns.pdbx_netI_over_sigmaI        18.9 
_reflns.B_iso_Wilson_estimate        ? 
_reflns.pdbx_redundancy              3.7 
_reflns.pdbx_ordinal                 1 
_reflns.pdbx_diffrn_id               1 
# 
_reflns_shell.d_res_high             1.09 
_reflns_shell.d_res_low              1.19 
_reflns_shell.percent_possible_all   97.5 
_reflns_shell.Rmerge_I_obs           0.1970000 
_reflns_shell.pdbx_Rsym_value        ? 
_reflns_shell.meanI_over_sigI_obs    8.2 
_reflns_shell.pdbx_redundancy        2.5 
_reflns_shell.pdbx_ordinal           1 
_reflns_shell.pdbx_diffrn_id         1 
# 
_refine.entry_id                                 1NKD 
_refine.ls_number_reflns_obs                     ? 
_refine.ls_number_reflns_all                     21972 
_refine.pdbx_ls_sigma_I                          ? 
_refine.pdbx_ls_sigma_F                          0.00 
_refine.pdbx_data_cutoff_high_absF               ? 
_refine.pdbx_data_cutoff_low_absF                ? 
_refine.pdbx_data_cutoff_high_rms_absF           ? 
_refine.ls_d_res_low                             8.00 
_refine.ls_d_res_high                            1.09 
_refine.ls_percent_reflns_obs                    98.2 
_refine.ls_R_factor_obs                          0.1040000 
_refine.ls_R_factor_all                          0.1010000 
_refine.ls_R_factor_R_work                       ? 
_refine.ls_R_factor_R_free                       0.1340000 
_refine.ls_R_factor_R_free_error                 ? 
_refine.ls_R_factor_R_free_error_details         ? 
_refine.ls_percent_reflns_R_free                 20.0 
_refine.ls_number_reflns_R_free                  4397 
_refine.ls_number_parameters                     5660 
_refine.ls_number_restraints                     5406 
_refine.occupancy_min                            ? 
_refine.occupancy_max                            ? 
_refine.B_iso_mean                               ? 
_refine.aniso_B[1][1]                            ? 
_refine.aniso_B[2][2]                            ? 
_refine.aniso_B[3][3]                            ? 
_refine.aniso_B[1][2]                            ? 
_refine.aniso_B[1][3]                            ? 
_refine.aniso_B[2][3]                            ? 
_refine.solvent_model_details                    ? 
_refine.solvent_model_param_ksol                 ? 
_refine.solvent_model_param_bsol                 ? 
_refine.pdbx_ls_cross_valid_method               'FREE R' 
_refine.details                                  ? 
_refine.pdbx_starting_model                      ? 
_refine.pdbx_method_to_determine_struct          'MOLECULAR REPLACEMENT' 
_refine.pdbx_isotropic_thermal_model             ? 
_refine.pdbx_stereochemistry_target_values       'ENGH & HUBER, 1991.' 
_refine.pdbx_stereochem_target_val_spec_case     ? 
_refine.pdbx_R_Free_selection_details            0.20 
_refine.pdbx_overall_ESU_R                       ? 
_refine.pdbx_overall_ESU_R_Free                  ? 
_refine.overall_SU_ML                            ? 
_refine.overall_SU_B                             ? 
_refine.pdbx_refine_id                           'X-RAY DIFFRACTION' 
_refine.pdbx_diffrn_id                           1 
_refine.pdbx_TLS_residual_ADP_flag               ? 
_refine.correlation_coeff_Fo_to_Fc               ? 
_refine.correlation_coeff_Fo_to_Fc_free          ? 
_refine.pdbx_solvent_vdw_probe_radii             ? 
_refine.pdbx_solvent_ion_probe_radii             ? 
_refine.pdbx_solvent_shrinkage_radii             ? 
_refine.pdbx_overall_phase_error                 ? 
_refine.overall_SU_R_Cruickshank_DPI             ? 
_refine.pdbx_overall_SU_R_free_Cruickshank_DPI   ? 
_refine.pdbx_overall_SU_R_Blow_DPI               ? 
_refine.pdbx_overall_SU_R_free_Blow_DPI          ? 
# 
_refine_analyze.entry_id                        1NKD 
_refine_analyze.Luzzati_coordinate_error_obs    ? 
_refine_analyze.Luzzati_sigma_a_obs             ? 
_refine_analyze.Luzzati_d_res_low_obs           ? 
_refine_analyze.Luzzati_coordinate_error_free   ? 
_refine_analyze.Luzzati_sigma_a_free            ? 
_refine_analyze.Luzzati_d_res_low_free          ? 
_refine_analyze.number_disordered_residues      10 
_refine_analyze.occupancy_sum_hydrogen          1 
_refine_analyze.occupancy_sum_non_hydrogen      1 
_refine_analyze.pdbx_refine_id                  'X-RAY DIFFRACTION' 
# 
_refine_hist.pdbx_refine_id                   'X-RAY DIFFRACTION' 
_refine_hist.cycle_id                         LAST 
_refine_hist.pdbx_number_atoms_protein        468 
_refine_hist.pdbx_number_atoms_nucleic_acid   0 
_refine_hist.pdbx_number_atoms_ligand         0 
_refine_hist.number_atoms_solvent             114 
_refine_hist.number_atoms_total               582 
_refine_hist.d_res_high                       1.09 
_refine_hist.d_res_low                        8.00 
# 
loop_
_refine_ls_restr.type 
_refine_ls_restr.dev_ideal 
_refine_ls_restr.dev_ideal_target 
_refine_ls_restr.weight 
_refine_ls_restr.number 
_refine_ls_restr.pdbx_refine_id 
_refine_ls_restr.pdbx_restraint_function 
s_bond_d               0.063 ? ? ? 'X-RAY DIFFRACTION' ? 
s_angle_d              ?     ? ? ? 'X-RAY DIFFRACTION' ? 
s_similar_dist         0.014 ? ? ? 'X-RAY DIFFRACTION' ? 
s_from_restr_planes    0.031 ? ? ? 'X-RAY DIFFRACTION' ? 
s_zero_chiral_vol      ?     ? ? ? 'X-RAY DIFFRACTION' ? 
s_non_zero_chiral_vol  ?     ? ? ? 'X-RAY DIFFRACTION' ? 
s_anti_bump_dis_restr  0.1   ? ? ? 'X-RAY DIFFRACTION' ? 
s_rigid_bond_adp_cmpnt ?     ? ? ? 'X-RAY DIFFRACTION' ? 
s_similar_adp_cmpnt    ?     ? ? ? 'X-RAY DIFFRACTION' ? 
s_approx_iso_adps      ?     ? ? ? 'X-RAY DIFFRACTION' ? 
# 
_pdbx_refine.entry_id                                    1NKD 
_pdbx_refine.R_factor_all_no_cutoff                      0.1010000 
_pdbx_refine.R_factor_obs_no_cutoff                      0.1040000 
_pdbx_refine.free_R_factor_no_cutoff                     0.1340000 
_pdbx_refine.free_R_val_test_set_size_perc_no_cutoff     20.0 
_pdbx_refine.free_R_val_test_set_ct_no_cutoff            4397 
_pdbx_refine.R_factor_all_4sig_cutoff                    0.0980000 
_pdbx_refine.R_factor_obs_4sig_cutoff                    ? 
_pdbx_refine.free_R_factor_4sig_cutoff                   ? 
_pdbx_refine.free_R_val_test_set_size_perc_4sig_cutoff   ? 
_pdbx_refine.free_R_val_test_set_ct_4sig_cutoff          ? 
_pdbx_refine.number_reflns_obs_4sig_cutoff               19385 
_pdbx_refine.pdbx_refine_id                              'X-RAY DIFFRACTION' 
_pdbx_refine.free_R_error_no_cutoff                      ? 
# 
_struct.entry_id                  1NKD 
_struct.title                     'ATOMIC RESOLUTION (1.07 ANGSTROMS) STRUCTURE OF THE ROP MUTANT <2AA>' 
_struct.pdbx_model_details        ? 
_struct.pdbx_CASP_flag            ? 
_struct.pdbx_model_type_details   ? 
# 
_struct_keywords.entry_id        1NKD 
_struct_keywords.pdbx_keywords   'TRANSCRIPTION REGULATION' 
_struct_keywords.text            
'ROP (COLE1 REPRESSOR OF PRIMER), ATOMIC RESOLUTION STRUCTURE, 4-ALPHA-HELIX BUNDLE, TRANSCRIPTION REGULATION' 
# 
loop_
_struct_asym.id 
_struct_asym.pdbx_blank_PDB_chainid_flag 
_struct_asym.pdbx_modified 
_struct_asym.entity_id 
_struct_asym.details 
A N N 1 ? 
B N N 2 ? 
# 
_struct_ref.id                         1 
_struct_ref.db_name                    UNP 
_struct_ref.db_code                    ROP_ECOLI 
_struct_ref.entity_id                  1 
_struct_ref.pdbx_db_accession          P03051 
_struct_ref.pdbx_align_begin           1 
_struct_ref.pdbx_seq_one_letter_code   MTKQEKTALNMARFIRSQTLTLLEKLNELDADEQADICESLHDHADELYRSCLARFGDDGENL 
_struct_ref.pdbx_db_isoform            ? 
# 
_struct_ref_seq.align_id                      1 
_struct_ref_seq.ref_id                        1 
_struct_ref_seq.pdbx_PDB_id_code              1NKD 
_struct_ref_seq.pdbx_strand_id                A 
_struct_ref_seq.seq_align_beg                 1 
_struct_ref_seq.pdbx_seq_align_beg_ins_code   ? 
_struct_ref_seq.seq_align_end                 65 
_struct_ref_seq.pdbx_seq_align_end_ins_code   ? 
_struct_ref_seq.pdbx_db_accession             P03051 
_struct_ref_seq.db_align_beg                  1 
_struct_ref_seq.pdbx_db_align_beg_ins_code    ? 
_struct_ref_seq.db_align_end                  63 
_struct_ref_seq.pdbx_db_align_end_ins_code    ? 
_struct_ref_seq.pdbx_auth_seq_align_beg       1 
_struct_ref_seq.pdbx_auth_seq_align_end       65 
# 
loop_
_struct_ref_seq_dif.align_id 
_struct_ref_seq_dif.pdbx_pdb_id_code 
_struct_ref_seq_dif.mon_id 
_struct_ref_seq_dif.pdbx_pdb_strand_id 
_struct_ref_seq_dif.seq_num 
_struct_ref_seq_dif.pdbx_pdb_ins_code 
_struct_ref_seq_dif.pdbx_seq_db_name 
_struct_ref_seq_dif.pdbx_seq_db_accession_code 
_struct_ref_seq_dif.db_mon_id 
_struct_ref_seq_dif.pdbx_seq_db_seq_num 
_struct_ref_seq_dif.details 
_struct_ref_seq_dif.pdbx_auth_seq_num 
_struct_ref_seq_dif.pdbx_ordinal 
1 1NKD ALA A 30 ? UNP P03051 ? ? insertion 30 1 
1 1NKD ALA A 32 ? UNP P03051 ? ? insertion 32 2 
# 
_pdbx_struct_assembly.id                   1 
_pdbx_struct_assembly.details              author_and_software_defined_assembly 
_pdbx_struct_assembly.method_details       PISA,PQS 
_pdbx_struct_assembly.oligomeric_details   dimeric 
_pdbx_struct_assembly.oligomeric_count     2 
# 
loop_
_pdbx_struct_assembly_prop.biol_id 
_pdbx_struct_assembly_prop.type 
_pdbx_struct_assembly_prop.value 
_pdbx_struct_assembly_prop.details 
1 'ABSA (A^2)' 2760 ? 
1 MORE         -26  ? 
1 'SSA (A^2)'  6310 ? 
# 
_pdbx_struct_assembly_gen.assembly_id       1 
_pdbx_struct_assembly_gen.oper_expression   1,2 
_pdbx_struct_assembly_gen.asym_id_list      A,B 
# 
loop_
_pdbx_struct_oper_list.id 
_pdbx_struct_oper_list.type 
_pdbx_struct_oper_list.name 
_pdbx_struct_oper_list.symmetry_operation 
_pdbx_struct_oper_list.matrix[1][1] 
_pdbx_struct_oper_list.matrix[1][2] 
_pdbx_struct_oper_list.matrix[1][3] 
_pdbx_struct_oper_list.vector[1] 
_pdbx_struct_oper_list.matrix[2][1] 
_pdbx_struct_oper_list.matrix[2][2] 
_pdbx_struct_oper_list.matrix[2][3] 
_pdbx_struct_oper_list.vector[2] 
_pdbx_struct_oper_list.matrix[3][1] 
_pdbx_struct_oper_list.matrix[3][2] 
_pdbx_struct_oper_list.matrix[3][3] 
_pdbx_struct_oper_list.vector[3] 
1 'identity operation'         1_555 x,y,z       1.0000000000  0.0000000000 0.0000000000 0.0000000000 0.0000000000 1.0000000000  0.0000000000 0.0000000000  0.0000000000 0.0000000000 1.0000000000  0.0000000000  
2 'crystal symmetry operation' 2_656 -x+1,y,-z+1 -0.3982072599 0.5601632803 0.7263938859 7.9206597246 0.5601632803 -0.4785864307 0.6761450494 -2.1544011532 0.7263938859 0.6761450494 -0.1232063094 -4.9006182053 
# 
_struct_biol.id   1 
# 
loop_
_struct_conf.conf_type_id 
_struct_conf.id 
_struct_conf.pdbx_PDB_helix_id 
_struct_conf.beg_label_comp_id 
_struct_conf.beg_label_asym_id 
_struct_conf.beg_label_seq_id 
_struct_conf.pdbx_beg_PDB_ins_code 
_struct_conf.end_label_comp_id 
_struct_conf.end_label_asym_id 
_struct_conf.end_label_seq_id 
_struct_conf.pdbx_end_PDB_ins_code 
_struct_conf.beg_auth_comp_id 
_struct_conf.beg_auth_asym_id 
_struct_conf.beg_auth_seq_id 
_struct_conf.end_auth_comp_id 
_struct_conf.end_auth_asym_id 
_struct_conf.end_auth_seq_id 
_struct_conf.pdbx_PDB_helix_class 
_struct_conf.details 
_struct_conf.pdbx_PDB_helix_length 
HELX_P HELX_P1 H1 THR A 2  ? LEU A 29 ? THR A 2  LEU A 29 1 ? 28 
HELX_P HELX_P2 H2 ASP A 34 ? PHE A 58 ? ASP A 34 PHE A 58 1 ? 25 
# 
_struct_conf_type.id          HELX_P 
_struct_conf_type.criteria    ? 
_struct_conf_type.reference   ? 
# 
_pdbx_validate_close_contact.id               1 
_pdbx_validate_close_contact.PDB_model_num    1 
_pdbx_validate_close_contact.auth_atom_id_1   OE1 
_pdbx_validate_close_contact.auth_asym_id_1   A 
_pdbx_validate_close_contact.auth_comp_id_1   GLN 
_pdbx_validate_close_contact.auth_seq_id_1    4 
_pdbx_validate_close_contact.PDB_ins_code_1   ? 
_pdbx_validate_close_contact.label_alt_id_1   ? 
_pdbx_validate_close_contact.auth_atom_id_2   O 
_pdbx_validate_close_contact.auth_asym_id_2   A 
_pdbx_validate_close_contact.auth_comp_id_2   HOH 
_pdbx_validate_close_contact.auth_seq_id_2    143 
_pdbx_validate_close_contact.PDB_ins_code_2   ? 
_pdbx_validate_close_contact.label_alt_id_2   ? 
_pdbx_validate_close_contact.dist             2.11 
# 
loop_
_pdbx_validate_rmsd_bond.id 
_pdbx_validate_rmsd_bond.PDB_model_num 
_pdbx_validate_rmsd_bond.auth_atom_id_1 
_pdbx_validate_rmsd_bond.auth_asym_id_1 
_pdbx_validate_rmsd_bond.auth_comp_id_1 
_pdbx_validate_rmsd_bond.auth_seq_id_1 
_pdbx_validate_rmsd_bond.PDB_ins_code_1 
_pdbx_validate_rmsd_bond.label_alt_id_1 
_pdbx_validate_rmsd_bond.auth_atom_id_2 
_pdbx_validate_rmsd_bond.auth_asym_id_2 
_pdbx_validate_rmsd_bond.auth_comp_id_2 
_pdbx_validate_rmsd_bond.auth_seq_id_2 
_pdbx_validate_rmsd_bond.PDB_ins_code_2 
_pdbx_validate_rmsd_bond.label_alt_id_2 
_pdbx_validate_rmsd_bond.bond_value 
_pdbx_validate_rmsd_bond.bond_target_value 
_pdbx_validate_rmsd_bond.bond_deviation 
_pdbx_validate_rmsd_bond.bond_standard_deviation 
_pdbx_validate_rmsd_bond.linker_flag 
1  1 CA  A MET 1  ? ? CB  A MET 1  ? ? 1.364 1.535 -0.171 0.022 N 
2  1 CB  A MET 1  ? ? CG  A MET 1  ? ? 1.299 1.509 -0.210 0.032 N 
3  1 CE  A LYS 3  ? A NZ  A LYS 3  ? A 1.707 1.486 0.221  0.025 N 
4  1 CE  A LYS 3  ? B NZ  A LYS 3  ? B 1.705 1.486 0.219  0.025 N 
5  1 CE  A LYS 3  ? C NZ  A LYS 3  ? C 1.706 1.486 0.220  0.025 N 
6  1 CD  A GLN 4  ? ? OE1 A GLN 4  ? ? 1.048 1.235 -0.187 0.022 N 
7  1 CD  A GLN 4  ? ? NE2 A GLN 4  ? ? 1.771 1.324 0.447  0.025 N 
8  1 CD  A LYS 6  ? A CE  A LYS 6  ? A 1.179 1.508 -0.329 0.025 N 
9  1 CD  A LYS 6  ? B CE  A LYS 6  ? B 1.178 1.508 -0.330 0.025 N 
10 1 CZ  A ARG 13 ? ? NH2 A ARG 13 ? ? 1.524 1.326 0.198  0.013 N 
11 1 CD  A ARG 16 ? ? NE  A ARG 16 ? ? 1.325 1.460 -0.135 0.017 N 
12 1 CB  A SER 17 ? A OG  A SER 17 ? A 1.337 1.418 -0.081 0.013 N 
13 1 CB  A SER 17 ? B OG  A SER 17 ? B 1.337 1.418 -0.081 0.013 N 
14 1 CB  A SER 17 ? C OG  A SER 17 ? C 1.338 1.418 -0.080 0.013 N 
15 1 CD  A GLN 18 ? ? NE2 A GLN 18 ? ? 1.100 1.324 -0.224 0.025 N 
16 1 CB  A GLU 28 ? A CG  A GLU 28 ? A 1.376 1.517 -0.141 0.019 N 
17 1 CB  A GLU 28 ? B CG  A GLU 28 ? B 1.379 1.517 -0.138 0.019 N 
18 1 CB  A ASP 31 ? A CG  A ASP 31 ? A 1.369 1.513 -0.144 0.021 N 
19 1 CB  A ASP 31 ? B CG  A ASP 31 ? B 1.370 1.513 -0.143 0.021 N 
20 1 CG  A GLU 41 ? A CD  A GLU 41 ? A 1.222 1.515 -0.293 0.015 N 
21 1 CG  A GLU 41 ? B CD  A GLU 41 ? B 1.225 1.515 -0.290 0.015 N 
22 1 CD  A GLU 41 ? A OE1 A GLU 41 ? A 1.379 1.252 0.127  0.011 N 
23 1 CD  A GLU 41 ? B OE1 A GLU 41 ? B 1.380 1.252 0.128  0.011 N 
24 1 CD  A GLU 41 ? A OE2 A GLU 41 ? A 1.155 1.252 -0.097 0.011 N 
25 1 CD  A GLU 41 ? B OE2 A GLU 41 ? B 1.156 1.252 -0.096 0.011 N 
26 1 CE1 A HIS 44 ? ? NE2 A HIS 44 ? ? 1.197 1.317 -0.120 0.011 N 
27 1 NE2 A HIS 44 ? ? CD2 A HIS 44 ? ? 1.232 1.373 -0.141 0.011 N 
28 1 CG  A HIS 46 ? A CD2 A HIS 46 ? A 1.561 1.354 0.207  0.009 N 
29 1 NE2 A HIS 46 ? A CD2 A HIS 46 ? A 1.235 1.373 -0.138 0.011 N 
30 1 CG  A GLU 49 ? A CD  A GLU 49 ? A 1.397 1.515 -0.118 0.015 N 
31 1 CG  A GLU 49 ? B CD  A GLU 49 ? B 1.397 1.515 -0.118 0.015 N 
32 1 CD  A GLU 49 ? A OE1 A GLU 49 ? A 1.641 1.252 0.389  0.011 N 
33 1 CD  A GLU 49 ? B OE2 A GLU 49 ? B 1.639 1.252 0.387  0.011 N 
34 1 CE1 A TYR 51 ? ? CZ  A TYR 51 ? ? 1.286 1.381 -0.095 0.013 N 
35 1 CZ  A TYR 51 ? ? CE2 A TYR 51 ? ? 1.463 1.381 0.082  0.013 N 
36 1 CD  A ARG 52 ? ? NE  A ARG 52 ? ? 1.319 1.460 -0.141 0.017 N 
37 1 CZ  A ARG 52 ? ? NH1 A ARG 52 ? ? 1.652 1.326 0.326  0.013 N 
38 1 CD  A ARG 57 ? ? NE  A ARG 57 ? ? 1.637 1.460 0.177  0.017 N 
39 1 CA  A GLY 59 ? ? C   A GLY 59 ? ? 1.708 1.514 0.194  0.016 N 
40 1 C   A GLY 59 ? ? O   A GLY 59 ? ? 1.481 1.232 0.249  0.016 N 
# 
loop_
_pdbx_validate_rmsd_angle.id 
_pdbx_validate_rmsd_angle.PDB_model_num 
_pdbx_validate_rmsd_angle.auth_atom_id_1 
_pdbx_validate_rmsd_angle.auth_asym_id_1 
_pdbx_validate_rmsd_angle.auth_comp_id_1 
_pdbx_validate_rmsd_angle.auth_seq_id_1 
_pdbx_validate_rmsd_angle.PDB_ins_code_1 
_pdbx_validate_rmsd_angle.label_alt_id_1 
_pdbx_validate_rmsd_angle.auth_atom_id_2 
_pdbx_validate_rmsd_angle.auth_asym_id_2 
_pdbx_validate_rmsd_angle.auth_comp_id_2 
_pdbx_validate_rmsd_angle.auth_seq_id_2 
_pdbx_validate_rmsd_angle.PDB_ins_code_2 
_pdbx_validate_rmsd_angle.label_alt_id_2 
_pdbx_validate_rmsd_angle.auth_atom_id_3 
_pdbx_validate_rmsd_angle.auth_asym_id_3 
_pdbx_validate_rmsd_angle.auth_comp_id_3 
_pdbx_validate_rmsd_angle.auth_seq_id_3 
_pdbx_validate_rmsd_angle.PDB_ins_code_3 
_pdbx_validate_rmsd_angle.label_alt_id_3 
_pdbx_validate_rmsd_angle.angle_value 
_pdbx_validate_rmsd_angle.angle_target_value 
_pdbx_validate_rmsd_angle.angle_deviation 
_pdbx_validate_rmsd_angle.angle_standard_deviation 
_pdbx_validate_rmsd_angle.linker_flag 
1  1 CA  A MET 1  ? ? CB  A MET 1  ? ? CG  A MET 1  ? ? 128.39 113.30 15.09  1.70 N 
2  1 CA  A LYS 3  ? ? CB  A LYS 3  ? ? CG  A LYS 3  ? C 128.16 113.40 14.76  2.20 N 
3  1 CD  A LYS 3  ? A CE  A LYS 3  ? A NZ  A LYS 3  ? A 96.42  111.70 -15.28 2.30 N 
4  1 CD  A LYS 3  ? B CE  A LYS 3  ? B NZ  A LYS 3  ? B 96.61  111.70 -15.09 2.30 N 
5  1 CD  A LYS 3  ? C CE  A LYS 3  ? C NZ  A LYS 3  ? C 96.49  111.70 -15.21 2.30 N 
6  1 CG  A LYS 6  ? A CD  A LYS 6  ? A CE  A LYS 6  ? A 137.06 111.90 25.16  3.00 N 
7  1 CG  A LYS 6  ? B CD  A LYS 6  ? B CE  A LYS 6  ? B 138.27 111.90 26.37  3.00 N 
8  1 CD  A LYS 6  ? A CE  A LYS 6  ? A NZ  A LYS 6  ? A 137.68 111.70 25.98  2.30 N 
9  1 CD  A LYS 6  ? B CE  A LYS 6  ? B NZ  A LYS 6  ? B 136.76 111.70 25.06  2.30 N 
10 1 CA  A MET 11 ? ? CB  A MET 11 ? B CG  A MET 11 ? B 127.26 113.30 13.96  1.70 N 
11 1 NE  A ARG 13 ? ? CZ  A ARG 13 ? ? NH1 A ARG 13 ? ? 124.84 120.30 4.54   0.50 N 
12 1 NE  A ARG 13 ? ? CZ  A ARG 13 ? ? NH2 A ARG 13 ? ? 109.54 120.30 -10.76 0.50 N 
13 1 N   A SER 17 ? ? CA  A SER 17 ? ? CB  A SER 17 ? B 100.37 110.50 -10.13 1.50 N 
14 1 CA  A ASP 31 ? ? CB  A ASP 31 ? B CG  A ASP 31 ? B 126.91 113.40 13.51  2.20 N 
15 1 CB  A ASP 31 ? A CG  A ASP 31 ? A OD1 A ASP 31 ? A 110.05 118.30 -8.25  0.90 N 
16 1 CB  A ASP 31 ? B CG  A ASP 31 ? B OD1 A ASP 31 ? B 110.07 118.30 -8.23  0.90 N 
17 1 CB  A ASP 31 ? A CG  A ASP 31 ? A OD2 A ASP 31 ? A 124.41 118.30 6.11   0.90 N 
18 1 CB  A ASP 31 ? B CG  A ASP 31 ? B OD2 A ASP 31 ? B 124.48 118.30 6.18   0.90 N 
19 1 CB  A GLU 41 ? ? CG  A GLU 41 ? A CD  A GLU 41 ? A 141.95 114.20 27.75  2.70 N 
20 1 OE1 A GLU 41 ? A CD  A GLU 41 ? A OE2 A GLU 41 ? A 105.76 123.30 -17.54 1.20 N 
21 1 OE1 A GLU 41 ? B CD  A GLU 41 ? B OE2 A GLU 41 ? B 105.66 123.30 -17.64 1.20 N 
22 1 CG  A GLU 41 ? A CD  A GLU 41 ? A OE2 A GLU 41 ? A 142.55 118.30 24.25  2.00 N 
23 1 CG  A GLU 41 ? B CD  A GLU 41 ? B OE2 A GLU 41 ? B 141.71 118.30 23.41  2.00 N 
24 1 CE1 A HIS 44 ? ? NE2 A HIS 44 ? ? CD2 A HIS 44 ? ? 119.25 109.00 10.25  0.70 N 
25 1 OD1 A ASP 45 ? ? CG  A ASP 45 ? ? OD2 A ASP 45 ? ? 108.17 123.30 -15.13 1.90 N 
26 1 CB  A ASP 45 ? ? CG  A ASP 45 ? ? OD1 A ASP 45 ? ? 124.75 118.30 6.45   0.90 N 
27 1 CB  A ASP 45 ? ? CG  A ASP 45 ? ? OD2 A ASP 45 ? ? 127.06 118.30 8.76   0.90 N 
28 1 N   A HIS 46 ? ? CA  A HIS 46 ? ? CB  A HIS 46 ? A 98.60  110.60 -12.00 1.80 N 
29 1 CB  A HIS 46 ? A CG  A HIS 46 ? A CD2 A HIS 46 ? A 115.24 129.70 -14.46 1.60 N 
30 1 CE1 A HIS 46 ? A NE2 A HIS 46 ? A CD2 A HIS 46 ? A 115.53 109.00 6.53   0.70 N 
31 1 OE1 A GLU 49 ? A CD  A GLU 49 ? A OE2 A GLU 49 ? A 115.14 123.30 -8.16  1.20 N 
32 1 OE1 A GLU 49 ? B CD  A GLU 49 ? B OE2 A GLU 49 ? B 115.25 123.30 -8.05  1.20 N 
33 1 NH1 A ARG 52 ? ? CZ  A ARG 52 ? ? NH2 A ARG 52 ? ? 100.75 119.40 -18.65 1.10 N 
34 1 NE  A ARG 52 ? ? CZ  A ARG 52 ? ? NH2 A ARG 52 ? ? 128.38 120.30 8.08   0.50 N 
35 1 CA  A ARG 57 ? ? CB  A ARG 57 ? ? CG  A ARG 57 ? ? 97.12  113.40 -16.28 2.20 N 
36 1 NE  A ARG 57 ? ? CZ  A ARG 57 ? ? NH1 A ARG 57 ? ? 123.77 120.30 3.47   0.50 N 
37 1 N   A GLY 59 ? ? CA  A GLY 59 ? ? C   A GLY 59 ? ? 96.41  113.10 -16.69 2.50 N 
# 
_pdbx_validate_torsion.id              1 
_pdbx_validate_torsion.PDB_model_num   1 
_pdbx_validate_torsion.auth_comp_id    ALA 
_pdbx_validate_torsion.auth_asym_id    A 
_pdbx_validate_torsion.auth_seq_id     30 
_pdbx_validate_torsion.PDB_ins_code    ? 
_pdbx_validate_torsion.label_alt_id    ? 
_pdbx_validate_torsion.phi             57.99 
_pdbx_validate_torsion.psi             -135.27 
# 
loop_
_pdbx_validate_planes.id 
_pdbx_validate_planes.PDB_model_num 
_pdbx_validate_planes.auth_comp_id 
_pdbx_validate_planes.auth_asym_id 
_pdbx_validate_planes.auth_seq_id 
_pdbx_validate_planes.PDB_ins_code 
_pdbx_validate_planes.label_alt_id 
_pdbx_validate_planes.rmsd 
_pdbx_validate_planes.type 
1 1 GLU A 28 ? ? 0.096 'SIDE CHAIN' 
2 1 GLU A 41 ? ? 0.072 'SIDE CHAIN' 
3 1 HIS A 46 ? ? 0.067 'SIDE CHAIN' 
4 1 GLU A 49 ? ? 0.086 'SIDE CHAIN' 
5 1 ARG A 52 ? ? 0.138 'SIDE CHAIN' 
# 
_pdbx_struct_special_symmetry.id              1 
_pdbx_struct_special_symmetry.PDB_model_num   1 
_pdbx_struct_special_symmetry.auth_asym_id    A 
_pdbx_struct_special_symmetry.auth_comp_id    HOH 
_pdbx_struct_special_symmetry.auth_seq_id     138 
_pdbx_struct_special_symmetry.PDB_ins_code    ? 
_pdbx_struct_special_symmetry.label_asym_id   B 
_pdbx_struct_special_symmetry.label_comp_id   HOH 
_pdbx_struct_special_symmetry.label_seq_id    . 
# 
loop_
_pdbx_unobs_or_zero_occ_residues.id 
_pdbx_unobs_or_zero_occ_residues.PDB_model_num 
_pdbx_unobs_or_zero_occ_residues.polymer_flag 
_pdbx_unobs_or_zero_occ_residues.occupancy_flag 
_pdbx_unobs_or_zero_occ_residues.auth_asym_id 
_pdbx_unobs_or_zero_occ_residues.auth_comp_id 
_pdbx_unobs_or_zero_occ_residues.auth_seq_id 
_pdbx_unobs_or_zero_occ_residues.PDB_ins_code 
_pdbx_unobs_or_zero_occ_residues.label_asym_id 
_pdbx_unobs_or_zero_occ_residues.label_comp_id 
_pdbx_unobs_or_zero_occ_residues.label_seq_id 
1 1 Y 1 A ASP 60 ? A ASP 60 
2 1 Y 1 A ASP 61 ? A ASP 61 
3 1 Y 1 A GLY 62 ? A GLY 62 
4 1 Y 1 A GLU 63 ? A GLU 63 
5 1 Y 1 A ASN 64 ? A ASN 64 
6 1 Y 1 A LEU 65 ? A LEU 65 
# 
loop_
_chem_comp_atom.comp_id 
_chem_comp_atom.atom_id 
_chem_comp_atom.type_symbol 
_chem_comp_atom.pdbx_aromatic_flag 
_chem_comp_atom.pdbx_stereo_config 
_chem_comp_atom.pdbx_ordinal 
ALA N    N N N 1   
ALA CA   C N S 2   
ALA C    C N N 3   
ALA O    O N N 4   
ALA CB   C N N 5   
ALA OXT  O N N 6   
ALA H    H N N 7   
ALA H2   H N N 8   
ALA HA   H N N 9   
ALA HB1  H N N 10  
ALA HB2  H N N 11  
ALA HB3  H N N 12  
ALA HXT  H N N 13  
ARG N    N N N 14  
ARG CA   C N S 15  
ARG C    C N N 16  
ARG O    O N N 17  
ARG CB   C N N 18  
ARG CG   C N N 19  
ARG CD   C N N 20  
ARG NE   N N N 21  
ARG CZ   C N N 22  
ARG NH1  N N N 23  
ARG NH2  N N N 24  
ARG OXT  O N N 25  
ARG H    H N N 26  
ARG H2   H N N 27  
ARG HA   H N N 28  
ARG HB2  H N N 29  
ARG HB3  H N N 30  
ARG HG2  H N N 31  
ARG HG3  H N N 32  
ARG HD2  H N N 33  
ARG HD3  H N N 34  
ARG HE   H N N 35  
ARG HH11 H N N 36  
ARG HH12 H N N 37  
ARG HH21 H N N 38  
ARG HH22 H N N 39  
ARG HXT  H N N 40  
ASN N    N N N 41  
ASN CA   C N S 42  
ASN C    C N N 43  
ASN O    O N N 44  
ASN CB   C N N 45  
ASN CG   C N N 46  
ASN OD1  O N N 47  
ASN ND2  N N N 48  
ASN OXT  O N N 49  
ASN H    H N N 50  
ASN H2   H N N 51  
ASN HA   H N N 52  
ASN HB2  H N N 53  
ASN HB3  H N N 54  
ASN HD21 H N N 55  
ASN HD22 H N N 56  
ASN HXT  H N N 57  
ASP N    N N N 58  
ASP CA   C N S 59  
ASP C    C N N 60  
ASP O    O N N 61  
ASP CB   C N N 62  
ASP CG   C N N 63  
ASP OD1  O N N 64  
ASP OD2  O N N 65  
ASP OXT  O N N 66  
ASP H    H N N 67  
ASP H2   H N N 68  
ASP HA   H N N 69  
ASP HB2  H N N 70  
ASP HB3  H N N 71  
ASP HD2  H N N 72  
ASP HXT  H N N 73  
CYS N    N N N 74  
CYS CA   C N R 75  
CYS C    C N N 76  
CYS O    O N N 77  
CYS CB   C N N 78  
CYS SG   S N N 79  
CYS OXT  O N N 80  
CYS H    H N N 81  
CYS H2   H N N 82  
CYS HA   H N N 83  
CYS HB2  H N N 84  
CYS HB3  H N N 85  
CYS HG   H N N 86  
CYS HXT  H N N 87  
GLN N    N N N 88  
GLN CA   C N S 89  
GLN C    C N N 90  
GLN O    O N N 91  
GLN CB   C N N 92  
GLN CG   C N N 93  
GLN CD   C N N 94  
GLN OE1  O N N 95  
GLN NE2  N N N 96  
GLN OXT  O N N 97  
GLN H    H N N 98  
GLN H2   H N N 99  
GLN HA   H N N 100 
GLN HB2  H N N 101 
GLN HB3  H N N 102 
GLN HG2  H N N 103 
GLN HG3  H N N 104 
GLN HE21 H N N 105 
GLN HE22 H N N 106 
GLN HXT  H N N 107 
GLU N    N N N 108 
GLU CA   C N S 109 
GLU C    C N N 110 
GLU O    O N N 111 
GLU CB   C N N 112 
GLU CG   C N N 113 
GLU CD   C N N 114 
GLU OE1  O N N 115 
GLU OE2  O N N 116 
GLU OXT  O N N 117 
GLU H    H N N 118 
GLU H2   H N N 119 
GLU HA   H N N 120 
GLU HB2  H N N 121 
GLU HB3  H N N 122 
GLU HG2  H N N 123 
GLU HG3  H N N 124 
GLU HE2  H N N 125 
GLU HXT  H N N 126 
GLY N    N N N 127 
GLY CA   C N N 128 
GLY C    C N N 129 
GLY O    O N N 130 
GLY OXT  O N N 131 
GLY H    H N N 132 
GLY H2   H N N 133 
GLY HA2  H N N 134 
GLY HA3  H N N 135 
GLY HXT  H N N 136 
HIS N    N N N 137 
HIS CA   C N S 138 
HIS C    C N N 139 
HIS O    O N N 140 
HIS CB   C N N 141 
HIS CG   C Y N 142 
HIS ND1  N Y N 143 
HIS CD2  C Y N 144 
HIS CE1  C Y N 145 
HIS NE2  N Y N 146 
HIS OXT  O N N 147 
HIS H    H N N 148 
HIS H2   H N N 149 
HIS HA   H N N 150 
HIS HB2  H N N 151 
HIS HB3  H N N 152 
HIS HD1  H N N 153 
HIS HD2  H N N 154 
HIS HE1  H N N 155 
HIS HE2  H N N 156 
HIS HXT  H N N 157 
HOH O    O N N 158 
HOH H1   H N N 159 
HOH H2   H N N 160 
ILE N    N N N 161 
ILE CA   C N S 162 
ILE C    C N N 163 
ILE O    O N N 164 
ILE CB   C N S 165 
ILE CG1  C N N 166 
ILE CG2  C N N 167 
ILE CD1  C N N 168 
ILE OXT  O N N 169 
ILE H    H N N 170 
ILE H2   H N N 171 
ILE HA   H N N 172 
ILE HB   H N N 173 
ILE HG12 H N N 174 
ILE HG13 H N N 175 
ILE HG21 H N N 176 
ILE HG22 H N N 177 
ILE HG23 H N N 178 
ILE HD11 H N N 179 
ILE HD12 H N N 180 
ILE HD13 H N N 181 
ILE HXT  H N N 182 
LEU N    N N N 183 
LEU CA   C N S 184 
LEU C    C N N 185 
LEU O    O N N 186 
LEU CB   C N N 187 
LEU CG   C N N 188 
LEU CD1  C N N 189 
LEU CD2  C N N 190 
LEU OXT  O N N 191 
LEU H    H N N 192 
LEU H2   H N N 193 
LEU HA   H N N 194 
LEU HB2  H N N 195 
LEU HB3  H N N 196 
LEU HG   H N N 197 
LEU HD11 H N N 198 
LEU HD12 H N N 199 
LEU HD13 H N N 200 
LEU HD21 H N N 201 
LEU HD22 H N N 202 
LEU HD23 H N N 203 
LEU HXT  H N N 204 
LYS N    N N N 205 
LYS CA   C N S 206 
LYS C    C N N 207 
LYS O    O N N 208 
LYS CB   C N N 209 
LYS CG   C N N 210 
LYS CD   C N N 211 
LYS CE   C N N 212 
LYS NZ   N N N 213 
LYS OXT  O N N 214 
LYS H    H N N 215 
LYS H2   H N N 216 
LYS HA   H N N 217 
LYS HB2  H N N 218 
LYS HB3  H N N 219 
LYS HG2  H N N 220 
LYS HG3  H N N 221 
LYS HD2  H N N 222 
LYS HD3  H N N 223 
LYS HE2  H N N 224 
LYS HE3  H N N 225 
LYS HZ1  H N N 226 
LYS HZ2  H N N 227 
LYS HZ3  H N N 228 
LYS HXT  H N N 229 
MET N    N N N 230 
MET CA   C N S 231 
MET C    C N N 232 
MET O    O N N 233 
MET CB   C N N 234 
MET CG   C N N 235 
MET SD   S N N 236 
MET CE   C N N 237 
MET OXT  O N N 238 
MET H    H N N 239 
MET H2   H N N 240 
MET HA   H N N 241 
MET HB2  H N N 242 
MET HB3  H N N 243 
MET HG2  H N N 244 
MET HG3  H N N 245 
MET HE1  H N N 246 
MET HE2  H N N 247 
MET HE3  H N N 248 
MET HXT  H N N 249 
PHE N    N N N 250 
PHE CA   C N S 251 
PHE C    C N N 252 
PHE O    O N N 253 
PHE CB   C N N 254 
PHE CG   C Y N 255 
PHE CD1  C Y N 256 
PHE CD2  C Y N 257 
PHE CE1  C Y N 258 
PHE CE2  C Y N 259 
PHE CZ   C Y N 260 
PHE OXT  O N N 261 
PHE H    H N N 262 
PHE H2   H N N 263 
PHE HA   H N N 264 
PHE HB2  H N N 265 
PHE HB3  H N N 266 
PHE HD1  H N N 267 
PHE HD2  H N N 268 
PHE HE1  H N N 269 
PHE HE2  H N N 270 
PHE HZ   H N N 271 
PHE HXT  H N N 272 
SER N    N N N 273 
SER CA   C N S 274 
SER C    C N N 275 
SER O    O N N 276 
SER CB   C N N 277 
SER OG   O N N 278 
SER OXT  O N N 279 
SER H    H N N 280 
SER H2   H N N 281 
SER HA   H N N 282 
SER HB2  H N N 283 
SER HB3  H N N 284 
SER HG   H N N 285 
SER HXT  H N N 286 
THR N    N N N 287 
THR CA   C N S 288 
THR C    C N N 289 
THR O    O N N 290 
THR CB   C N R 291 
THR OG1  O N N 292 
THR CG2  C N N 293 
THR OXT  O N N 294 
THR H    H N N 295 
THR H2   H N N 296 
THR HA   H N N 297 
THR HB   H N N 298 
THR HG1  H N N 299 
THR HG21 H N N 300 
THR HG22 H N N 301 
THR HG23 H N N 302 
THR HXT  H N N 303 
TYR N    N N N 304 
TYR CA   C N S 305 
TYR C    C N N 306 
TYR O    O N N 307 
TYR CB   C N N 308 
TYR CG   C Y N 309 
TYR CD1  C Y N 310 
TYR CD2  C Y N 311 
TYR CE1  C Y N 312 
TYR CE2  C Y N 313 
TYR CZ   C Y N 314 
TYR OH   O N N 315 
TYR OXT  O N N 316 
TYR H    H N N 317 
TYR H2   H N N 318 
TYR HA   H N N 319 
TYR HB2  H N N 320 
TYR HB3  H N N 321 
TYR HD1  H N N 322 
TYR HD2  H N N 323 
TYR HE1  H N N 324 
TYR HE2  H N N 325 
TYR HH   H N N 326 
TYR HXT  H N N 327 
# 
loop_
_chem_comp_bond.comp_id 
_chem_comp_bond.atom_id_1 
_chem_comp_bond.atom_id_2 
_chem_comp_bond.value_order 
_chem_comp_bond.pdbx_aromatic_flag 
_chem_comp_bond.pdbx_stereo_config 
_chem_comp_bond.pdbx_ordinal 
ALA N   CA   sing N N 1   
ALA N   H    sing N N 2   
ALA N   H2   sing N N 3   
ALA CA  C    sing N N 4   
ALA CA  CB   sing N N 5   
ALA CA  HA   sing N N 6   
ALA C   O    doub N N 7   
ALA C   OXT  sing N N 8   
ALA CB  HB1  sing N N 9   
ALA CB  HB2  sing N N 10  
ALA CB  HB3  sing N N 11  
ALA OXT HXT  sing N N 12  
ARG N   CA   sing N N 13  
ARG N   H    sing N N 14  
ARG N   H2   sing N N 15  
ARG CA  C    sing N N 16  
ARG CA  CB   sing N N 17  
ARG CA  HA   sing N N 18  
ARG C   O    doub N N 19  
ARG C   OXT  sing N N 20  
ARG CB  CG   sing N N 21  
ARG CB  HB2  sing N N 22  
ARG CB  HB3  sing N N 23  
ARG CG  CD   sing N N 24  
ARG CG  HG2  sing N N 25  
ARG CG  HG3  sing N N 26  
ARG CD  NE   sing N N 27  
ARG CD  HD2  sing N N 28  
ARG CD  HD3  sing N N 29  
ARG NE  CZ   sing N N 30  
ARG NE  HE   sing N N 31  
ARG CZ  NH1  sing N N 32  
ARG CZ  NH2  doub N N 33  
ARG NH1 HH11 sing N N 34  
ARG NH1 HH12 sing N N 35  
ARG NH2 HH21 sing N N 36  
ARG NH2 HH22 sing N N 37  
ARG OXT HXT  sing N N 38  
ASN N   CA   sing N N 39  
ASN N   H    sing N N 40  
ASN N   H2   sing N N 41  
ASN CA  C    sing N N 42  
ASN CA  CB   sing N N 43  
ASN CA  HA   sing N N 44  
ASN C   O    doub N N 45  
ASN C   OXT  sing N N 46  
ASN CB  CG   sing N N 47  
ASN CB  HB2  sing N N 48  
ASN CB  HB3  sing N N 49  
ASN CG  OD1  doub N N 50  
ASN CG  ND2  sing N N 51  
ASN ND2 HD21 sing N N 52  
ASN ND2 HD22 sing N N 53  
ASN OXT HXT  sing N N 54  
ASP N   CA   sing N N 55  
ASP N   H    sing N N 56  
ASP N   H2   sing N N 57  
ASP CA  C    sing N N 58  
ASP CA  CB   sing N N 59  
ASP CA  HA   sing N N 60  
ASP C   O    doub N N 61  
ASP C   OXT  sing N N 62  
ASP CB  CG   sing N N 63  
ASP CB  HB2  sing N N 64  
ASP CB  HB3  sing N N 65  
ASP CG  OD1  doub N N 66  
ASP CG  OD2  sing N N 67  
ASP OD2 HD2  sing N N 68  
ASP OXT HXT  sing N N 69  
CYS N   CA   sing N N 70  
CYS N   H    sing N N 71  
CYS N   H2   sing N N 72  
CYS CA  C    sing N N 73  
CYS CA  CB   sing N N 74  
CYS CA  HA   sing N N 75  
CYS C   O    doub N N 76  
CYS C   OXT  sing N N 77  
CYS CB  SG   sing N N 78  
CYS CB  HB2  sing N N 79  
CYS CB  HB3  sing N N 80  
CYS SG  HG   sing N N 81  
CYS OXT HXT  sing N N 82  
GLN N   CA   sing N N 83  
GLN N   H    sing N N 84  
GLN N   H2   sing N N 85  
GLN CA  C    sing N N 86  
GLN CA  CB   sing N N 87  
GLN CA  HA   sing N N 88  
GLN C   O    doub N N 89  
GLN C   OXT  sing N N 90  
GLN CB  CG   sing N N 91  
GLN CB  HB2  sing N N 92  
GLN CB  HB3  sing N N 93  
GLN CG  CD   sing N N 94  
GLN CG  HG2  sing N N 95  
GLN CG  HG3  sing N N 96  
GLN CD  OE1  doub N N 97  
GLN CD  NE2  sing N N 98  
GLN NE2 HE21 sing N N 99  
GLN NE2 HE22 sing N N 100 
GLN OXT HXT  sing N N 101 
GLU N   CA   sing N N 102 
GLU N   H    sing N N 103 
GLU N   H2   sing N N 104 
GLU CA  C    sing N N 105 
GLU CA  CB   sing N N 106 
GLU CA  HA   sing N N 107 
GLU C   O    doub N N 108 
GLU C   OXT  sing N N 109 
GLU CB  CG   sing N N 110 
GLU CB  HB2  sing N N 111 
GLU CB  HB3  sing N N 112 
GLU CG  CD   sing N N 113 
GLU CG  HG2  sing N N 114 
GLU CG  HG3  sing N N 115 
GLU CD  OE1  doub N N 116 
GLU CD  OE2  sing N N 117 
GLU OE2 HE2  sing N N 118 
GLU OXT HXT  sing N N 119 
GLY N   CA   sing N N 120 
GLY N   H    sing N N 121 
GLY N   H2   sing N N 122 
GLY CA  C    sing N N 123 
GLY CA  HA2  sing N N 124 
GLY CA  HA3  sing N N 125 
GLY C   O    doub N N 126 
GLY C   OXT  sing N N 127 
GLY OXT HXT  sing N N 128 
HIS N   CA   sing N N 129 
HIS N   H    sing N N 130 
HIS N   H2   sing N N 131 
HIS CA  C    sing N N 132 
HIS CA  CB   sing N N 133 
HIS CA  HA   sing N N 134 
HIS C   O    doub N N 135 
HIS C   OXT  sing N N 136 
HIS CB  CG   sing N N 137 
HIS CB  HB2  sing N N 138 
HIS CB  HB3  sing N N 139 
HIS CG  ND1  sing Y N 140 
HIS CG  CD2  doub Y N 141 
HIS ND1 CE1  doub Y N 142 
HIS ND1 HD1  sing N N 143 
HIS CD2 NE2  sing Y N 144 
HIS CD2 HD2  sing N N 145 
HIS CE1 NE2  sing Y N 146 
HIS CE1 HE1  sing N N 147 
HIS NE2 HE2  sing N N 148 
HIS OXT HXT  sing N N 149 
HOH O   H1   sing N N 150 
HOH O   H2   sing N N 151 
ILE N   CA   sing N N 152 
ILE N   H    sing N N 153 
ILE N   H2   sing N N 154 
ILE CA  C    sing N N 155 
ILE CA  CB   sing N N 156 
ILE CA  HA   sing N N 157 
ILE C   O    doub N N 158 
ILE C   OXT  sing N N 159 
ILE CB  CG1  sing N N 160 
ILE CB  CG2  sing N N 161 
ILE CB  HB   sing N N 162 
ILE CG1 CD1  sing N N 163 
ILE CG1 HG12 sing N N 164 
ILE CG1 HG13 sing N N 165 
ILE CG2 HG21 sing N N 166 
ILE CG2 HG22 sing N N 167 
ILE CG2 HG23 sing N N 168 
ILE CD1 HD11 sing N N 169 
ILE CD1 HD12 sing N N 170 
ILE CD1 HD13 sing N N 171 
ILE OXT HXT  sing N N 172 
LEU N   CA   sing N N 173 
LEU N   H    sing N N 174 
LEU N   H2   sing N N 175 
LEU CA  C    sing N N 176 
LEU CA  CB   sing N N 177 
LEU CA  HA   sing N N 178 
LEU C   O    doub N N 179 
LEU C   OXT  sing N N 180 
LEU CB  CG   sing N N 181 
LEU CB  HB2  sing N N 182 
LEU CB  HB3  sing N N 183 
LEU CG  CD1  sing N N 184 
LEU CG  CD2  sing N N 185 
LEU CG  HG   sing N N 186 
LEU CD1 HD11 sing N N 187 
LEU CD1 HD12 sing N N 188 
LEU CD1 HD13 sing N N 189 
LEU CD2 HD21 sing N N 190 
LEU CD2 HD22 sing N N 191 
LEU CD2 HD23 sing N N 192 
LEU OXT HXT  sing N N 193 
LYS N   CA   sing N N 194 
LYS N   H    sing N N 195 
LYS N   H2   sing N N 196 
LYS CA  C    sing N N 197 
LYS CA  CB   sing N N 198 
LYS CA  HA   sing N N 199 
LYS C   O    doub N N 200 
LYS C   OXT  sing N N 201 
LYS CB  CG   sing N N 202 
LYS CB  HB2  sing N N 203 
LYS CB  HB3  sing N N 204 
LYS CG  CD   sing N N 205 
LYS CG  HG2  sing N N 206 
LYS CG  HG3  sing N N 207 
LYS CD  CE   sing N N 208 
LYS CD  HD2  sing N N 209 
LYS CD  HD3  sing N N 210 
LYS CE  NZ   sing N N 211 
LYS CE  HE2  sing N N 212 
LYS CE  HE3  sing N N 213 
LYS NZ  HZ1  sing N N 214 
LYS NZ  HZ2  sing N N 215 
LYS NZ  HZ3  sing N N 216 
LYS OXT HXT  sing N N 217 
MET N   CA   sing N N 218 
MET N   H    sing N N 219 
MET N   H2   sing N N 220 
MET CA  C    sing N N 221 
MET CA  CB   sing N N 222 
MET CA  HA   sing N N 223 
MET C   O    doub N N 224 
MET C   OXT  sing N N 225 
MET CB  CG   sing N N 226 
MET CB  HB2  sing N N 227 
MET CB  HB3  sing N N 228 
MET CG  SD   sing N N 229 
MET CG  HG2  sing N N 230 
MET CG  HG3  sing N N 231 
MET SD  CE   sing N N 232 
MET CE  HE1  sing N N 233 
MET CE  HE2  sing N N 234 
MET CE  HE3  sing N N 235 
MET OXT HXT  sing N N 236 
PHE N   CA   sing N N 237 
PHE N   H    sing N N 238 
PHE N   H2   sing N N 239 
PHE CA  C    sing N N 240 
PHE CA  CB   sing N N 241 
PHE CA  HA   sing N N 242 
PHE C   O    doub N N 243 
PHE C   OXT  sing N N 244 
PHE CB  CG   sing N N 245 
PHE CB  HB2  sing N N 246 
PHE CB  HB3  sing N N 247 
PHE CG  CD1  doub Y N 248 
PHE CG  CD2  sing Y N 249 
PHE CD1 CE1  sing Y N 250 
PHE CD1 HD1  sing N N 251 
PHE CD2 CE2  doub Y N 252 
PHE CD2 HD2  sing N N 253 
PHE CE1 CZ   doub Y N 254 
PHE CE1 HE1  sing N N 255 
PHE CE2 CZ   sing Y N 256 
PHE CE2 HE2  sing N N 257 
PHE CZ  HZ   sing N N 258 
PHE OXT HXT  sing N N 259 
SER N   CA   sing N N 260 
SER N   H    sing N N 261 
SER N   H2   sing N N 262 
SER CA  C    sing N N 263 
SER CA  CB   sing N N 264 
SER CA  HA   sing N N 265 
SER C   O    doub N N 266 
SER C   OXT  sing N N 267 
SER CB  OG   sing N N 268 
SER CB  HB2  sing N N 269 
SER CB  HB3  sing N N 270 
SER OG  HG   sing N N 271 
SER OXT HXT  sing N N 272 
THR N   CA   sing N N 273 
THR N   H    sing N N 274 
THR N   H2   sing N N 275 
THR CA  C    sing N N 276 
THR CA  CB   sing N N 277 
THR CA  HA   sing N N 278 
THR C   O    doub N N 279 
THR C   OXT  sing N N 280 
THR CB  OG1  sing N N 281 
THR CB  CG2  sing N N 282 
THR CB  HB   sing N N 283 
THR OG1 HG1  sing N N 284 
THR CG2 HG21 sing N N 285 
THR CG2 HG22 sing N N 286 
THR CG2 HG23 sing N N 287 
THR OXT HXT  sing N N 288 
TYR N   CA   sing N N 289 
TYR N   H    sing N N 290 
TYR N   H2   sing N N 291 
TYR CA  C    sing N N 292 
TYR CA  CB   sing N N 293 
TYR CA  HA   sing N N 294 
TYR C   O    doub N N 295 
TYR C   OXT  sing N N 296 
TYR CB  CG   sing N N 297 
TYR CB  HB2  sing N N 298 
TYR CB  HB3  sing N N 299 
TYR CG  CD1  doub Y N 300 
TYR CG  CD2  sing Y N 301 
TYR CD1 CE1  sing Y N 302 
TYR CD1 HD1  sing N N 303 
TYR CD2 CE2  doub Y N 304 
TYR CD2 HD2  sing N N 305 
TYR CE1 CZ   doub Y N 306 
TYR CE1 HE1  sing N N 307 
TYR CE2 CZ   sing Y N 308 
TYR CE2 HE2  sing N N 309 
TYR CZ  OH   sing N N 310 
TYR OH  HH   sing N N 311 
TYR OXT HXT  sing N N 312 
# 
_atom_sites.entry_id                    1NKD 
_atom_sites.fract_transf_matrix[1][1]   0.01195520 
_atom_sites.fract_transf_matrix[1][2]   0.00806512 
_atom_sites.fract_transf_matrix[1][3]   -0.01612395 
_atom_sites.fract_transf_matrix[2][1]   -0.01448091 
_atom_sites.fract_transf_matrix[2][2]   -0.01347919 
_atom_sites.fract_transf_matrix[2][3]   -0.01747919 
_atom_sites.fract_transf_matrix[3][1]   -0.01649254 
_atom_sites.fract_transf_matrix[3][2]   0.02672680 
_atom_sites.fract_transf_matrix[3][3]   -0.00694703 
_atom_sites.fract_transf_vector[1]      0.421830 
_atom_sites.fract_transf_vector[2]      0.233325 
_atom_sites.fract_transf_vector[3]      0.577079 
# 
loop_
_atom_type.symbol 
C 
H 
N 
O 
S 
# 
loop_
_atom_site.group_PDB 
_atom_site.id 
_atom_site.type_symbol 
_atom_site.label_atom_id 
_atom_site.label_alt_id 
_atom_site.label_comp_id 
_atom_site.label_asym_id 
_atom_site.label_entity_id 
_atom_site.label_seq_id 
_atom_site.pdbx_PDB_ins_code 
_atom_site.Cartn_x 
_atom_site.Cartn_y 
_atom_site.Cartn_z 
_atom_site.occupancy 
_atom_site.B_iso_or_equiv 
_atom_site.pdbx_formal_charge 
_atom_site.auth_seq_id 
_atom_site.auth_comp_id 
_atom_site.auth_asym_id 
_atom_site.auth_atom_id 
_atom_site.pdbx_PDB_model_num 
ATOM   1    N N    . MET A 1 1  ? 0.893   -13.127 17.999  1.00 24.69  ? 1   MET A N    1 
ATOM   2    C CA   . MET A 1 1  ? 1.739   -13.183 16.850  1.00 20.55  ? 1   MET A CA   1 
ATOM   3    C C    . MET A 1 1  ? 3.200   -13.302 17.281  1.00 18.97  ? 1   MET A C    1 
ATOM   4    O O    . MET A 1 1  ? 3.511   -12.741 18.361  1.00 23.43  ? 1   MET A O    1 
ATOM   5    C CB   . MET A 1 1  ? 1.446   -12.226 15.923  1.00 23.70  ? 1   MET A CB   1 
ATOM   6    C CG   . MET A 1 1  ? 1.928   -11.024 15.824  1.00 23.43  ? 1   MET A CG   1 
ATOM   7    S SD   . MET A 1 1  ? 1.438   -9.723  14.788  1.00 26.03  ? 1   MET A SD   1 
ATOM   8    C CE   . MET A 1 1  ? -0.188  -9.559  15.045  1.00 26.29  ? 1   MET A CE   1 
ATOM   9    H H1   . MET A 1 1  ? 1.140   -13.754 18.580  1.00 37.03  ? 1   MET A H1   1 
ATOM   10   H H2   . MET A 1 1  ? 0.962   -12.326 18.379  1.00 37.03  ? 1   MET A H2   1 
ATOM   11   H H3   . MET A 1 1  ? 0.049   -13.267 17.752  1.00 37.03  ? 1   MET A H3   1 
ATOM   12   H HA   . MET A 1 1  ? 1.528   -14.036 16.415  1.00 24.66  ? 1   MET A HA   1 
ATOM   13   H HB2  . MET A 1 1  ? 1.622   -12.641 15.064  1.00 28.44  ? 1   MET A HB2  1 
ATOM   14   H HB3  . MET A 1 1  ? 0.484   -12.112 15.972  1.00 28.44  ? 1   MET A HB3  1 
ATOM   15   H HG2  . MET A 1 1  ? 1.877   -10.659 16.723  1.00 28.11  ? 1   MET A HG2  1 
ATOM   16   H HG3  . MET A 1 1  ? 2.872   -11.147 15.643  1.00 28.11  ? 1   MET A HG3  1 
ATOM   17   H HE1  . MET A 1 1  ? -0.629  -10.386 14.837  1.00 39.44  ? 1   MET A HE1  1 
ATOM   18   H HE2  . MET A 1 1  ? -0.344  -9.336  15.966  1.00 39.44  ? 1   MET A HE2  1 
ATOM   19   H HE3  . MET A 1 1  ? -0.532  -8.862  14.483  1.00 39.44  ? 1   MET A HE3  1 
ATOM   20   N N    . THR A 1 2  ? 4.062   -13.845 16.436  1.00 16.21  ? 2   THR A N    1 
ATOM   21   C CA   . THR A 1 2  ? 5.462   -13.828 16.703  1.00 15.34  ? 2   THR A CA   1 
ATOM   22   C C    . THR A 1 2  ? 6.027   -12.409 16.492  1.00 13.32  ? 2   THR A C    1 
ATOM   23   O O    . THR A 1 2  ? 5.406   -11.594 15.814  1.00 14.13  ? 2   THR A O    1 
ATOM   24   C CB   . THR A 1 2  ? 6.181   -14.849 15.938  1.00 15.43  ? 2   THR A CB   1 
ATOM   25   O OG1  . THR A 1 2  ? 6.229   -14.441 14.591  1.00 15.04  ? 2   THR A OG1  1 
ATOM   26   C CG2  . THR A 1 2  ? 5.666   -16.251 16.055  1.00 19.87  ? 2   THR A CG2  1 
ATOM   27   H H    . THR A 1 2  ? 3.772   -14.214 15.714  1.00 19.46  ? 2   THR A H    1 
ATOM   28   H HA   . THR A 1 2  ? 5.577   -14.044 17.652  1.00 18.41  ? 2   THR A HA   1 
ATOM   29   H HB   . THR A 1 2  ? 7.104   -14.856 16.267  1.00 18.51  ? 2   THR A HB   1 
ATOM   30   H HG1  . THR A 1 2  ? 6.633   -15.003 14.151  1.00 22.56  ? 2   THR A HG1  1 
ATOM   31   H HG21 . THR A 1 2  ? 5.701   -16.530 16.973  1.00 29.80  ? 2   THR A HG21 1 
ATOM   32   H HG22 . THR A 1 2  ? 4.758   -16.286 15.745  1.00 29.80  ? 2   THR A HG22 1 
ATOM   33   H HG23 . THR A 1 2  ? 6.209   -16.837 15.522  1.00 29.80  ? 2   THR A HG23 1 
ATOM   34   N N    . LYS A 1 3  ? 7.220   -12.143 16.980  1.00 13.90  ? 3   LYS A N    1 
ATOM   35   C CA   . LYS A 1 3  ? 7.897   -10.913 16.679  1.00 13.15  ? 3   LYS A CA   1 
ATOM   36   C C    . LYS A 1 3  ? 8.232   -10.771 15.244  1.00 12.27  ? 3   LYS A C    1 
ATOM   37   O O    . LYS A 1 3  ? 8.116   -9.662  14.695  1.00 13.59  ? 3   LYS A O    1 
ATOM   38   C CB   . LYS A 1 3  ? 9.079   -10.699 17.580  1.00 14.48  ? 3   LYS A CB   1 
ATOM   39   C CG   A LYS A 1 3  ? 8.826   -10.731 19.057  0.38 15.08  ? 3   LYS A CG   1 
ATOM   40   C CG   B LYS A 1 3  ? 8.617   -10.709 19.054  0.28 15.88  ? 3   LYS A CG   1 
ATOM   41   C CG   C LYS A 1 3  ? 9.084   -10.214 19.140  0.33 16.74  ? 3   LYS A CG   1 
ATOM   42   C CD   A LYS A 1 3  ? 7.491   -10.198 19.503  0.38 17.92  ? 3   LYS A CD   1 
ATOM   43   C CD   B LYS A 1 3  ? 7.708   -9.588  19.486  0.28 16.52  ? 3   LYS A CD   1 
ATOM   44   C CD   C LYS A 1 3  ? 8.097   -9.100  19.367  0.33 17.90  ? 3   LYS A CD   1 
ATOM   45   C CE   A LYS A 1 3  ? 7.508   -9.468  20.962  0.38 20.20  ? 3   LYS A CE   1 
ATOM   46   C CE   B LYS A 1 3  ? 8.206   -8.103  19.032  0.28 19.24  ? 3   LYS A CE   1 
ATOM   47   C CE   C LYS A 1 3  ? 8.745   -7.744  20.004  0.33 20.71  ? 3   LYS A CE   1 
ATOM   48   N NZ   A LYS A 1 3  ? 7.790   -10.880 21.879  0.38 24.25  ? 3   LYS A NZ   1 
ATOM   49   N NZ   B LYS A 1 3  ? 9.610   -8.063  19.999  0.28 24.81  ? 3   LYS A NZ   1 
ATOM   50   N NZ   C LYS A 1 3  ? 9.395   -7.139  18.547  0.33 21.91  ? 3   LYS A NZ   1 
ATOM   51   H H    . LYS A 1 3  ? 7.604   -12.718 17.490  1.00 16.68  ? 3   LYS A H    1 
ATOM   52   H HA   . LYS A 1 3  ? 7.263   -10.194 16.884  1.00 15.78  ? 3   LYS A HA   1 
ATOM   53   H HB2  . LYS A 1 3  ? 9.740   -11.378 17.374  1.00 17.38  ? 3   LYS A HB2  1 
ATOM   54   H HB3  . LYS A 1 3  ? 9.471   -9.840  17.361  1.00 17.38  ? 3   LYS A HB3  1 
ATOM   55   N N    . GLN A 1 4  ? 8.615   -11.850 14.592  1.00 12.40  ? 4   GLN A N    1 
ATOM   56   C CA   . GLN A 1 4  ? 8.872   -11.766 13.146  1.00 11.95  ? 4   GLN A CA   1 
ATOM   57   C C    . GLN A 1 4  ? 7.625   -11.462 12.367  1.00 11.51  ? 4   GLN A C    1 
ATOM   58   O O    . GLN A 1 4  ? 7.638   -10.697 11.414  1.00 12.77  ? 4   GLN A O    1 
ATOM   59   C CB   . GLN A 1 4  ? 9.497   -13.026 12.638  1.00 14.93  ? 4   GLN A CB   1 
ATOM   60   C CG   . GLN A 1 4  ? 10.973  -13.208 13.128  1.00 18.52  ? 4   GLN A CG   1 
ATOM   61   C CD   . GLN A 1 4  ? 11.370  -14.615 12.851  1.00 21.78  ? 4   GLN A CD   1 
ATOM   62   O OE1  . GLN A 1 4  ? 11.833  -14.998 11.992  1.00 26.82  ? 4   GLN A OE1  1 
ATOM   63   N NE2  . GLN A 1 4  ? 10.806  -15.770 14.070  1.00 24.06  ? 4   GLN A NE2  1 
ATOM   64   H H    . GLN A 1 4  ? 8.712   -12.597 15.007  1.00 14.88  ? 4   GLN A H    1 
ATOM   65   H HA   . GLN A 1 4  ? 9.506   -11.035 12.996  1.00 14.33  ? 4   GLN A HA   1 
ATOM   66   H HB2  . GLN A 1 4  ? 8.969   -13.784 12.935  1.00 17.92  ? 4   GLN A HB2  1 
ATOM   67   H HB3  . GLN A 1 4  ? 9.484   -13.017 11.668  1.00 17.92  ? 4   GLN A HB3  1 
ATOM   68   H HG2  . GLN A 1 4  ? 11.560  -12.596 12.656  1.00 22.23  ? 4   GLN A HG2  1 
ATOM   69   H HG3  . GLN A 1 4  ? 11.035  -13.023 14.078  1.00 22.23  ? 4   GLN A HG3  1 
ATOM   70   H HE21 . GLN A 1 4  ? 10.917  -16.614 13.946  1.00 28.87  ? 4   GLN A HE21 1 
ATOM   71   H HE22 . GLN A 1 4  ? 10.422  -15.488 14.785  1.00 28.87  ? 4   GLN A HE22 1 
ATOM   72   N N    . GLU A 1 5  ? 6.490   -12.037 12.775  1.00 11.76  ? 5   GLU A N    1 
ATOM   73   C CA   . GLU A 1 5  ? 5.225   -11.705 12.150  1.00 12.07  ? 5   GLU A CA   1 
ATOM   74   C C    . GLU A 1 5  ? 4.850   -10.247 12.356  1.00 12.04  ? 5   GLU A C    1 
ATOM   75   O O    . GLU A 1 5  ? 4.388   -9.586  11.428  1.00 13.31  ? 5   GLU A O    1 
ATOM   76   C CB   . GLU A 1 5  ? 4.115   -12.611 12.651  1.00 13.03  ? 5   GLU A CB   1 
ATOM   77   C CG   . GLU A 1 5  ? 4.179   -14.004 12.126  1.00 14.39  ? 5   GLU A CG   1 
ATOM   78   C CD   . GLU A 1 5  ? 3.371   -15.010 12.802  1.00 17.05  ? 5   GLU A CD   1 
ATOM   79   O OE1  . GLU A 1 5  ? 2.786   -14.718 13.874  1.00 20.13  ? 5   GLU A OE1  1 
ATOM   80   O OE2  . GLU A 1 5  ? 3.292   -16.159 12.300  1.00 22.08  ? 5   GLU A OE2  1 
ATOM   81   H H    . GLU A 1 5  ? 6.510   -12.610 13.416  1.00 14.11  ? 5   GLU A H    1 
ATOM   82   H HA   . GLU A 1 5  ? 5.320   -11.855 11.185  1.00 14.49  ? 5   GLU A HA   1 
ATOM   83   H HB2  . GLU A 1 5  ? 4.154   -12.642 13.619  1.00 15.64  ? 5   GLU A HB2  1 
ATOM   84   H HB3  . GLU A 1 5  ? 3.262   -12.223 12.403  1.00 15.64  ? 5   GLU A HB3  1 
ATOM   85   H HG2  . GLU A 1 5  ? 3.914   -13.984 11.193  1.00 17.26  ? 5   GLU A HG2  1 
ATOM   86   H HG3  . GLU A 1 5  ? 5.103   -14.294 12.156  1.00 17.26  ? 5   GLU A HG3  1 
ATOM   87   N N    . LYS A 1 6  ? 5.096   -9.723  13.545  1.00 12.60  ? 6   LYS A N    1 
ATOM   88   C CA   . LYS A 1 6  ? 4.809   -8.308  13.834  1.00 13.19  ? 6   LYS A CA   1 
ATOM   89   C C    . LYS A 1 6  ? 5.653   -7.414  12.969  1.00 12.19  ? 6   LYS A C    1 
ATOM   90   O O    . LYS A 1 6  ? 5.111   -6.394  12.464  1.00 13.51  ? 6   LYS A O    1 
ATOM   91   C CB   . LYS A 1 6  ? 5.045   -8.042  15.304  1.00 15.23  ? 6   LYS A CB   1 
ATOM   92   C CG   A LYS A 1 6  ? 4.378   -6.757  15.751  0.40 18.70  ? 6   LYS A CG   1 
ATOM   93   C CG   B LYS A 1 6  ? 4.903   -6.566  15.720  0.60 19.92  ? 6   LYS A CG   1 
ATOM   94   C CD   A LYS A 1 6  ? 4.162   -6.780  17.184  0.40 22.04  ? 6   LYS A CD   1 
ATOM   95   C CD   B LYS A 1 6  ? 5.004   -6.154  17.101  0.60 23.83  ? 6   LYS A CD   1 
ATOM   96   C CE   A LYS A 1 6  ? 4.125   -7.591  18.039  0.40 22.28  ? 6   LYS A CE   1 
ATOM   97   C CE   B LYS A 1 6  ? 5.801   -6.174  17.968  0.60 30.27  ? 6   LYS A CE   1 
ATOM   98   N NZ   A LYS A 1 6  ? 3.255   -8.519  18.501  0.40 31.61  ? 6   LYS A NZ   1 
ATOM   99   N NZ   B LYS A 1 6  ? 5.868   -5.759  19.259  0.60 35.23  ? 6   LYS A NZ   1 
ATOM   100  H H    . LYS A 1 6  ? 5.433   -10.218 14.162  1.00 15.12  ? 6   LYS A H    1 
ATOM   101  H HA   . LYS A 1 6  ? 3.865   -8.135  13.634  1.00 15.82  ? 6   LYS A HA   1 
ATOM   102  H HB2  . LYS A 1 6  ? 4.695   -8.782  15.825  1.00 18.28  ? 6   LYS A HB2  1 
ATOM   103  H HB3  . LYS A 1 6  ? 5.998   -7.983  15.471  1.00 18.28  ? 6   LYS A HB3  1 
ATOM   104  N N    . THR A 1 7  ? 6.920   -7.683  12.755  1.00 12.16  ? 7   THR A N    1 
ATOM   105  C CA   . THR A 1 7  ? 7.705   -6.865  11.883  1.00 11.88  ? 7   THR A CA   1 
ATOM   106  C C    . THR A 1 7  ? 7.096   -6.794  10.521  1.00 10.97  ? 7   THR A C    1 
ATOM   107  O O    . THR A 1 7  ? 7.000   -5.734  9.895   1.00 11.84  ? 7   THR A O    1 
ATOM   108  C CB   . THR A 1 7  ? 9.135   -7.431  11.807  1.00 12.94  ? 7   THR A CB   1 
ATOM   109  O OG1  . THR A 1 7  ? 9.728   -7.376  13.108  1.00 14.62  ? 7   THR A OG1  1 
ATOM   110  C CG2  . THR A 1 7  ? 9.991   -6.624  10.829  1.00 15.59  ? 7   THR A CG2  1 
ATOM   111  H H    . THR A 1 7  ? 7.282   -8.359  13.144  1.00 14.60  ? 7   THR A H    1 
ATOM   112  H HA   . THR A 1 7  ? 7.746   -5.959  12.255  1.00 14.25  ? 7   THR A HA   1 
ATOM   113  H HB   . THR A 1 7  ? 9.097   -8.363  11.510  1.00 15.53  ? 7   THR A HB   1 
ATOM   114  H HG1  . THR A 1 7  ? 9.275   -7.814  13.634  1.00 21.93  ? 7   THR A HG1  1 
ATOM   115  H HG21 . THR A 1 7  ? 9.596   -6.659  9.955   1.00 23.38  ? 7   THR A HG21 1 
ATOM   116  H HG22 . THR A 1 7  ? 10.039  -5.712  11.123  1.00 23.38  ? 7   THR A HG22 1 
ATOM   117  H HG23 . THR A 1 7  ? 10.875  -6.997  10.795  1.00 23.38  ? 7   THR A HG23 1 
ATOM   118  N N    . ALA A 1 8  ? 6.703   -7.964  9.991   1.00 10.84  ? 8   ALA A N    1 
ATOM   119  C CA   . ALA A 1 8  ? 6.115   -8.029  8.663   1.00 10.65  ? 8   ALA A CA   1 
ATOM   120  C C    . ALA A 1 8  ? 4.807   -7.283  8.580   1.00 10.50  ? 8   ALA A C    1 
ATOM   121  O O    . ALA A 1 8  ? 4.553   -6.555  7.617   1.00 11.37  ? 8   ALA A O    1 
ATOM   122  C CB   . ALA A 1 8  ? 5.983   -9.443  8.226   1.00 12.27  ? 8   ALA A CB   1 
ATOM   123  H H    . ALA A 1 8  ? 6.802   -8.687  10.446  1.00 13.01  ? 8   ALA A H    1 
ATOM   124  H HA   . ALA A 1 8  ? 6.739   -7.591  8.047   1.00 12.78  ? 8   ALA A HA   1 
ATOM   125  H HB1  . ALA A 1 8  ? 6.836   -9.879  8.294   1.00 18.40  ? 8   ALA A HB1  1 
ATOM   126  H HB2  . ALA A 1 8  ? 5.349   -9.894  8.789   1.00 18.40  ? 8   ALA A HB2  1 
ATOM   127  H HB3  . ALA A 1 8  ? 5.681   -9.470  7.317   1.00 18.40  ? 8   ALA A HB3  1 
ATOM   128  N N    . LEU A 1 9  ? 3.941   -7.423  9.568   1.00 11.66  ? 9   LEU A N    1 
ATOM   129  C CA   . LEU A 1 9  ? 2.676   -6.756  9.606   1.00 12.16  ? 9   LEU A CA   1 
ATOM   130  C C    . LEU A 1 9  ? 2.898   -5.234  9.653   1.00 12.08  ? 9   LEU A C    1 
ATOM   131  O O    . LEU A 1 9  ? 2.200   -4.487  8.899   1.00 12.91  ? 9   LEU A O    1 
ATOM   132  C CB   . LEU A 1 9  ? 1.910   -7.201  10.839  1.00 13.66  ? 9   LEU A CB   1 
ATOM   133  C CG   . LEU A 1 9  ? 0.500   -6.545  10.979  1.00 15.12  ? 9   LEU A CG   1 
ATOM   134  C CD1  . LEU A 1 9  ? -0.448  -6.891  9.866   1.00 18.54  ? 9   LEU A CD1  1 
ATOM   135  C CD2  . LEU A 1 9  ? -0.062  -6.971  12.355  1.00 20.67  ? 9   LEU A CD2  1 
ATOM   136  H H    . LEU A 1 9  ? 4.148   -7.941  10.222  1.00 13.99  ? 9   LEU A H    1 
ATOM   137  H HA   . LEU A 1 9  ? 2.162   -6.985  8.803   1.00 14.59  ? 9   LEU A HA   1 
ATOM   138  H HB2  . LEU A 1 9  ? 1.805   -8.166  10.809  1.00 16.39  ? 9   LEU A HB2  1 
ATOM   139  H HB3  . LEU A 1 9  ? 2.435   -6.987  11.626  1.00 16.39  ? 9   LEU A HB3  1 
ATOM   140  H HG   . LEU A 1 9  ? 0.617   -5.573  10.987  1.00 18.14  ? 9   LEU A HG   1 
ATOM   141  H HD11 . LEU A 1 9  ? -0.070  -6.616  9.027   1.00 27.81  ? 9   LEU A HD11 1 
ATOM   142  H HD12 . LEU A 1 9  ? -0.597  -7.839  9.856   1.00 27.81  ? 9   LEU A HD12 1 
ATOM   143  H HD13 . LEU A 1 9  ? -1.283  -6.437  10.005  1.00 27.81  ? 9   LEU A HD13 1 
ATOM   144  H HD21 . LEU A 1 9  ? 0.567   -6.742  13.043  1.00 31.01  ? 9   LEU A HD21 1 
ATOM   145  H HD22 . LEU A 1 9  ? -0.892  -6.517  12.516  1.00 31.01  ? 9   LEU A HD22 1 
ATOM   146  H HD23 . LEU A 1 9  ? -0.211  -7.920  12.360  1.00 31.01  ? 9   LEU A HD23 1 
ATOM   147  N N    . ASN A 1 10 ? 3.789   -4.759  10.466  1.00 12.39  ? 10  ASN A N    1 
ATOM   148  C CA   . ASN A 1 10 ? 4.093   -3.316  10.547  1.00 13.52  ? 10  ASN A CA   1 
ATOM   149  C C    . ASN A 1 10 ? 4.589   -2.786  9.229   1.00 12.03  ? 10  ASN A C    1 
ATOM   150  O O    . ASN A 1 10 ? 4.234   -1.697  8.804   1.00 12.96  ? 10  ASN A O    1 
ATOM   151  C CB   . ASN A 1 10 ? 4.970   -3.012  11.674  1.00 15.80  ? 10  ASN A CB   1 
ATOM   152  C CG   . ASN A 1 10 ? 4.356   -3.217  13.082  1.00 18.48  ? 10  ASN A CG   1 
ATOM   153  O OD1  . ASN A 1 10 ? 3.177   -3.235  13.201  1.00 21.56  ? 10  ASN A OD1  1 
ATOM   154  N ND2  . ASN A 1 10 ? 5.261   -3.304  14.075  1.00 23.14  ? 10  ASN A ND2  1 
ATOM   155  H H    . ASN A 1 10 ? 4.218   -5.302  10.975  1.00 14.87  ? 10  ASN A H    1 
ATOM   156  H HA   . ASN A 1 10 ? 3.243   -2.863  10.727  1.00 16.23  ? 10  ASN A HA   1 
ATOM   157  H HB2  . ASN A 1 10 ? 5.762   -3.567  11.602  1.00 18.96  ? 10  ASN A HB2  1 
ATOM   158  H HB3  . ASN A 1 10 ? 5.255   -2.088  11.597  1.00 18.96  ? 10  ASN A HB3  1 
ATOM   159  H HD21 . ASN A 1 10 ? 4.998   -3.381  14.890  1.00 27.77  ? 10  ASN A HD21 1 
ATOM   160  H HD22 . ASN A 1 10 ? 6.102   -3.282  13.895  1.00 27.77  ? 10  ASN A HD22 1 
ATOM   161  N N    . MET A 1 11 ? 5.457   -3.564  8.542   1.00 11.33  ? 11  MET A N    1 
ATOM   162  C CA   . MET A 1 11 ? 5.945   -3.152  7.254   1.00 10.85  ? 11  MET A CA   1 
ATOM   163  C C    . MET A 1 11 ? 4.850   -3.114  6.230   1.00 10.12  ? 11  MET A C    1 
ATOM   164  O O    . MET A 1 11 ? 4.808   -2.213  5.390   1.00 11.31  ? 11  MET A O    1 
ATOM   165  C CB   A MET A 1 11 ? 7.048   -4.042  6.786   0.54 12.22  ? 11  MET A CB   1 
ATOM   166  C CB   B MET A 1 11 ? 7.144   -4.068  6.879   0.46 12.45  ? 11  MET A CB   1 
ATOM   167  C CG   A MET A 1 11 ? 7.880   -3.480  5.787   0.54 12.25  ? 11  MET A CG   1 
ATOM   168  C CG   B MET A 1 11 ? 8.444   -4.039  7.424   0.46 15.12  ? 11  MET A CG   1 
ATOM   169  S SD   A MET A 1 11 ? 9.401   -4.390  5.508   0.54 14.00  ? 11  MET A SD   1 
ATOM   170  S SD   B MET A 1 11 ? 9.702   -4.825  6.424   0.46 21.03  ? 11  MET A SD   1 
ATOM   171  C CE   A MET A 1 11 ? 9.434   -5.678  7.133   0.54 19.43  ? 11  MET A CE   1 
ATOM   172  C CE   B MET A 1 11 ? 9.944   -3.445  4.885   0.46 19.44  ? 11  MET A CE   1 
ATOM   173  H H    . MET A 1 11 ? 5.718   -4.311  8.877   1.00 13.60  ? 11  MET A H    1 
ATOM   174  H HA   . MET A 1 11 ? 6.306   -2.245  7.344   1.00 13.02  ? 11  MET A HA   1 
ATOM   175  H HB2  A MET A 1 11 ? 7.599   -4.280  7.548   0.54 14.66  ? 11  MET A HB2  1 
ATOM   176  H HB2  B MET A 1 11 ? 6.829   -4.976  7.010   0.46 6.03   ? 11  MET A HB2  1 
ATOM   177  H HB3  A MET A 1 11 ? 6.659   -4.860  6.439   0.54 14.66  ? 11  MET A HB3  1 
ATOM   178  H HB3  B MET A 1 11 ? 7.263   -3.961  5.921   0.46 6.52   ? 11  MET A HB3  1 
ATOM   179  N N    . ALA A 1 12 ? 3.939   -4.077  6.245   1.00 10.20  ? 12  ALA A N    1 
ATOM   180  C CA   . ALA A 1 12 ? 2.813   -4.069  5.303   1.00 10.33  ? 12  ALA A CA   1 
ATOM   181  C C    . ALA A 1 12 ? 1.947   -2.850  5.527   1.00 10.48  ? 12  ALA A C    1 
ATOM   182  O O    . ALA A 1 12 ? 1.493   -2.213  4.568   1.00 11.39  ? 12  ALA A O    1 
ATOM   183  C CB   . ALA A 1 12 ? 1.996   -5.345  5.439   1.00 11.93  ? 12  ALA A CB   1 
ATOM   184  H H    . ALA A 1 12 ? 4.008   -4.716  6.817   1.00 12.24  ? 12  ALA A H    1 
ATOM   185  H HA   . ALA A 1 12 ? 3.173   -4.030  4.392   1.00 12.40  ? 12  ALA A HA   1 
ATOM   186  H HB1  . ALA A 1 12 ? 2.564   -6.106  5.295   1.00 17.90  ? 12  ALA A HB1  1 
ATOM   187  H HB2  . ALA A 1 12 ? 1.619   -5.390  6.321   1.00 17.90  ? 12  ALA A HB2  1 
ATOM   188  H HB3  . ALA A 1 12 ? 1.290   -5.344  4.789   1.00 17.90  ? 12  ALA A HB3  1 
ATOM   189  N N    . ARG A 1 13 ? 1.719   -2.484  6.793   1.00 11.05  ? 13  ARG A N    1 
ATOM   190  C CA   . ARG A 1 13 ? 0.948   -1.226  7.101   1.00 11.62  ? 13  ARG A CA   1 
ATOM   191  C C    . ARG A 1 13 ? 1.612   -0.051  6.547   1.00 11.39  ? 13  ARG A C    1 
ATOM   192  O O    . ARG A 1 13 ? 1.009   0.867   5.956   1.00 12.73  ? 13  ARG A O    1 
ATOM   193  C CB   . ARG A 1 13 ? 0.755   -1.116  8.605   1.00 13.36  ? 13  ARG A CB   1 
ATOM   194  C CG   . ARG A 1 13 ? -0.163  -0.012  8.983   1.00 17.53  ? 13  ARG A CG   1 
ATOM   195  C CD   . ARG A 1 13 ? -0.318  0.102   10.591  1.00 22.36  ? 13  ARG A CD   1 
ATOM   196  N NE   . ARG A 1 13 ? -0.822  -0.971  11.256  1.00 25.31  ? 13  ARG A NE   1 
ATOM   197  C CZ   . ARG A 1 13 ? -0.165  -1.722  12.013  1.00 28.70  ? 13  ARG A CZ   1 
ATOM   198  N NH1  . ARG A 1 13 ? 0.983   -1.450  12.490  1.00 36.31  ? 13  ARG A NH1  1 
ATOM   199  N NH2  . ARG A 1 13 ? -0.998  -2.950  12.362  1.00 31.95  ? 13  ARG A NH2  1 
ATOM   200  H H    . ARG A 1 13 ? 2.015   -2.971  7.437   1.00 13.26  ? 13  ARG A H    1 
ATOM   201  H HA   . ARG A 1 13 ? 0.063   -1.300  6.685   1.00 13.95  ? 13  ARG A HA   1 
ATOM   202  H HB2  . ARG A 1 13 ? 0.398   -1.954  8.941   1.00 16.03  ? 13  ARG A HB2  1 
ATOM   203  H HB3  . ARG A 1 13 ? 1.616   -0.971  9.025   1.00 16.03  ? 13  ARG A HB3  1 
ATOM   204  H HG2  . ARG A 1 13 ? 0.180   0.825   8.633   1.00 21.04  ? 13  ARG A HG2  1 
ATOM   205  H HG3  . ARG A 1 13 ? -1.034  -0.167  8.586   1.00 21.04  ? 13  ARG A HG3  1 
ATOM   206  H HD2  . ARG A 1 13 ? 0.556   0.298   10.962  1.00 26.84  ? 13  ARG A HD2  1 
ATOM   207  H HD3  . ARG A 1 13 ? -0.887  0.865   10.782  1.00 26.84  ? 13  ARG A HD3  1 
ATOM   208  H HE   . ARG A 1 13 ? -1.657  -1.148  11.149  1.00 30.37  ? 13  ARG A HE   1 
ATOM   209  H HH11 . ARG A 1 13 ? 1.362   -0.703  12.297  1.00 43.57  ? 13  ARG A HH11 1 
ATOM   210  H HH12 . ARG A 1 13 ? 1.380   -2.013  13.005  1.00 43.57  ? 13  ARG A HH12 1 
ATOM   211  H HH21 . ARG A 1 13 ? -1.767  -3.065  11.996  1.00 38.35  ? 13  ARG A HH21 1 
ATOM   212  H HH22 . ARG A 1 13 ? -0.699  -3.528  12.923  1.00 38.35  ? 13  ARG A HH22 1 
ATOM   213  N N    . PHE A 1 14 ? 2.910   0.053   6.736   1.00 11.31  ? 14  PHE A N    1 
ATOM   214  C CA   . PHE A 1 14 ? 3.746   1.185   6.247   1.00 11.75  ? 14  PHE A CA   1 
ATOM   215  C C    . PHE A 1 14 ? 3.671   1.276   4.732   1.00 10.62  ? 14  PHE A C    1 
ATOM   216  O O    . PHE A 1 14 ? 3.500   2.357   4.185   1.00 12.09  ? 14  PHE A O    1 
ATOM   217  C CB   . PHE A 1 14 ? 5.153   1.014   6.766   1.00 13.68  ? 14  PHE A CB   1 
ATOM   218  C CG   . PHE A 1 14 ? 6.107   2.078   6.290   1.00 14.02  ? 14  PHE A CG   1 
ATOM   219  C CD1  . PHE A 1 14 ? 5.983   3.429   6.696   1.00 18.52  ? 14  PHE A CD1  1 
ATOM   220  C CD2  . PHE A 1 14 ? 7.055   1.730   5.392   1.00 17.99  ? 14  PHE A CD2  1 
ATOM   221  C CE1  . PHE A 1 14 ? 6.845   4.393   6.193   1.00 21.42  ? 14  PHE A CE1  1 
ATOM   222  C CE2  . PHE A 1 14 ? 8.067   2.746   4.991   1.00 20.75  ? 14  PHE A CE2  1 
ATOM   223  C CZ   . PHE A 1 14 ? 7.877   4.008   5.365   1.00 20.75  ? 14  PHE A CZ   1 
ATOM   224  H H    . PHE A 1 14 ? 3.304   -0.577  7.170   1.00 13.57  ? 14  PHE A H    1 
ATOM   225  H HA   . PHE A 1 14 ? 3.382   2.016   6.621   1.00 14.10  ? 14  PHE A HA   1 
ATOM   226  H HB2  . PHE A 1 14 ? 5.133   1.022   7.735   1.00 16.41  ? 14  PHE A HB2  1 
ATOM   227  H HB3  . PHE A 1 14 ? 5.487   0.147   6.486   1.00 16.41  ? 14  PHE A HB3  1 
ATOM   228  H HD1  . PHE A 1 14 ? 5.321   3.672   7.303   1.00 22.23  ? 14  PHE A HD1  1 
ATOM   229  H HD2  . PHE A 1 14 ? 7.075   0.872   5.033   1.00 21.59  ? 14  PHE A HD2  1 
ATOM   230  H HE1  . PHE A 1 14 ? 6.728   5.289   6.412   1.00 25.71  ? 14  PHE A HE1  1 
ATOM   231  H HE2  . PHE A 1 14 ? 8.812   2.504   4.492   1.00 24.89  ? 14  PHE A HE2  1 
ATOM   232  H HZ   . PHE A 1 14 ? 8.464   4.658   5.054   1.00 24.90  ? 14  PHE A HZ   1 
ATOM   233  N N    . ILE A 1 15 ? 3.827   0.151   4.051   1.00 10.68  ? 15  ILE A N    1 
ATOM   234  C CA   . ILE A 1 15 ? 3.767   0.173   2.566   1.00 10.78  ? 15  ILE A CA   1 
ATOM   235  C C    . ILE A 1 15 ? 2.432   0.606   2.108   1.00 10.50  ? 15  ILE A C    1 
ATOM   236  O O    . ILE A 1 15 ? 2.321   1.381   1.140   1.00 11.65  ? 15  ILE A O    1 
ATOM   237  C CB   . ILE A 1 15 ? 4.206   -1.167  2.018   1.00 10.92  ? 15  ILE A CB   1 
ATOM   238  C CG1  . ILE A 1 15 ? 5.700   -1.383  2.246   1.00 12.33  ? 15  ILE A CG1  1 
ATOM   239  C CG2  . ILE A 1 15 ? 3.842   -1.305  0.543   1.00 13.24  ? 15  ILE A CG2  1 
ATOM   240  C CD1  . ILE A 1 15 ? 6.184   -2.801  2.043   1.00 14.74  ? 15  ILE A CD1  1 
ATOM   241  H H    . ILE A 1 15 ? 3.961   -0.589  4.466   1.00 12.81  ? 15  ILE A H    1 
ATOM   242  H HA   . ILE A 1 15 ? 4.413   0.841   2.258   1.00 12.94  ? 15  ILE A HA   1 
ATOM   243  H HB   . ILE A 1 15 ? 3.725   -1.864  2.511   1.00 13.11  ? 15  ILE A HB   1 
ATOM   244  H HG12 . ILE A 1 15 ? 6.189   -0.801  1.642   1.00 14.80  ? 15  ILE A HG12 1 
ATOM   245  H HG13 . ILE A 1 15 ? 5.916   -1.111  3.151   1.00 14.80  ? 15  ILE A HG13 1 
ATOM   246  H HG21 . ILE A 1 15 ? 4.274   -0.610  0.040   1.00 19.87  ? 15  ILE A HG21 1 
ATOM   247  H HG22 . ILE A 1 15 ? 4.131   -2.161  0.220   1.00 19.87  ? 15  ILE A HG22 1 
ATOM   248  H HG23 . ILE A 1 15 ? 2.890   -1.229  0.440   1.00 19.87  ? 15  ILE A HG23 1 
ATOM   249  H HD11 . ILE A 1 15 ? 6.000   -3.076  1.141   1.00 22.11  ? 15  ILE A HD11 1 
ATOM   250  H HD12 . ILE A 1 15 ? 7.128   -2.843  2.205   1.00 22.11  ? 15  ILE A HD12 1 
ATOM   251  H HD13 . ILE A 1 15 ? 5.727   -3.385  2.654   1.00 22.11  ? 15  ILE A HD13 1 
ATOM   252  N N    . ARG A 1 16 ? 1.362   0.169   2.731   1.00 10.46  ? 16  ARG A N    1 
ATOM   253  C CA   . ARG A 1 16 ? 0.011   0.623   2.355   1.00 11.17  ? 16  ARG A CA   1 
ATOM   254  C C    . ARG A 1 16 ? -0.096  2.119   2.487   1.00 10.64  ? 16  ARG A C    1 
ATOM   255  O O    . ARG A 1 16 ? -0.589  2.803   1.567   1.00 12.39  ? 16  ARG A O    1 
ATOM   256  C CB   . ARG A 1 16 ? -1.011  -0.083  3.209   1.00 12.95  ? 16  ARG A CB   1 
ATOM   257  C CG   . ARG A 1 16 ? -2.411  0.303   2.876   1.00 16.09  ? 16  ARG A CG   1 
ATOM   258  C CD   . ARG A 1 16 ? -3.418  -0.400  3.637   1.00 20.84  ? 16  ARG A CD   1 
ATOM   259  N NE   . ARG A 1 16 ? -3.572  0.198   4.810   1.00 23.59  ? 16  ARG A NE   1 
ATOM   260  C CZ   . ARG A 1 16 ? -4.603  -0.061  5.648   1.00 26.87  ? 16  ARG A CZ   1 
ATOM   261  N NH1  . ARG A 1 16 ? -5.693  -0.761  5.204   1.00 28.39  ? 16  ARG A NH1  1 
ATOM   262  N NH2  . ARG A 1 16 ? -4.622  0.535   6.828   1.00 29.55  ? 16  ARG A NH2  1 
ATOM   263  H H    . ARG A 1 16 ? 1.451   -0.395  3.374   1.00 12.55  ? 16  ARG A H    1 
ATOM   264  H HA   . ARG A 1 16 ? -0.147  0.382   1.418   1.00 13.41  ? 16  ARG A HA   1 
ATOM   265  H HB2  . ARG A 1 16 ? -0.911  -1.040  3.094   1.00 15.54  ? 16  ARG A HB2  1 
ATOM   266  H HB3  . ARG A 1 16 ? -0.840  0.124   4.141   1.00 15.54  ? 16  ARG A HB3  1 
ATOM   267  H HG2  . ARG A 1 16 ? -2.515  1.255   3.027   1.00 19.31  ? 16  ARG A HG2  1 
ATOM   268  H HG3  . ARG A 1 16 ? -2.564  0.137   1.933   1.00 19.31  ? 16  ARG A HG3  1 
ATOM   269  H HD2  . ARG A 1 16 ? -4.258  -0.397  3.153   1.00 25.01  ? 16  ARG A HD2  1 
ATOM   270  H HD3  . ARG A 1 16 ? -3.146  -1.321  3.771   1.00 25.01  ? 16  ARG A HD3  1 
ATOM   271  H HE   . ARG A 1 16 ? -2.988  0.782   5.051   1.00 28.31  ? 16  ARG A HE   1 
ATOM   272  H HH11 . ARG A 1 16 ? -5.673  -1.147  4.437   1.00 34.07  ? 16  ARG A HH11 1 
ATOM   273  H HH12 . ARG A 1 16 ? -6.397  -0.815  5.695   1.00 34.07  ? 16  ARG A HH12 1 
ATOM   274  H HH21 . ARG A 1 16 ? -3.989  1.074   7.047   1.00 35.46  ? 16  ARG A HH21 1 
ATOM   275  H HH22 . ARG A 1 16 ? -5.268  0.384   7.375   1.00 35.46  ? 16  ARG A HH22 1 
ATOM   276  N N    . SER A 1 17 ? 0.414   2.702   3.557   1.00 10.95  ? 17  SER A N    1 
ATOM   277  C CA   . SER A 1 17 ? 0.347   4.158   3.717   1.00 11.87  ? 17  SER A CA   1 
ATOM   278  C C    . SER A 1 17 ? 1.215   4.880   2.709   1.00 11.21  ? 17  SER A C    1 
ATOM   279  O O    . SER A 1 17 ? 0.789   5.903   2.165   1.00 12.61  ? 17  SER A O    1 
ATOM   280  C CB   A SER A 1 17 ? 0.859   4.531   5.056   0.50 13.90  ? 17  SER A CB   1 
ATOM   281  C CB   B SER A 1 17 ? 0.769   4.293   5.175   0.25 14.41  ? 17  SER A CB   1 
ATOM   282  C CB   C SER A 1 17 ? 0.513   4.666   5.130   0.25 14.88  ? 17  SER A CB   1 
ATOM   283  O OG   A SER A 1 17 ? 0.897   5.832   5.361   0.50 17.78  ? 17  SER A OG   1 
ATOM   284  O OG   B SER A 1 17 ? -0.193  3.983   6.051   0.25 18.27  ? 17  SER A OG   1 
ATOM   285  O OG   C SER A 1 17 ? 1.733   4.323   5.560   0.25 16.91  ? 17  SER A OG   1 
ATOM   286  H H    . SER A 1 17 ? 0.788   2.223   4.165   1.00 13.13  ? 17  SER A H    1 
ATOM   287  H HA   . SER A 1 17 ? -0.582  4.456   3.625   1.00 14.25  ? 17  SER A HA   1 
ATOM   288  H HB2  A SER A 1 17 ? 0.312   4.085   5.720   0.50 13.97  ? 17  SER A HB2  1 
ATOM   289  H HB2  B SER A 1 17 ? 1.533   3.717   5.334   0.25 11.03  ? 17  SER A HB2  1 
ATOM   290  H HB2  C SER A 1 17 ? 0.412   5.630   5.150   0.25 3.87   ? 17  SER A HB2  1 
ATOM   291  H HB3  A SER A 1 17 ? 1.759   4.180   5.140   0.50 36.48  ? 17  SER A HB3  1 
ATOM   292  H HB3  B SER A 1 17 ? 1.052   5.207   5.334   0.25 5.14   ? 17  SER A HB3  1 
ATOM   293  H HB3  C SER A 1 17 ? -0.163  4.275   5.705   0.25 40.46  ? 17  SER A HB3  1 
ATOM   294  N N    . GLN A 1 18 ? 2.407   4.371   2.432   1.00 11.09  ? 18  GLN A N    1 
ATOM   295  C CA   . GLN A 1 18 ? 3.290   5.017   1.450   1.00 11.20  ? 18  GLN A CA   1 
ATOM   296  C C    . GLN A 1 18 ? 2.684   4.977   0.087   1.00 9.81   ? 18  GLN A C    1 
ATOM   297  O O    . GLN A 1 18 ? 2.842   5.961   -0.662  1.00 10.60  ? 18  GLN A O    1 
ATOM   298  C CB   . GLN A 1 18 ? 4.654   4.368   1.509   1.00 13.32  ? 18  GLN A CB   1 
ATOM   299  C CG   . GLN A 1 18 ? 5.488   4.560   2.698   1.00 17.89  ? 18  GLN A CG   1 
ATOM   300  C CD   . GLN A 1 18 ? 6.123   6.012   2.676   1.00 24.29  ? 18  GLN A CD   1 
ATOM   301  O OE1  . GLN A 1 18 ? 7.077   6.075   1.768   1.00 32.76  ? 18  GLN A OE1  1 
ATOM   302  N NE2  . GLN A 1 18 ? 5.657   6.788   3.300   1.00 32.24  ? 18  GLN A NE2  1 
ATOM   303  H H    . GLN A 1 18 ? 2.667   3.656   2.830   1.00 13.31  ? 18  GLN A H    1 
ATOM   304  H HA   . GLN A 1 18 ? 3.392   5.957   1.708   1.00 13.44  ? 18  GLN A HA   1 
ATOM   305  H HB2  . GLN A 1 18 ? 4.528   3.413   1.392   1.00 15.98  ? 18  GLN A HB2  1 
ATOM   306  H HB3  . GLN A 1 18 ? 5.161   4.683   0.744   1.00 15.98  ? 18  GLN A HB3  1 
ATOM   307  H HG2  . GLN A 1 18 ? 4.948   4.451   3.497   1.00 21.47  ? 18  GLN A HG2  1 
ATOM   308  H HG3  . GLN A 1 18 ? 6.193   3.894   2.716   1.00 21.47  ? 18  GLN A HG3  1 
ATOM   309  H HE21 . GLN A 1 18 ? 5.915   7.605   3.235   1.00 38.69  ? 18  GLN A HE21 1 
ATOM   310  H HE22 . GLN A 1 18 ? 5.035   6.577   3.855   1.00 38.69  ? 18  GLN A HE22 1 
ATOM   311  N N    . THR A 1 19 ? 2.077   3.880   -0.308  1.00 9.63   ? 19  THR A N    1 
ATOM   312  C CA   . THR A 1 19 ? 1.448   3.809   -1.618  1.00 9.23   ? 19  THR A CA   1 
ATOM   313  C C    . THR A 1 19 ? 0.279   4.772   -1.743  1.00 9.10   ? 19  THR A C    1 
ATOM   314  O O    . THR A 1 19 ? 0.062   5.306   -2.839  1.00 10.99  ? 19  THR A O    1 
ATOM   315  C CB   . THR A 1 19 ? 1.025   2.395   -1.980  1.00 9.89   ? 19  THR A CB   1 
ATOM   316  O OG1  . THR A 1 19 ? 0.021   1.869   -1.144  1.00 12.66  ? 19  THR A OG1  1 
ATOM   317  C CG2  . THR A 1 19 ? 2.179   1.466   -2.092  1.00 11.91  ? 19  THR A CG2  1 
ATOM   318  H H    . THR A 1 19 ? 2.051   3.197   0.214   1.00 11.56  ? 19  THR A H    1 
ATOM   319  H HA   . THR A 1 19 ? 2.120   4.085   -2.275  1.00 11.08  ? 19  THR A HA   1 
ATOM   320  H HB   . THR A 1 19 ? 0.632   2.450   -2.876  1.00 11.87  ? 19  THR A HB   1 
ATOM   321  H HG1  . THR A 1 19 ? -0.603  2.399   -1.099  1.00 18.99  ? 19  THR A HG1  1 
ATOM   322  H HG21 . THR A 1 19 ? 2.644   1.429   -1.253  1.00 17.87  ? 19  THR A HG21 1 
ATOM   323  H HG22 . THR A 1 19 ? 1.863   0.590   -2.321  1.00 17.87  ? 19  THR A HG22 1 
ATOM   324  H HG23 . THR A 1 19 ? 2.776   1.779   -2.775  1.00 17.87  ? 19  THR A HG23 1 
ATOM   325  N N    . LEU A 1 20 ? -0.459  5.044   -0.689  1.00 9.73   ? 20  LEU A N    1 
ATOM   326  C CA   . LEU A 1 20 ? -1.503  6.054   -0.734  1.00 10.33  ? 20  LEU A CA   1 
ATOM   327  C C    . LEU A 1 20 ? -0.923  7.434   -0.908  1.00 10.39  ? 20  LEU A C    1 
ATOM   328  O O    . LEU A 1 20 ? -1.418  8.238   -1.695  1.00 11.34  ? 20  LEU A O    1 
ATOM   329  C CB   . LEU A 1 20 ? -2.384  5.950   0.521   1.00 12.33  ? 20  LEU A CB   1 
ATOM   330  C CG   . LEU A 1 20 ? -3.607  6.932   0.444   1.00 15.09  ? 20  LEU A CG   1 
ATOM   331  C CD1  . LEU A 1 20 ? -4.491  6.671   -0.736  1.00 17.79  ? 20  LEU A CD1  1 
ATOM   332  C CD2  . LEU A 1 20 ? -4.434  6.674   1.735   1.00 21.86  ? 20  LEU A CD2  1 
ATOM   333  H H    . LEU A 1 20 ? -0.321  4.614   0.043   1.00 11.67  ? 20  LEU A H    1 
ATOM   334  H HA   . LEU A 1 20 ? -2.068  5.867   -1.513  1.00 12.40  ? 20  LEU A HA   1 
ATOM   335  H HB2  . LEU A 1 20 ? -2.707  5.040   0.613   1.00 14.80  ? 20  LEU A HB2  1 
ATOM   336  H HB3  . LEU A 1 20 ? -1.853  6.160   1.305   1.00 14.80  ? 20  LEU A HB3  1 
ATOM   337  H HG   . LEU A 1 20 ? -3.291  7.860   0.428   1.00 18.11  ? 20  LEU A HG   1 
ATOM   338  H HD11 . LEU A 1 20 ? -4.802  5.764   -0.709  1.00 26.68  ? 20  LEU A HD11 1 
ATOM   339  H HD12 . LEU A 1 20 ? -5.241  7.268   -0.712  1.00 26.68  ? 20  LEU A HD12 1 
ATOM   340  H HD13 . LEU A 1 20 ? -3.994  6.815   -1.545  1.00 26.68  ? 20  LEU A HD13 1 
ATOM   341  H HD21 . LEU A 1 20 ? -3.883  6.831   2.505   1.00 32.78  ? 20  LEU A HD21 1 
ATOM   342  H HD22 . LEU A 1 20 ? -5.189  7.267   1.756   1.00 32.78  ? 20  LEU A HD22 1 
ATOM   343  H HD23 . LEU A 1 20 ? -4.742  5.765   1.742   1.00 32.78  ? 20  LEU A HD23 1 
ATOM   344  N N    . THR A 1 21 ? 0.144   7.752   -0.181  1.00 10.26  ? 21  THR A N    1 
ATOM   345  C CA   . THR A 1 21 ? 0.809   9.040   -0.346  1.00 11.02  ? 21  THR A CA   1 
ATOM   346  C C    . THR A 1 21 ? 1.285   9.218   -1.756  1.00 10.47  ? 21  THR A C    1 
ATOM   347  O O    . THR A 1 21 ? 1.111   10.301  -2.363  1.00 11.72  ? 21  THR A O    1 
ATOM   348  C CB   . THR A 1 21 ? 1.913   9.209   0.651   1.00 12.55  ? 21  THR A CB   1 
ATOM   349  O OG1  . THR A 1 21 ? 1.390   9.171   1.961   1.00 15.60  ? 21  THR A OG1  1 
ATOM   350  C CG2  . THR A 1 21 ? 2.732   10.425  0.490   1.00 16.27  ? 21  THR A CG2  1 
ATOM   351  H H    . THR A 1 21 ? 0.446   7.191   0.396   1.00 12.31  ? 21  THR A H    1 
ATOM   352  H HA   . THR A 1 21 ? 0.145   9.739   -0.171  1.00 13.22  ? 21  THR A HA   1 
ATOM   353  H HB   . THR A 1 21 ? 2.513   8.440   0.554   1.00 15.05  ? 21  THR A HB   1 
ATOM   354  H HG1  . THR A 1 21 ? 0.932   8.498   2.053   1.00 23.39  ? 21  THR A HG1  1 
ATOM   355  H HG21 . THR A 1 21 ? 2.173   11.201  0.570   1.00 24.41  ? 21  THR A HG21 1 
ATOM   356  H HG22 . THR A 1 21 ? 3.410   10.447  1.170   1.00 24.41  ? 21  THR A HG22 1 
ATOM   357  H HG23 . THR A 1 21 ? 3.147   10.419  -0.376  1.00 24.41  ? 21  THR A HG23 1 
ATOM   358  N N    . LEU A 1 22 ? 1.918   8.214   -2.352  1.00 9.62   ? 22  LEU A N    1 
ATOM   359  C CA   . LEU A 1 22 ? 2.378   8.306   -3.721  1.00 9.58   ? 22  LEU A CA   1 
ATOM   360  C C    . LEU A 1 22 ? 1.225   8.460   -4.652  1.00 9.59   ? 22  LEU A C    1 
ATOM   361  O O    . LEU A 1 22 ? 1.302   9.259   -5.599  1.00 10.98  ? 22  LEU A O    1 
ATOM   362  C CB   . LEU A 1 22 ? 3.262   7.101   -4.065  1.00 10.14  ? 22  LEU A CB   1 
ATOM   363  C CG   . LEU A 1 22 ? 3.784   7.125   -5.504  1.00 10.94  ? 22  LEU A CG   1 
ATOM   364  C CD1  . LEU A 1 22 ? 4.542   8.386   -5.834  1.00 13.46  ? 22  LEU A CD1  1 
ATOM   365  C CD2  . LEU A 1 22 ? 4.654   5.931   -5.756  1.00 14.75  ? 22  LEU A CD2  1 
ATOM   366  H H    . LEU A 1 22 ? 2.058   7.489   -1.911  1.00 11.54  ? 22  LEU A H    1 
ATOM   367  H HA   . LEU A 1 22 ? 2.930   9.112   -3.796  1.00 11.49  ? 22  LEU A HA   1 
ATOM   368  H HB2  . LEU A 1 22 ? 4.017   7.083   -3.457  1.00 12.17  ? 22  LEU A HB2  1 
ATOM   369  H HB3  . LEU A 1 22 ? 2.752   6.287   -3.929  1.00 12.17  ? 22  LEU A HB3  1 
ATOM   370  H HG   . LEU A 1 22 ? 3.014   7.069   -6.107  1.00 13.12  ? 22  LEU A HG   1 
ATOM   371  H HD11 . LEU A 1 22 ? 3.981   9.149   -5.672  1.00 20.19  ? 22  LEU A HD11 1 
ATOM   372  H HD12 . LEU A 1 22 ? 5.325   8.443   -5.283  1.00 20.19  ? 22  LEU A HD12 1 
ATOM   373  H HD13 . LEU A 1 22 ? 4.801   8.371   -6.758  1.00 20.19  ? 22  LEU A HD13 1 
ATOM   374  H HD21 . LEU A 1 22 ? 4.168   5.130   -5.542  1.00 22.12  ? 22  LEU A HD21 1 
ATOM   375  H HD22 . LEU A 1 22 ? 4.913   5.912   -6.680  1.00 22.12  ? 22  LEU A HD22 1 
ATOM   376  H HD23 . LEU A 1 22 ? 5.438   5.985   -5.206  1.00 22.12  ? 22  LEU A HD23 1 
ATOM   377  N N    . LEU A 1 23 ? 0.122   7.749   -4.443  1.00 10.08  ? 23  LEU A N    1 
ATOM   378  C CA   . LEU A 1 23 ? -1.059  7.885   -5.272  1.00 10.14  ? 23  LEU A CA   1 
ATOM   379  C C    . LEU A 1 23 ? -1.549  9.329   -5.261  1.00 10.36  ? 23  LEU A C    1 
ATOM   380  O O    . LEU A 1 23 ? -1.868  9.895   -6.309  1.00 12.54  ? 23  LEU A O    1 
ATOM   381  C CB   . LEU A 1 23 ? -2.157  6.964   -4.789  1.00 11.30  ? 23  LEU A CB   1 
ATOM   382  C CG   . LEU A 1 23 ? -3.443  6.995   -5.559  1.00 13.22  ? 23  LEU A CG   1 
ATOM   383  C CD1  . LEU A 1 23 ? -3.297  6.785   -7.025  1.00 15.90  ? 23  LEU A CD1  1 
ATOM   384  C CD2  . LEU A 1 23 ? -4.455  6.029   -4.927  1.00 16.77  ? 23  LEU A CD2  1 
ATOM   385  H H    . LEU A 1 23 ? 0.107   7.187   -3.791  1.00 12.09  ? 23  LEU A H    1 
ATOM   386  H HA   . LEU A 1 23 ? -0.826  7.641   -6.192  1.00 12.16  ? 23  LEU A HA   1 
ATOM   387  H HB2  . LEU A 1 23 ? -1.818  6.056   -4.804  1.00 13.56  ? 23  LEU A HB2  1 
ATOM   388  H HB3  . LEU A 1 23 ? -2.352  7.185   -3.865  1.00 13.56  ? 23  LEU A HB3  1 
ATOM   389  H HG   . LEU A 1 23 ? -3.813  7.896   -5.444  1.00 15.87  ? 23  LEU A HG   1 
ATOM   390  H HD11 . LEU A 1 23 ? -2.736  7.473   -7.392  1.00 23.86  ? 23  LEU A HD11 1 
ATOM   391  H HD12 . LEU A 1 23 ? -2.899  5.927   -7.187  1.00 23.86  ? 23  LEU A HD12 1 
ATOM   392  H HD13 . LEU A 1 23 ? -4.161  6.822   -7.442  1.00 23.86  ? 23  LEU A HD13 1 
ATOM   393  H HD21 . LEU A 1 23 ? -4.515  6.200   -3.984  1.00 25.15  ? 23  LEU A HD21 1 
ATOM   394  H HD22 . LEU A 1 23 ? -5.316  6.156   -5.331  1.00 25.15  ? 23  LEU A HD22 1 
ATOM   395  H HD23 . LEU A 1 23 ? -4.165  5.125   -5.069  1.00 25.15  ? 23  LEU A HD23 1 
ATOM   396  N N    . GLU A 1 24 ? -1.609  9.946   -4.117  1.00 10.97  ? 24  GLU A N    1 
ATOM   397  C CA   . GLU A 1 24 ? -2.021  11.347  -4.009  1.00 11.88  ? 24  GLU A CA   1 
ATOM   398  C C    . GLU A 1 24 ? -1.123  12.204  -4.816  1.00 11.59  ? 24  GLU A C    1 
ATOM   399  O O    . GLU A 1 24 ? -1.593  13.122  -5.521  1.00 13.05  ? 24  GLU A O    1 
ATOM   400  C CB   . GLU A 1 24 ? -2.051  11.757  -2.523  1.00 13.28  ? 24  GLU A CB   1 
ATOM   401  C CG   . GLU A 1 24 ? -3.120  11.085  -1.678  1.00 14.27  ? 24  GLU A CG   1 
ATOM   402  C CD   . GLU A 1 24 ? -3.000  11.312  -0.211  1.00 17.46  ? 24  GLU A CD   1 
ATOM   403  O OE1  . GLU A 1 24 ? -1.950  11.940  0.277   1.00 25.80  ? 24  GLU A OE1  1 
ATOM   404  O OE2  . GLU A 1 24 ? -3.971  10.914  0.492   1.00 22.25  ? 24  GLU A OE2  1 
ATOM   405  H H    . GLU A 1 24 ? -1.401  9.517   -3.402  1.00 13.17  ? 24  GLU A H    1 
ATOM   406  H HA   . GLU A 1 24 ? -2.928  11.429  -4.369  1.00 14.26  ? 24  GLU A HA   1 
ATOM   407  H HB2  . GLU A 1 24 ? -1.186  11.560  -2.134  1.00 15.94  ? 24  GLU A HB2  1 
ATOM   408  H HB3  . GLU A 1 24 ? -2.182  12.717  -2.474  1.00 15.94  ? 24  GLU A HB3  1 
ATOM   409  H HG2  . GLU A 1 24 ? -3.988  11.405  -1.970  1.00 17.12  ? 24  GLU A HG2  1 
ATOM   410  H HG3  . GLU A 1 24 ? -3.089  10.130  -1.847  1.00 17.12  ? 24  GLU A HG3  1 
ATOM   411  N N    . LYS A 1 25 ? 0.207   12.028  -4.715  1.00 11.59  ? 25  LYS A N    1 
ATOM   412  C CA   . LYS A 1 25 ? 1.149   12.843  -5.444  1.00 12.12  ? 25  LYS A CA   1 
ATOM   413  C C    . LYS A 1 25 ? 0.992   12.685  -6.936  1.00 11.65  ? 25  LYS A C    1 
ATOM   414  O O    . LYS A 1 25 ? 1.034   13.649  -7.697  1.00 13.62  ? 25  LYS A O    1 
ATOM   415  C CB   . LYS A 1 25 ? 2.587   12.499  -4.976  1.00 13.31  ? 25  LYS A CB   1 
ATOM   416  C CG   . LYS A 1 25 ? 2.908   12.944  -3.602  1.00 16.96  ? 25  LYS A CG   1 
ATOM   417  C CD   . LYS A 1 25 ? 4.320   12.649  -3.187  1.00 22.28  ? 25  LYS A CD   1 
ATOM   418  C CE   . LYS A 1 25 ? 4.714   13.185  -1.806  1.00 27.12  ? 25  LYS A CE   1 
ATOM   419  N NZ   . LYS A 1 25 ? 4.442   14.665  -1.618  1.00 35.03  ? 25  LYS A NZ   1 
ATOM   420  H H    . LYS A 1 25 ? 0.506   11.409  -4.198  1.00 13.91  ? 25  LYS A H    1 
ATOM   421  H HA   . LYS A 1 25 ? 0.975   13.780  -5.219  1.00 14.54  ? 25  LYS A HA   1 
ATOM   422  H HB2  . LYS A 1 25 ? 2.708   11.537  -5.026  1.00 15.97  ? 25  LYS A HB2  1 
ATOM   423  H HB3  . LYS A 1 25 ? 3.219   12.906  -5.589  1.00 15.97  ? 25  LYS A HB3  1 
ATOM   424  H HG2  . LYS A 1 25 ? 2.757   13.900  -3.539  1.00 20.35  ? 25  LYS A HG2  1 
ATOM   425  H HG3  . LYS A 1 25 ? 2.302   12.509  -2.982  1.00 20.35  ? 25  LYS A HG3  1 
ATOM   426  H HD2  . LYS A 1 25 ? 4.448   11.688  -3.194  1.00 26.73  ? 25  LYS A HD2  1 
ATOM   427  H HD3  . LYS A 1 25 ? 4.921   13.029  -3.847  1.00 26.73  ? 25  LYS A HD3  1 
ATOM   428  H HE2  . LYS A 1 25 ? 4.227   12.690  -1.128  1.00 32.54  ? 25  LYS A HE2  1 
ATOM   429  H HE3  . LYS A 1 25 ? 5.660   13.022  -1.666  1.00 32.54  ? 25  LYS A HE3  1 
ATOM   430  H HZ1  . LYS A 1 25 ? 3.573   14.823  -1.731  1.00 52.54  ? 25  LYS A HZ1  1 
ATOM   431  H HZ2  . LYS A 1 25 ? 4.684   14.910  -0.797  1.00 52.54  ? 25  LYS A HZ2  1 
ATOM   432  H HZ3  . LYS A 1 25 ? 4.908   15.130  -2.216  1.00 52.54  ? 25  LYS A HZ3  1 
ATOM   433  N N    . LEU A 1 26 ? 0.812   11.449  -7.417  1.00 11.17  ? 26  LEU A N    1 
ATOM   434  C CA   . LEU A 1 26 ? 0.640   11.188  -8.845  1.00 11.63  ? 26  LEU A CA   1 
ATOM   435  C C    . LEU A 1 26 ? -0.690  11.781  -9.333  1.00 12.13  ? 26  LEU A C    1 
ATOM   436  O O    . LEU A 1 26 ? -0.743  12.336  -10.421 1.00 14.11  ? 26  LEU A O    1 
ATOM   437  C CB   . LEU A 1 26 ? 0.778   9.746   -9.150  1.00 11.60  ? 26  LEU A CB   1 
ATOM   438  C CG   . LEU A 1 26 ? 2.185   9.176   -8.919  1.00 11.10  ? 26  LEU A CG   1 
ATOM   439  C CD1  . LEU A 1 26 ? 2.117   7.641   -8.983  1.00 12.87  ? 26  LEU A CD1  1 
ATOM   440  C CD2  . LEU A 1 26 ? 3.183   9.707   -9.913  1.00 13.20  ? 26  LEU A CD2  1 
ATOM   441  H H    . LEU A 1 26 ? 0.797   10.787  -6.868  1.00 13.40  ? 26  LEU A H    1 
ATOM   442  H HA   . LEU A 1 26 ? 1.361   11.657  -9.317  1.00 13.95  ? 26  LEU A HA   1 
ATOM   443  H HB2  . LEU A 1 26 ? 0.149   9.252   -8.602  1.00 13.92  ? 26  LEU A HB2  1 
ATOM   444  H HB3  . LEU A 1 26 ? 0.534   9.601   -10.078 1.00 13.92  ? 26  LEU A HB3  1 
ATOM   445  H HG   . LEU A 1 26 ? 2.478   9.435   -8.020  1.00 13.32  ? 26  LEU A HG   1 
ATOM   446  H HD11 . LEU A 1 26 ? 1.475   7.322   -8.345  1.00 19.30  ? 26  LEU A HD11 1 
ATOM   447  H HD12 . LEU A 1 26 ? 1.854   7.368   -9.865  1.00 19.30  ? 26  LEU A HD12 1 
ATOM   448  H HD13 . LEU A 1 26 ? 2.981   7.274   -8.779  1.00 19.30  ? 26  LEU A HD13 1 
ATOM   449  H HD21 . LEU A 1 26 ? 2.907   9.471   -10.801 1.00 19.80  ? 26  LEU A HD21 1 
ATOM   450  H HD22 . LEU A 1 26 ? 3.233   10.663  -9.837  1.00 19.80  ? 26  LEU A HD22 1 
ATOM   451  H HD23 . LEU A 1 26 ? 4.046   9.327   -9.733  1.00 19.80  ? 26  LEU A HD23 1 
ATOM   452  N N    . ASN A 1 27 ? -1.747  11.662  -8.529  1.00 13.10  ? 27  ASN A N    1 
ATOM   453  C CA   . ASN A 1 27 ? -3.020  12.268  -8.911  1.00 14.27  ? 27  ASN A CA   1 
ATOM   454  C C    . ASN A 1 27 ? -2.903  13.750  -9.046  1.00 14.99  ? 27  ASN A C    1 
ATOM   455  O O    . ASN A 1 27 ? -3.491  14.372  -9.920  1.00 17.52  ? 27  ASN A O    1 
ATOM   456  C CB   A ASN A 1 27 ? -4.113  11.905  -7.906  0.77 14.47  ? 27  ASN A CB   1 
ATOM   457  C CB   B ASN A 1 27 ? -3.982  11.669  -7.993  0.23 14.33  ? 27  ASN A CB   1 
ATOM   458  C CG   A ASN A 1 27 ? -4.628  10.481  -8.064  0.77 15.33  ? 27  ASN A CG   1 
ATOM   459  C CG   B ASN A 1 27 ? -5.290  12.207  -8.566  0.23 15.23  ? 27  ASN A CG   1 
ATOM   460  O OD1  A ASN A 1 27 ? -4.472  9.685   -9.048  0.77 20.04  ? 27  ASN A OD1  1 
ATOM   461  O OD1  B ASN A 1 27 ? -5.923  11.791  -9.597  0.23 19.38  ? 27  ASN A OD1  1 
ATOM   462  N ND2  A ASN A 1 27 ? -5.273  9.985   -6.952  0.77 17.59  ? 27  ASN A ND2  1 
ATOM   463  N ND2  B ASN A 1 27 ? -6.003  12.992  -7.682  0.23 18.67  ? 27  ASN A ND2  1 
ATOM   464  H H    . ASN A 1 27 ? -1.679  11.231  -7.788  1.00 15.72  ? 27  ASN A H    1 
ATOM   465  H HA   . ASN A 1 27 ? -3.279  11.904  -9.784  1.00 17.13  ? 27  ASN A HA   1 
ATOM   466  H HB2  A ASN A 1 27 ? -3.763  12.015  -7.008  0.77 17.36  ? 27  ASN A HB2  1 
ATOM   467  H HB2  B ASN A 1 27 ? -3.951  10.699  -8.023  0.23 9.56   ? 27  ASN A HB2  1 
ATOM   468  H HB3  A ASN A 1 27 ? -4.855  12.521  -8.012  0.77 17.36  ? 27  ASN A HB3  1 
ATOM   469  H HB3  B ASN A 1 27 ? -3.841  11.967  -7.080  0.23 27.16  ? 27  ASN A HB3  1 
ATOM   470  N N    . GLU A 1 28 ? -2.161  14.414  -8.161  1.00 14.49  ? 28  GLU A N    1 
ATOM   471  C CA   . GLU A 1 28 ? -1.972  15.829  -8.208  1.00 16.32  ? 28  GLU A CA   1 
ATOM   472  C C    . GLU A 1 28 ? -1.236  16.283  -9.440  1.00 16.37  ? 28  GLU A C    1 
ATOM   473  O O    . GLU A 1 28 ? -1.442  17.434  -9.879  1.00 22.43  ? 28  GLU A O    1 
ATOM   474  C CB   A GLU A 1 28 ? -1.167  16.226  -6.843  0.59 16.87  ? 28  GLU A CB   1 
ATOM   475  C CB   B GLU A 1 28 ? -1.248  16.423  -7.074  0.41 17.24  ? 28  GLU A CB   1 
ATOM   476  C CG   A GLU A 1 28 ? -1.753  16.364  -5.606  0.59 17.46  ? 28  GLU A CG   1 
ATOM   477  C CG   B GLU A 1 28 ? -1.265  17.766  -6.763  0.41 20.72  ? 28  GLU A CG   1 
ATOM   478  C CD   A GLU A 1 28 ? -0.995  16.064  -4.319  0.59 20.24  ? 28  GLU A CD   1 
ATOM   479  C CD   B GLU A 1 28 ? -1.103  18.246  -5.322  0.41 25.77  ? 28  GLU A CD   1 
ATOM   480  O OE1  A GLU A 1 28 ? 0.165   16.672  -4.374  0.59 28.53  ? 28  GLU A OE1  1 
ATOM   481  O OE2  A GLU A 1 28 ? -1.560  15.883  -3.256  0.59 26.65  ? 28  GLU A OE2  1 
ATOM   482  H H    . GLU A 1 28 ? -1.778  13.970  -7.532  1.00 17.39  ? 28  GLU A H    1 
ATOM   483  H HA   . GLU A 1 28 ? -2.851  16.262  -8.191  1.00 19.58  ? 28  GLU A HA   1 
ATOM   484  H HB2  A GLU A 1 28 ? -0.466  15.563  -6.740  0.59 21.18  ? 28  GLU A HB2  1 
ATOM   485  H HB2  B GLU A 1 28 ? -1.554  15.956  -6.280  0.41 157.91 ? 28  GLU A HB2  1 
ATOM   486  H HB3  A GLU A 1 28 ? -0.720  17.068  -7.028  0.59 6.74   ? 28  GLU A HB3  1 
ATOM   487  H HB3  B GLU A 1 28 ? -0.315  16.182  -7.191  0.41 11.53  ? 28  GLU A HB3  1 
ATOM   488  N N    . LEU A 1 29 ? -0.427  15.500  -10.017 1.00 14.18  ? 29  LEU A N    1 
ATOM   489  C CA   . LEU A 1 29 ? 0.267   15.811  -11.285 1.00 14.13  ? 29  LEU A CA   1 
ATOM   490  C C    . LEU A 1 29 ? -0.630  15.695  -12.478 1.00 13.97  ? 29  LEU A C    1 
ATOM   491  O O    . LEU A 1 29 ? -0.236  16.147  -13.566 1.00 15.86  ? 29  LEU A O    1 
ATOM   492  C CB   . LEU A 1 29 ? 1.501   14.939  -11.423 1.00 14.75  ? 29  LEU A CB   1 
ATOM   493  C CG   . LEU A 1 29 ? 2.614   15.200  -10.499 1.00 16.64  ? 29  LEU A CG   1 
ATOM   494  C CD1  . LEU A 1 29 ? 3.695   14.070  -10.566 1.00 19.93  ? 29  LEU A CD1  1 
ATOM   495  C CD2  . LEU A 1 29 ? 3.467   16.416  -10.969 1.00 27.41  ? 29  LEU A CD2  1 
ATOM   496  H H    . LEU A 1 29 ? -0.270  14.740  -9.648  1.00 17.02  ? 29  LEU A H    1 
ATOM   497  H HA   . LEU A 1 29 ? 0.570   16.742  -11.235 1.00 16.96  ? 29  LEU A HA   1 
ATOM   498  H HB2  . LEU A 1 29 ? 1.228   14.014  -11.311 1.00 17.70  ? 29  LEU A HB2  1 
ATOM   499  H HB3  . LEU A 1 29 ? 1.834   15.032  -12.329 1.00 17.70  ? 29  LEU A HB3  1 
ATOM   500  H HG   . LEU A 1 29 ? 2.291   15.327  -9.583  1.00 19.97  ? 29  LEU A HG   1 
ATOM   501  H HD11 . LEU A 1 29 ? 3.295   13.230  -10.330 1.00 29.90  ? 29  LEU A HD11 1 
ATOM   502  H HD12 . LEU A 1 29 ? 4.049   14.017  -11.456 1.00 29.90  ? 29  LEU A HD12 1 
ATOM   503  H HD13 . LEU A 1 29 ? 4.405   14.270  -9.951  1.00 29.90  ? 29  LEU A HD13 1 
ATOM   504  H HD21 . LEU A 1 29 ? 3.828   16.236  -11.840 1.00 41.12  ? 29  LEU A HD21 1 
ATOM   505  H HD22 . LEU A 1 29 ? 2.913   17.199  -11.007 1.00 41.12  ? 29  LEU A HD22 1 
ATOM   506  H HD23 . LEU A 1 29 ? 4.185   16.562  -10.348 1.00 41.12  ? 29  LEU A HD23 1 
ATOM   507  N N    . ALA A 1 30 ? -1.843  15.217  -12.378 1.00 15.02  ? 30  ALA A N    1 
ATOM   508  C CA   . ALA A 1 30 ? -2.839  15.289  -13.434 1.00 16.31  ? 30  ALA A CA   1 
ATOM   509  C C    . ALA A 1 30 ? -2.366  14.640  -14.668 1.00 15.02  ? 30  ALA A C    1 
ATOM   510  O O    . ALA A 1 30 ? -1.880  13.489  -14.687 1.00 15.55  ? 30  ALA A O    1 
ATOM   511  C CB   . ALA A 1 30 ? -3.374  16.728  -13.618 1.00 20.06  ? 30  ALA A CB   1 
ATOM   512  H H    . ALA A 1 30 ? -2.066  14.837  -11.638 1.00 18.03  ? 30  ALA A H    1 
ATOM   513  H HA   . ALA A 1 30 ? -3.600  14.755  -13.123 1.00 19.58  ? 30  ALA A HA   1 
ATOM   514  H HB1  . ALA A 1 30 ? -3.660  17.073  -12.770 1.00 30.09  ? 30  ALA A HB1  1 
ATOM   515  H HB2  . ALA A 1 30 ? -2.678  17.285  -13.973 1.00 30.09  ? 30  ALA A HB2  1 
ATOM   516  H HB3  . ALA A 1 30 ? -4.116  16.717  -14.226 1.00 30.09  ? 30  ALA A HB3  1 
ATOM   517  N N    . ASP A 1 31 ? -2.555  15.258  -15.845 1.00 15.62  ? 31  ASP A N    1 
ATOM   518  C CA   . ASP A 1 31 ? -2.226  14.602  -17.094 1.00 16.48  ? 31  ASP A CA   1 
ATOM   519  C C    . ASP A 1 31 ? -0.801  14.177  -17.195 1.00 15.45  ? 31  ASP A C    1 
ATOM   520  O O    . ASP A 1 31 ? -0.528  13.189  -17.859 1.00 19.19  ? 31  ASP A O    1 
ATOM   521  C CB   A ASP A 1 31 ? -2.511  15.581  -18.182 0.71 20.17  ? 31  ASP A CB   1 
ATOM   522  C CB   B ASP A 1 31 ? -2.683  15.331  -18.385 0.29 20.23  ? 31  ASP A CB   1 
ATOM   523  C CG   A ASP A 1 31 ? -1.767  16.721  -18.324 0.71 25.15  ? 31  ASP A CG   1 
ATOM   524  C CG   B ASP A 1 31 ? -3.798  16.113  -18.538 0.29 21.86  ? 31  ASP A CG   1 
ATOM   525  O OD1  A ASP A 1 31 ? -1.991  17.553  -17.281 0.71 31.41  ? 31  ASP A OD1  1 
ATOM   526  O OD1  B ASP A 1 31 ? -4.710  15.812  -17.584 0.29 22.35  ? 31  ASP A OD1  1 
ATOM   527  O OD2  A ASP A 1 31 ? -1.353  17.108  -19.328 0.71 38.70  ? 31  ASP A OD2  1 
ATOM   528  O OD2  B ASP A 1 31 ? -4.104  16.628  -19.524 0.29 25.02  ? 31  ASP A OD2  1 
ATOM   529  H H    . ASP A 1 31 ? -2.877  16.056  -15.856 1.00 18.74  ? 31  ASP A H    1 
ATOM   530  H HA   . ASP A 1 31 ? -2.804  13.819  -17.207 1.00 19.77  ? 31  ASP A HA   1 
ATOM   531  H HB2  A ASP A 1 31 ? -2.453  15.098  -19.021 0.71 24.20  ? 31  ASP A HB2  1 
ATOM   532  H HB2  B ASP A 1 31 ? -1.934  15.890  -18.647 0.29 5.60   ? 31  ASP A HB2  1 
ATOM   533  H HB3  A ASP A 1 31 ? -3.435  15.856  -18.082 0.71 24.20  ? 31  ASP A HB3  1 
ATOM   534  H HB3  B ASP A 1 31 ? -2.753  14.641  -19.064 0.29 23.84  ? 31  ASP A HB3  1 
ATOM   535  N N    . ALA A 1 32 ? 0.137   14.906  -16.521 1.00 15.32  ? 32  ALA A N    1 
ATOM   536  C CA   . ALA A 1 32 ? 1.581   14.628  -16.584 1.00 16.37  ? 32  ALA A CA   1 
ATOM   537  C C    . ALA A 1 32 ? 1.995   13.303  -15.965 1.00 14.48  ? 32  ALA A C    1 
ATOM   538  O O    . ALA A 1 32 ? 3.088   12.822  -16.179 1.00 16.27  ? 32  ALA A O    1 
ATOM   539  C CB   . ALA A 1 32 ? 2.384   15.751  -15.879 1.00 18.39  ? 32  ALA A CB   1 
ATOM   540  H H    . ALA A 1 32 ? -0.131  15.562  -16.032 1.00 18.39  ? 32  ALA A H    1 
ATOM   541  H HA   . ALA A 1 32 ? 1.844   14.615  -17.528 1.00 19.65  ? 32  ALA A HA   1 
ATOM   542  H HB1  . ALA A 1 32 ? 2.141   16.601  -16.252 1.00 27.59  ? 32  ALA A HB1  1 
ATOM   543  H HB2  . ALA A 1 32 ? 2.184   15.746  -14.939 1.00 27.59  ? 32  ALA A HB2  1 
ATOM   544  H HB3  . ALA A 1 32 ? 3.323   15.602  -16.006 1.00 27.59  ? 32  ALA A HB3  1 
ATOM   545  N N    . ALA A 1 33 ? 1.054   12.693  -15.190 1.00 12.93  ? 33  ALA A N    1 
ATOM   546  C CA   . ALA A 1 33 ? 1.369   11.420  -14.550 1.00 12.40  ? 33  ALA A CA   1 
ATOM   547  C C    . ALA A 1 33 ? 0.148   10.492  -14.630 1.00 11.63  ? 33  ALA A C    1 
ATOM   548  O O    . ALA A 1 33 ? 0.034   9.598   -13.788 1.00 12.77  ? 33  ALA A O    1 
ATOM   549  C CB   . ALA A 1 33 ? 1.810   11.607  -13.129 1.00 14.38  ? 33  ALA A CB   1 
ATOM   550  H H    . ALA A 1 33 ? 0.283   13.055  -15.080 1.00 15.52  ? 33  ALA A H    1 
ATOM   551  H HA   . ALA A 1 33 ? 2.104   11.002  -15.046 1.00 14.88  ? 33  ALA A HA   1 
ATOM   552  H HB1  . ALA A 1 33 ? 2.574   12.188  -13.104 1.00 21.57  ? 33  ALA A HB1  1 
ATOM   553  H HB2  . ALA A 1 33 ? 1.095   11.996  -12.621 1.00 21.57  ? 33  ALA A HB2  1 
ATOM   554  H HB3  . ALA A 1 33 ? 2.044   10.755  -12.752 1.00 21.57  ? 33  ALA A HB3  1 
ATOM   555  N N    . ASP A 1 34 ? -0.711  10.654  -15.616 1.00 11.97  ? 34  ASP A N    1 
ATOM   556  C CA   . ASP A 1 34 ? -1.949  9.945   -15.649 1.00 12.12  ? 34  ASP A CA   1 
ATOM   557  C C    . ASP A 1 34 ? -1.808  8.388   -15.626 1.00 11.93  ? 34  ASP A C    1 
ATOM   558  O O    . ASP A 1 34 ? -2.421  7.733   -14.762 1.00 12.91  ? 34  ASP A O    1 
ATOM   559  C CB   . ASP A 1 34 ? -2.823  10.448  -16.806 1.00 12.84  ? 34  ASP A CB   1 
ATOM   560  C CG   . ASP A 1 34 ? -2.259  10.379  -18.201 1.00 13.33  ? 34  ASP A CG   1 
ATOM   561  O OD1  . ASP A 1 34 ? -1.118  9.895   -18.424 1.00 14.58  ? 34  ASP A OD1  1 
ATOM   562  O OD2  . ASP A 1 34 ? -2.987  10.856  -19.079 1.00 17.80  ? 34  ASP A OD2  1 
ATOM   563  H H    . ASP A 1 34 ? -0.522  11.199  -16.253 1.00 14.36  ? 34  ASP A H    1 
ATOM   564  H HA   . ASP A 1 34 ? -2.423  10.186  -14.826 1.00 14.54  ? 34  ASP A HA   1 
ATOM   565  H HB2  . ASP A 1 34 ? -3.651  9.941   -16.796 1.00 15.41  ? 34  ASP A HB2  1 
ATOM   566  H HB3  . ASP A 1 34 ? -3.053  11.372  -16.625 1.00 15.41  ? 34  ASP A HB3  1 
ATOM   567  N N    . GLU A 1 35 ? -1.005  7.841   -16.526 1.00 13.38  ? 35  GLU A N    1 
ATOM   568  C CA   . GLU A 1 35 ? -0.853  6.393   -16.570 1.00 13.39  ? 35  GLU A CA   1 
ATOM   569  C C    . GLU A 1 35 ? -0.226  5.912   -15.274 1.00 11.75  ? 35  GLU A C    1 
ATOM   570  O O    . GLU A 1 35 ? -0.553  4.844   -14.771 1.00 13.94  ? 35  GLU A O    1 
ATOM   571  C CB   . GLU A 1 35 ? 0.051   6.015   -17.743 1.00 15.43  ? 35  GLU A CB   1 
ATOM   572  C CG   . GLU A 1 35 ? 0.161   4.531   -17.886 1.00 19.43  ? 35  GLU A CG   1 
ATOM   573  C CD   . GLU A 1 35 ? 1.055   4.038   -19.053 1.00 22.91  ? 35  GLU A CD   1 
ATOM   574  O OE1  . GLU A 1 35 ? 1.540   4.854   -19.823 1.00 28.99  ? 35  GLU A OE1  1 
ATOM   575  O OE2  . GLU A 1 35 ? 1.204   2.853   -19.182 1.00 29.34  ? 35  GLU A OE2  1 
ATOM   576  H H    . GLU A 1 35 ? -0.576  8.338   -17.081 1.00 16.06  ? 35  GLU A H    1 
ATOM   577  H HA   . GLU A 1 35 ? -1.731  5.974   -16.683 1.00 16.07  ? 35  GLU A HA   1 
ATOM   578  H HB2  . GLU A 1 35 ? -0.310  6.392   -18.561 1.00 18.52  ? 35  GLU A HB2  1 
ATOM   579  H HB3  . GLU A 1 35 ? 0.934   6.391   -17.603 1.00 18.52  ? 35  GLU A HB3  1 
ATOM   580  H HG2  . GLU A 1 35 ? 0.511   4.168   -17.058 1.00 23.31  ? 35  GLU A HG2  1 
ATOM   581  H HG3  . GLU A 1 35 ? -0.730  4.168   -18.010 1.00 23.31  ? 35  GLU A HG3  1 
ATOM   582  N N    . GLN A 1 36 ? 0.694   6.686   -14.731 1.00 11.91  ? 36  GLN A N    1 
ATOM   583  C CA   . GLN A 1 36 ? 1.382   6.307   -13.489 1.00 11.66  ? 36  GLN A CA   1 
ATOM   584  C C    . GLN A 1 36 ? 0.417   6.313   -12.337 1.00 11.29  ? 36  GLN A C    1 
ATOM   585  O O    . GLN A 1 36 ? 0.469   5.402   -11.483 1.00 12.02  ? 36  GLN A O    1 
ATOM   586  C CB   . GLN A 1 36 ? 2.579   7.229   -13.291 1.00 12.04  ? 36  GLN A CB   1 
ATOM   587  C CG   . GLN A 1 36 ? 3.686   7.110   -14.316 1.00 14.06  ? 36  GLN A CG   1 
ATOM   588  C CD   . GLN A 1 36 ? 3.319   7.570   -15.690 1.00 13.43  ? 36  GLN A CD   1 
ATOM   589  O OE1  . GLN A 1 36 ? 2.668   8.586   -15.875 1.00 14.08  ? 36  GLN A OE1  1 
ATOM   590  N NE2  . GLN A 1 36 ? 3.721   6.795   -16.693 1.00 16.84  ? 36  GLN A NE2  1 
ATOM   591  H H    . GLN A 1 36 ? 0.897   7.430   -15.114 1.00 14.29  ? 36  GLN A H    1 
ATOM   592  H HA   . GLN A 1 36 ? 1.719   5.393   -13.596 1.00 13.99  ? 36  GLN A HA   1 
ATOM   593  H HB2  . GLN A 1 36 ? 2.260   8.145   -13.291 1.00 14.45  ? 36  GLN A HB2  1 
ATOM   594  H HB3  . GLN A 1 36 ? 2.955   7.053   -12.414 1.00 14.45  ? 36  GLN A HB3  1 
ATOM   595  H HG2  . GLN A 1 36 ? 4.447   7.628   -14.011 1.00 16.87  ? 36  GLN A HG2  1 
ATOM   596  H HG3  . GLN A 1 36 ? 3.964   6.182   -14.365 1.00 16.87  ? 36  GLN A HG3  1 
ATOM   597  H HE21 . GLN A 1 36 ? 3.523   7.004   -17.503 1.00 20.21  ? 36  GLN A HE21 1 
ATOM   598  H HE22 . GLN A 1 36 ? 4.179   6.086   -16.531 1.00 20.21  ? 36  GLN A HE22 1 
ATOM   599  N N    . ALA A 1 37 ? -0.471  7.259   -12.257 1.00 11.41  ? 37  ALA A N    1 
ATOM   600  C CA   . ALA A 1 37 ? -1.503  7.293   -11.238 1.00 11.41  ? 37  ALA A CA   1 
ATOM   601  C C    . ALA A 1 37 ? -2.399  6.090   -11.358 1.00 11.48  ? 37  ALA A C    1 
ATOM   602  O O    . ALA A 1 37 ? -2.797  5.522   -10.341 1.00 12.26  ? 37  ALA A O    1 
ATOM   603  C CB   . ALA A 1 37 ? -2.283  8.617   -11.347 1.00 12.83  ? 37  ALA A CB   1 
ATOM   604  H H    . ALA A 1 37 ? -0.446  7.895   -12.836 1.00 13.69  ? 37  ALA A H    1 
ATOM   605  H HA   . ALA A 1 37 ? -1.067  7.265   -10.361 1.00 13.69  ? 37  ALA A HA   1 
ATOM   606  H HB1  . ALA A 1 37 ? -1.676  9.355   -11.266 1.00 19.24  ? 37  ALA A HB1  1 
ATOM   607  H HB2  . ALA A 1 37 ? -2.726  8.659   -12.198 1.00 19.24  ? 37  ALA A HB2  1 
ATOM   608  H HB3  . ALA A 1 37 ? -2.937  8.661   -10.645 1.00 19.24  ? 37  ALA A HB3  1 
ATOM   609  N N    . ASP A 1 38 ? -2.765  5.708   -12.575 1.00 12.21  ? 38  ASP A N    1 
ATOM   610  C CA   . ASP A 1 38 ? -3.620  4.533   -12.754 1.00 12.82  ? 38  ASP A CA   1 
ATOM   611  C C    . ASP A 1 38 ? -2.886  3.256   -12.272 1.00 12.62  ? 38  ASP A C    1 
ATOM   612  O O    . ASP A 1 38 ? -3.528  2.422   -11.609 1.00 15.34  ? 38  ASP A O    1 
ATOM   613  C CB   . ASP A 1 38 ? -4.031  4.410   -14.223 1.00 13.53  ? 38  ASP A CB   1 
ATOM   614  C CG   . ASP A 1 38 ? -5.007  5.448   -14.688 1.00 14.06  ? 38  ASP A CG   1 
ATOM   615  O OD1  . ASP A 1 38 ? -5.775  5.942   -13.790 1.00 16.63  ? 38  ASP A OD1  1 
ATOM   616  O OD2  . ASP A 1 38 ? -5.103  5.748   -15.843 1.00 14.98  ? 38  ASP A OD2  1 
ATOM   617  H H    . ASP A 1 38 ? -2.499  6.152   -13.262 1.00 14.66  ? 38  ASP A H    1 
ATOM   618  H HA   . ASP A 1 38 ? -4.429  4.652   -12.213 1.00 15.38  ? 38  ASP A HA   1 
ATOM   619  H HB2  . ASP A 1 38 ? -3.234  4.465   -14.773 1.00 16.24  ? 38  ASP A HB2  1 
ATOM   620  H HB3  . ASP A 1 38 ? -4.422  3.533   -14.361 1.00 16.24  ? 38  ASP A HB3  1 
ATOM   621  N N    . ILE A 1 39 ? -1.625  3.110   -12.581 1.00 12.05  ? 39  ILE A N    1 
ATOM   622  C CA   . ILE A 1 39 ? -0.875  1.965   -12.070 1.00 12.35  ? 39  ILE A CA   1 
ATOM   623  C C    . ILE A 1 39 ? -0.839  2.025   -10.548 1.00 11.70  ? 39  ILE A C    1 
ATOM   624  O O    . ILE A 1 39 ? -0.994  1.012   -9.850  1.00 12.93  ? 39  ILE A O    1 
ATOM   625  C CB   . ILE A 1 39 ? 0.527   1.908   -12.667 1.00 13.09  ? 39  ILE A CB   1 
ATOM   626  C CG1  . ILE A 1 39 ? 0.567   1.676   -14.232 1.00 15.66  ? 39  ILE A CG1  1 
ATOM   627  C CG2  . ILE A 1 39 ? 1.352   0.828   -12.011 1.00 15.17  ? 39  ILE A CG2  1 
ATOM   628  C CD1  . ILE A 1 39 ? 1.768   1.927   -14.883 1.00 20.83  ? 39  ILE A CD1  1 
ATOM   629  H H    . ILE A 1 39 ? -1.237  3.687   -13.085 1.00 14.47  ? 39  ILE A H    1 
ATOM   630  H HA   . ILE A 1 39 ? -1.350  1.148   -12.332 1.00 14.82  ? 39  ILE A HA   1 
ATOM   631  H HB   . ILE A 1 39 ? 0.961   2.766   -12.483 1.00 15.70  ? 39  ILE A HB   1 
ATOM   632  H HG12 . ILE A 1 39 ? 0.322   0.754   -14.405 1.00 18.79  ? 39  ILE A HG12 1 
ATOM   633  H HG13 . ILE A 1 39 ? -0.113  2.235   -14.636 1.00 18.79  ? 39  ILE A HG13 1 
ATOM   634  H HG21 . ILE A 1 39 ? 1.424   1.008   -11.070 1.00 22.75  ? 39  ILE A HG21 1 
ATOM   635  H HG22 . ILE A 1 39 ? 0.929   -0.023  -12.142 1.00 22.75  ? 39  ILE A HG22 1 
ATOM   636  H HG23 . ILE A 1 39 ? 2.229   0.815   -12.401 1.00 22.75  ? 39  ILE A HG23 1 
ATOM   637  H HD11 . ILE A 1 39 ? 2.015   2.845   -14.752 1.00 31.25  ? 39  ILE A HD11 1 
ATOM   638  H HD12 . ILE A 1 39 ? 2.452   1.357   -14.523 1.00 31.25  ? 39  ILE A HD12 1 
ATOM   639  H HD13 . ILE A 1 39 ? 1.665   1.753   -15.821 1.00 31.25  ? 39  ILE A HD13 1 
ATOM   640  N N    . CYS A 1 40 ? -0.582  3.213   -9.986  1.00 10.94  ? 40  CYS A N    1 
ATOM   641  C CA   . CYS A 1 40 ? -0.454  3.357   -8.528  1.00 10.82  ? 40  CYS A CA   1 
ATOM   642  C C    . CYS A 1 40 ? -1.758  3.101   -7.837  1.00 10.98  ? 40  CYS A C    1 
ATOM   643  O O    . CYS A 1 40 ? -1.749  2.599   -6.678  1.00 11.63  ? 40  CYS A O    1 
ATOM   644  C CB   . CYS A 1 40 ? 0.109   4.701   -8.205  1.00 11.14  ? 40  CYS A CB   1 
ATOM   645  S SG   . CYS A 1 40 ? 0.752   4.847   -6.528  1.00 12.01  ? 40  CYS A SG   1 
ATOM   646  H H    . CYS A 1 40 ? -0.489  3.906   -10.487 1.00 13.13  ? 40  CYS A H    1 
ATOM   647  H HA   . CYS A 1 40 ? 0.186   2.682   -8.217  1.00 12.99  ? 40  CYS A HA   1 
ATOM   648  H HB2  . CYS A 1 40 ? 0.823   4.899   -8.832  1.00 13.36  ? 40  CYS A HB2  1 
ATOM   649  H HB3  . CYS A 1 40 ? -0.585  5.368   -8.332  1.00 13.36  ? 40  CYS A HB3  1 
ATOM   650  N N    . GLU A 1 41 ? -2.909  3.383   -8.420  1.00 11.93  ? 41  GLU A N    1 
ATOM   651  C CA   . GLU A 1 41 ? -4.201  3.081   -7.819  1.00 13.31  ? 41  GLU A CA   1 
ATOM   652  C C    . GLU A 1 41 ? -4.314  1.604   -7.593  1.00 13.39  ? 41  GLU A C    1 
ATOM   653  O O    . GLU A 1 41 ? -4.666  1.152   -6.492  1.00 14.55  ? 41  GLU A O    1 
ATOM   654  C CB   . GLU A 1 41 ? -5.337  3.592   -8.700  1.00 18.70  ? 41  GLU A CB   1 
ATOM   655  C CG   A GLU A 1 41 ? -6.568  3.709   -7.701  0.44 23.44  ? 41  GLU A CG   1 
ATOM   656  C CG   B GLU A 1 41 ? -6.678  3.246   -8.042  0.56 23.19  ? 41  GLU A CG   1 
ATOM   657  C CD   A GLU A 1 41 ? -7.151  4.505   -6.980  0.44 24.16  ? 41  GLU A CD   1 
ATOM   658  C CD   B GLU A 1 41 ? -7.774  3.703   -8.344  0.56 27.72  ? 41  GLU A CD   1 
ATOM   659  O OE1  A GLU A 1 41 ? -6.966  5.754   -7.535  0.44 27.31  ? 41  GLU A OE1  1 
ATOM   660  O OE1  B GLU A 1 41 ? -7.696  4.059   -9.675  0.56 38.27  ? 41  GLU A OE1  1 
ATOM   661  O OE2  A GLU A 1 41 ? -7.462  4.693   -5.884  0.44 32.22  ? 41  GLU A OE2  1 
ATOM   662  O OE2  B GLU A 1 41 ? -8.901  3.580   -8.120  0.56 31.81  ? 41  GLU A OE2  1 
ATOM   663  H H    . GLU A 1 41 ? -2.894  3.763   -9.192  1.00 14.32  ? 41  GLU A H    1 
ATOM   664  H HA   . GLU A 1 41 ? -4.254  3.534   -6.951  1.00 15.97  ? 41  GLU A HA   1 
ATOM   665  H HB2  . GLU A 1 41 ? -5.117  4.455   -9.083  1.00 22.44  ? 41  GLU A HB2  1 
ATOM   666  H HB3  . GLU A 1 41 ? -5.528  2.967   -9.417  1.00 22.44  ? 41  GLU A HB3  1 
ATOM   667  N N    . SER A 1 42 ? -3.954  0.824   -8.588  1.00 13.90  ? 42  SER A N    1 
ATOM   668  C CA   . SER A 1 42 ? -3.938  -0.633  -8.490  1.00 15.69  ? 42  SER A CA   1 
ATOM   669  C C    . SER A 1 42 ? -2.935  -1.077  -7.442  1.00 12.98  ? 42  SER A C    1 
ATOM   670  O O    . SER A 1 42 ? -3.168  -2.010  -6.680  1.00 14.50  ? 42  SER A O    1 
ATOM   671  C CB   . SER A 1 42 ? -3.737  -1.171  -9.815  1.00 19.79  ? 42  SER A CB   1 
ATOM   672  O OG   . SER A 1 42 ? -3.735  -2.573  -9.771  1.00 26.52  ? 42  SER A OG   1 
ATOM   673  H H    . SER A 1 42 ? -3.717  1.188   -9.330  1.00 16.67  ? 42  SER A H    1 
ATOM   674  H HA   . SER A 1 42 ? -4.826  -0.918  -8.187  1.00 18.83  ? 42  SER A HA   1 
ATOM   675  H HB2  . SER A 1 42 ? -4.446  -0.865  -10.402 1.00 23.75  ? 42  SER A HB2  1 
ATOM   676  H HB3  . SER A 1 42 ? -2.892  -0.855  -10.172 1.00 23.75  ? 42  SER A HB3  1 
ATOM   677  H HG   . SER A 1 42 ? -3.613  -2.870  -10.526 1.00 39.78  ? 42  SER A HG   1 
ATOM   678  N N    . LEU A 1 43 ? -1.727  -0.475  -7.424  1.00 12.03  ? 43  LEU A N    1 
ATOM   679  C CA   . LEU A 1 43 ? -0.685  -0.809  -6.480  1.00 10.65  ? 43  LEU A CA   1 
ATOM   680  C C    . LEU A 1 43 ? -1.194  -0.614  -5.059  1.00 10.16  ? 43  LEU A C    1 
ATOM   681  O O    . LEU A 1 43 ? -0.956  -1.456  -4.171  1.00 11.00  ? 43  LEU A O    1 
ATOM   682  C CB   . LEU A 1 43 ? 0.565   -0.003  -6.715  1.00 10.95  ? 43  LEU A CB   1 
ATOM   683  C CG   . LEU A 1 43 ? 1.753   -0.351  -5.842  1.00 12.26  ? 43  LEU A CG   1 
ATOM   684  C CD1  . LEU A 1 43 ? 2.239   -1.736  -6.223  1.00 17.76  ? 43  LEU A CD1  1 
ATOM   685  C CD2  . LEU A 1 43 ? 2.820   0.716   -5.963  1.00 14.49  ? 43  LEU A CD2  1 
ATOM   686  H H    . LEU A 1 43 ? -1.570  0.139   -8.005  1.00 14.43  ? 43  LEU A H    1 
ATOM   687  H HA   . LEU A 1 43 ? -0.462  -1.756  -6.596  1.00 12.78  ? 43  LEU A HA   1 
ATOM   688  H HB2  . LEU A 1 43 ? 0.827   -0.110  -7.642  1.00 13.14  ? 43  LEU A HB2  1 
ATOM   689  H HB3  . LEU A 1 43 ? 0.353   0.934   -6.579  1.00 13.14  ? 43  LEU A HB3  1 
ATOM   690  H HG   . LEU A 1 43 ? 1.451   -0.379  -4.910  1.00 14.71  ? 43  LEU A HG   1 
ATOM   691  H HD11 . LEU A 1 43 ? 1.533   -2.371  -6.086  1.00 26.64  ? 43  LEU A HD11 1 
ATOM   692  H HD12 . LEU A 1 43 ? 2.499   -1.739  -7.147  1.00 26.64  ? 43  LEU A HD12 1 
ATOM   693  H HD13 . LEU A 1 43 ? 2.993   -1.971  -5.677  1.00 26.64  ? 43  LEU A HD13 1 
ATOM   694  H HD21 . LEU A 1 43 ? 3.107   0.779   -6.877  1.00 21.74  ? 43  LEU A HD21 1 
ATOM   695  H HD22 . LEU A 1 43 ? 2.461   1.561   -5.681  1.00 21.74  ? 43  LEU A HD22 1 
ATOM   696  H HD23 . LEU A 1 43 ? 3.568   0.484   -5.409  1.00 21.74  ? 43  LEU A HD23 1 
ATOM   697  N N    . HIS A 1 44 ? -1.843  0.498   -4.787  1.00 10.34  ? 44  HIS A N    1 
ATOM   698  C CA   . HIS A 1 44 ? -2.376  0.741   -3.465  1.00 10.08  ? 44  HIS A CA   1 
ATOM   699  C C    . HIS A 1 44 ? -3.435  -0.291  -3.073  1.00 10.62  ? 44  HIS A C    1 
ATOM   700  O O    . HIS A 1 44 ? -3.446  -0.794  -1.967  1.00 11.45  ? 44  HIS A O    1 
ATOM   701  C CB   . HIS A 1 44 ? -2.915  2.149   -3.349  1.00 11.74  ? 44  HIS A CB   1 
ATOM   702  C CG   . HIS A 1 44 ? -3.585  2.411   -2.080  1.00 12.10  ? 44  HIS A CG   1 
ATOM   703  N ND1  . HIS A 1 44 ? -3.056  2.445   -0.821  1.00 15.63  ? 44  HIS A ND1  1 
ATOM   704  C CD2  . HIS A 1 44 ? -4.954  2.563   -1.975  1.00 14.94  ? 44  HIS A CD2  1 
ATOM   705  C CE1  . HIS A 1 44 ? -4.266  2.652   0.002   1.00 17.22  ? 44  HIS A CE1  1 
ATOM   706  N NE2  . HIS A 1 44 ? -5.182  2.661   -0.768  1.00 20.96  ? 44  HIS A NE2  1 
ATOM   707  H H    . HIS A 1 44 ? -1.950  1.089   -5.403  1.00 12.41  ? 44  HIS A H    1 
ATOM   708  H HA   . HIS A 1 44 ? -1.635  0.657   -2.830  1.00 12.10  ? 44  HIS A HA   1 
ATOM   709  H HB2  . HIS A 1 44 ? -2.182  2.775   -3.452  1.00 14.08  ? 44  HIS A HB2  1 
ATOM   710  H HB3  . HIS A 1 44 ? -3.542  2.306   -4.073  1.00 14.08  ? 44  HIS A HB3  1 
ATOM   711  H HD2  . HIS A 1 44 ? -5.573  2.588   -2.670  1.00 17.93  ? 44  HIS A HD2  1 
ATOM   712  H HE1  . HIS A 1 44 ? -4.307  2.754   0.925   1.00 20.66  ? 44  HIS A HE1  1 
ATOM   713  H HE2  . HIS A 1 44 ? -5.990  2.733   -0.482  1.00 25.15  ? 44  HIS A HE2  1 
ATOM   714  N N    . ASP A 1 45 ? -4.321  -0.617  -3.996  1.00 12.00  ? 45  ASP A N    1 
ATOM   715  C CA   . ASP A 1 45 ? -5.313  -1.675  -3.692  1.00 13.96  ? 45  ASP A CA   1 
ATOM   716  C C    . ASP A 1 45 ? -4.614  -2.982  -3.383  1.00 12.51  ? 45  ASP A C    1 
ATOM   717  O O    . ASP A 1 45 ? -5.061  -3.709  -2.495  1.00 13.85  ? 45  ASP A O    1 
ATOM   718  C CB   . ASP A 1 45 ? -6.246  -1.838  -4.904  1.00 17.53  ? 45  ASP A CB   1 
ATOM   719  C CG   . ASP A 1 45 ? -7.167  -0.788  -5.123  1.00 21.62  ? 45  ASP A CG   1 
ATOM   720  O OD1  . ASP A 1 45 ? -7.380  0.145   -4.329  1.00 26.08  ? 45  ASP A OD1  1 
ATOM   721  O OD2  . ASP A 1 45 ? -7.858  -0.616  -6.103  1.00 31.77  ? 45  ASP A OD2  1 
ATOM   722  H H    . ASP A 1 45 ? -4.323  -0.224  -4.761  1.00 14.40  ? 45  ASP A H    1 
ATOM   723  H HA   . ASP A 1 45 ? -5.843  -1.403  -2.914  1.00 16.75  ? 45  ASP A HA   1 
ATOM   724  H HB2  . ASP A 1 45 ? -5.698  -1.932  -5.699  1.00 21.04  ? 45  ASP A HB2  1 
ATOM   725  H HB3  . ASP A 1 45 ? -6.744  -2.662  -4.796  1.00 21.04  ? 45  ASP A HB3  1 
ATOM   726  N N    . HIS A 1 46 ? -3.547  -3.301  -4.082  1.00 12.39  ? 46  HIS A N    1 
ATOM   727  C CA   . HIS A 1 46 ? -2.827  -4.522  -3.826  1.00 13.01  ? 46  HIS A CA   1 
ATOM   728  C C    . HIS A 1 46 ? -2.092  -4.502  -2.494  1.00 11.40  ? 46  HIS A C    1 
ATOM   729  O O    . HIS A 1 46 ? -2.053  -5.496  -1.775  1.00 13.06  ? 46  HIS A O    1 
ATOM   730  C CB   A HIS A 1 46 ? -1.771  -4.430  -5.017  0.50 12.34  ? 46  HIS A CB   1 
ATOM   731  C CB   B HIS A 1 46 ? -1.885  -5.044  -4.918  0.50 15.03  ? 46  HIS A CB   1 
ATOM   732  C CG   A HIS A 1 46 ? -1.432  -5.889  -5.385  0.50 13.14  ? 46  HIS A CG   1 
ATOM   733  C CG   B HIS A 1 46 ? -2.655  -5.514  -6.167  0.50 20.25  ? 46  HIS A CG   1 
ATOM   734  N ND1  A HIS A 1 46 ? -1.324  -7.026  -4.723  0.50 16.74  ? 46  HIS A ND1  1 
ATOM   735  C CD2  A HIS A 1 46 ? -0.497  -6.063  -6.623  0.50 12.53  ? 46  HIS A CD2  1 
ATOM   736  C CE1  A HIS A 1 46 ? -0.656  -7.951  -5.484  0.50 16.92  ? 46  HIS A CE1  1 
ATOM   737  N NE2  A HIS A 1 46 ? -0.277  -7.278  -6.625  0.50 17.18  ? 46  HIS A NE2  1 
ATOM   738  H H    . HIS A 1 46 ? -3.276  -2.771  -4.703  1.00 14.87  ? 46  HIS A H    1 
ATOM   739  H HA   . HIS A 1 46 ? -3.405  -5.309  -3.911  1.00 15.61  ? 46  HIS A HA   1 
ATOM   740  H HB2  A HIS A 1 46 ? -2.154  -3.968  -5.779  0.50 14.81  ? 46  HIS A HB2  1 
ATOM   741  H HB3  A HIS A 1 46 ? -0.975  -3.956  -4.733  0.50 14.81  ? 46  HIS A HB3  1 
ATOM   742  H HD2  A HIS A 1 46 ? -0.185  -5.414  -7.211  0.50 15.04  ? 46  HIS A HD2  1 
ATOM   743  H HE1  A HIS A 1 46 ? -0.492  -8.843  -5.275  0.50 20.30  ? 46  HIS A HE1  1 
ATOM   744  H HE2  A HIS A 1 46 ? 0.087   -7.677  -7.294  0.50 20.61  ? 46  HIS A HE2  1 
ATOM   745  N N    . ALA A 1 47 ? -1.577  -3.331  -2.093  1.00 10.33  ? 47  ALA A N    1 
ATOM   746  C CA   . ALA A 1 47 ? -0.953  -3.184  -0.785  1.00 9.93   ? 47  ALA A CA   1 
ATOM   747  C C    . ALA A 1 47 ? -1.964  -3.316  0.319   1.00 10.59  ? 47  ALA A C    1 
ATOM   748  O O    . ALA A 1 47 ? -1.686  -3.880  1.382   1.00 11.61  ? 47  ALA A O    1 
ATOM   749  C CB   . ALA A 1 47 ? -0.243  -1.870  -0.711  1.00 10.89  ? 47  ALA A CB   1 
ATOM   750  H H    . ALA A 1 47 ? -1.615  -2.652  -2.620  1.00 12.40  ? 47  ALA A H    1 
ATOM   751  H HA   . ALA A 1 47 ? -0.289  -3.897  -0.680  1.00 11.92  ? 47  ALA A HA   1 
ATOM   752  H HB1  . ALA A 1 47 ? 0.394   -1.809  -1.426  1.00 16.33  ? 47  ALA A HB1  1 
ATOM   753  H HB2  . ALA A 1 47 ? -0.881  -1.156  -0.790  1.00 16.33  ? 47  ALA A HB2  1 
ATOM   754  H HB3  . ALA A 1 47 ? 0.213   -1.799  0.131   1.00 16.33  ? 47  ALA A HB3  1 
ATOM   755  N N    . ASP A 1 48 ? -3.174  -2.785  0.110   1.00 10.84  ? 48  ASP A N    1 
ATOM   756  C CA   . ASP A 1 48 ? -4.259  -2.944  1.079   1.00 12.34  ? 48  ASP A CA   1 
ATOM   757  C C    . ASP A 1 48 ? -4.647  -4.416  1.226   1.00 12.48  ? 48  ASP A C    1 
ATOM   758  O O    . ASP A 1 48 ? -4.794  -4.915  2.313   1.00 13.78  ? 48  ASP A O    1 
ATOM   759  C CB   . ASP A 1 48 ? -5.452  -2.109  0.651   1.00 14.08  ? 48  ASP A CB   1 
ATOM   760  C CG   . ASP A 1 48 ? -6.562  -2.161  1.613   1.00 17.33  ? 48  ASP A CG   1 
ATOM   761  O OD1  . ASP A 1 48 ? -6.404  -1.763  2.742   1.00 23.31  ? 48  ASP A OD1  1 
ATOM   762  O OD2  . ASP A 1 48 ? -7.666  -2.537  1.243   1.00 29.09  ? 48  ASP A OD2  1 
ATOM   763  H H    . ASP A 1 48 ? -3.317  -2.338  -0.610  1.00 13.00  ? 48  ASP A H    1 
ATOM   764  H HA   . ASP A 1 48 ? -3.948  -2.616  1.949   1.00 14.80  ? 48  ASP A HA   1 
ATOM   765  H HB2  . ASP A 1 48 ? -5.170  -1.187  0.543   1.00 16.89  ? 48  ASP A HB2  1 
ATOM   766  H HB3  . ASP A 1 48 ? -5.766  -2.425  -0.211  1.00 16.89  ? 48  ASP A HB3  1 
ATOM   767  N N    . GLU A 1 49 ? -4.738  -5.142  0.088   1.00 12.87  ? 49  GLU A N    1 
ATOM   768  C CA   . GLU A 1 49 ? -5.061  -6.546  0.160   1.00 14.21  ? 49  GLU A CA   1 
ATOM   769  C C    . GLU A 1 49 ? -3.991  -7.288  0.956   1.00 13.20  ? 49  GLU A C    1 
ATOM   770  O O    . GLU A 1 49 ? -4.304  -8.140  1.792   1.00 14.67  ? 49  GLU A O    1 
ATOM   771  C CB   A GLU A 1 49 ? -5.363  -7.223  -1.237  0.54 16.76  ? 49  GLU A CB   1 
ATOM   772  C CB   B GLU A 1 49 ? -4.980  -7.016  -1.314  0.46 15.31  ? 49  GLU A CB   1 
ATOM   773  C CG   A GLU A 1 49 ? -5.760  -8.706  -1.246  0.54 20.75  ? 49  GLU A CG   1 
ATOM   774  C CG   B GLU A 1 49 ? -5.144  -8.534  -1.473  0.46 19.92  ? 49  GLU A CG   1 
ATOM   775  C CD   A GLU A 1 49 ? -5.811  -9.187  -2.556  0.54 24.05  ? 49  GLU A CD   1 
ATOM   776  C CD   B GLU A 1 49 ? -5.075  -8.890  -2.822  0.46 25.18  ? 49  GLU A CD   1 
ATOM   777  O OE1  A GLU A 1 49 ? -4.952  -8.457  -3.749  0.54 31.35  ? 49  GLU A OE1  1 
ATOM   778  O OE1  B GLU A 1 49 ? -6.021  -8.594  -3.551  0.46 29.19  ? 49  GLU A OE1  1 
ATOM   779  O OE2  A GLU A 1 49 ? -6.030  -10.385 -2.728  0.54 30.21  ? 49  GLU A OE2  1 
ATOM   780  O OE2  B GLU A 1 49 ? -4.205  -10.194 -3.300  0.46 34.46  ? 49  GLU A OE2  1 
ATOM   781  H H    . GLU A 1 49 ? -4.603  -4.768  -0.674  1.00 15.44  ? 49  GLU A H    1 
ATOM   782  H HA   . GLU A 1 49 ? -5.888  -6.612  0.681   1.00 17.05  ? 49  GLU A HA   1 
ATOM   783  H HB2  A GLU A 1 49 ? -6.076  -6.722  -1.662  0.54 20.12  ? 49  GLU A HB2  1 
ATOM   784  H HB2  B GLU A 1 49 ? -5.674  -6.569  -1.826  0.46 13.67  ? 49  GLU A HB2  1 
ATOM   785  H HB3  A GLU A 1 49 ? -4.573  -7.124  -1.792  0.54 20.12  ? 49  GLU A HB3  1 
ATOM   786  H HB3  B GLU A 1 49 ? -4.124  -6.751  -1.683  0.46 17.36  ? 49  GLU A HB3  1 
ATOM   787  N N    . LEU A 1 50 ? -2.709  -6.992  0.724   1.00 11.99  ? 50  LEU A N    1 
ATOM   788  C CA   . LEU A 1 50 ? -1.616  -7.661  1.478   1.00 11.46  ? 50  LEU A CA   1 
ATOM   789  C C    . LEU A 1 50 ? -1.745  -7.379  2.929   1.00 11.13  ? 50  LEU A C    1 
ATOM   790  O O    . LEU A 1 50 ? -1.607  -8.283  3.801   1.00 12.44  ? 50  LEU A O    1 
ATOM   791  C CB   . LEU A 1 50 ? -0.275  -7.279  0.942   1.00 11.15  ? 50  LEU A CB   1 
ATOM   792  C CG   . LEU A 1 50 ? 0.917   -7.889  1.713   1.00 11.80  ? 50  LEU A CG   1 
ATOM   793  C CD1  . LEU A 1 50 ? 0.899   -9.394  1.690   1.00 13.69  ? 50  LEU A CD1  1 
ATOM   794  C CD2  . LEU A 1 50 ? 2.189   -7.347  1.146   1.00 14.55  ? 50  LEU A CD2  1 
ATOM   795  H H    . LEU A 1 50 ? -2.511  -6.404  0.128   1.00 14.39  ? 50  LEU A H    1 
ATOM   796  H HA   . LEU A 1 50 ? -1.719  -8.627  1.354   1.00 13.76  ? 50  LEU A HA   1 
ATOM   797  H HB2  . LEU A 1 50 ? -0.220  -7.557  0.014   1.00 13.37  ? 50  LEU A HB2  1 
ATOM   798  H HB3  . LEU A 1 50 ? -0.196  -6.312  0.963   1.00 13.37  ? 50  LEU A HB3  1 
ATOM   799  H HG   . LEU A 1 50 ? 0.854   -7.600  2.646   1.00 14.16  ? 50  LEU A HG   1 
ATOM   800  H HD11 . LEU A 1 50 ? 0.071   -9.710  2.058   1.00 20.54  ? 50  LEU A HD11 1 
ATOM   801  H HD12 . LEU A 1 50 ? 0.986   -9.702  0.784   1.00 20.54  ? 50  LEU A HD12 1 
ATOM   802  H HD13 . LEU A 1 50 ? 1.631   -9.730  2.212   1.00 20.54  ? 50  LEU A HD13 1 
ATOM   803  H HD21 . LEU A 1 50 ? 2.171   -6.389  1.179   1.00 21.82  ? 50  LEU A HD21 1 
ATOM   804  H HD22 . LEU A 1 50 ? 2.932   -7.671  1.661   1.00 21.82  ? 50  LEU A HD22 1 
ATOM   805  H HD23 . LEU A 1 50 ? 2.281   -7.636  0.235   1.00 21.82  ? 50  LEU A HD23 1 
ATOM   806  N N    . TYR A 1 51 ? -1.936  -6.112  3.323   1.00 11.51  ? 51  TYR A N    1 
ATOM   807  C CA   . TYR A 1 51 ? -2.071  -5.764  4.725   1.00 11.76  ? 51  TYR A CA   1 
ATOM   808  C C    . TYR A 1 51 ? -3.206  -6.500  5.387   1.00 12.31  ? 51  TYR A C    1 
ATOM   809  O O    . TYR A 1 51 ? -3.035  -7.085  6.458   1.00 13.91  ? 51  TYR A O    1 
ATOM   810  C CB   . TYR A 1 51 ? -2.233  -4.279  4.892   1.00 12.96  ? 51  TYR A CB   1 
ATOM   811  C CG   . TYR A 1 51 ? -2.502  -3.840  6.316   1.00 14.05  ? 51  TYR A CG   1 
ATOM   812  C CD1  . TYR A 1 51 ? -1.525  -3.988  7.327   1.00 15.50  ? 51  TYR A CD1  1 
ATOM   813  C CD2  . TYR A 1 51 ? -3.731  -3.328  6.657   1.00 19.79  ? 51  TYR A CD2  1 
ATOM   814  C CE1  . TYR A 1 51 ? -1.856  -3.634  8.648   1.00 18.39  ? 51  TYR A CE1  1 
ATOM   815  C CE2  . TYR A 1 51 ? -4.069  -2.989  7.951   1.00 21.91  ? 51  TYR A CE2  1 
ATOM   816  C CZ   . TYR A 1 51 ? -3.006  -3.142  8.945   1.00 22.38  ? 51  TYR A CZ   1 
ATOM   817  O OH   . TYR A 1 51 ? -3.362  -2.861  10.245  1.00 27.63  ? 51  TYR A OH   1 
ATOM   818  H H    . TYR A 1 51 ? -1.980  -5.489  2.730   1.00 13.81  ? 51  TYR A H    1 
ATOM   819  H HA   . TYR A 1 51 ? -1.242  -6.026  5.178   1.00 14.12  ? 51  TYR A HA   1 
ATOM   820  H HB2  . TYR A 1 51 ? -1.425  -3.842  4.579   1.00 15.55  ? 51  TYR A HB2  1 
ATOM   821  H HB3  . TYR A 1 51 ? -2.965  -3.980  4.330   1.00 15.55  ? 51  TYR A HB3  1 
ATOM   822  H HD1  . TYR A 1 51 ? -0.679  -4.314  7.124   1.00 18.60  ? 51  TYR A HD1  1 
ATOM   823  H HD2  . TYR A 1 51 ? -4.363  -3.206  5.986   1.00 23.75  ? 51  TYR A HD2  1 
ATOM   824  H HE1  . TYR A 1 51 ? -1.228  -3.760  9.321   1.00 22.07  ? 51  TYR A HE1  1 
ATOM   825  H HE2  . TYR A 1 51 ? -4.918  -2.683  8.177   1.00 26.29  ? 51  TYR A HE2  1 
ATOM   826  H HH   . TYR A 1 51 ? -4.121  -2.552  10.259  1.00 41.45  ? 51  TYR A HH   1 
ATOM   827  N N    . ARG A 1 52 ? -4.380  -6.502  4.738   1.00 13.61  ? 52  ARG A N    1 
ATOM   828  C CA   . ARG A 1 52 ? -5.540  -7.208  5.283   1.00 14.84  ? 52  ARG A CA   1 
ATOM   829  C C    . ARG A 1 52 ? -5.259  -8.672  5.443   1.00 14.16  ? 52  ARG A C    1 
ATOM   830  O O    . ARG A 1 52 ? -5.687  -9.305  6.431   1.00 15.92  ? 52  ARG A O    1 
ATOM   831  C CB   . ARG A 1 52 ? -6.750  -6.949  4.462   1.00 18.87  ? 52  ARG A CB   1 
ATOM   832  C CG   . ARG A 1 52 ? -7.201  -5.467  4.555   1.00 23.28  ? 52  ARG A CG   1 
ATOM   833  C CD   . ARG A 1 52 ? -8.544  -5.228  3.877   1.00 32.29  ? 52  ARG A CD   1 
ATOM   834  N NE   . ARG A 1 52 ? -8.842  -3.965  3.641   1.00 39.25  ? 52  ARG A NE   1 
ATOM   835  C CZ   . ARG A 1 52 ? -10.034 -3.558  3.327   1.00 43.04  ? 52  ARG A CZ   1 
ATOM   836  N NH1  . ARG A 1 52 ? -11.320 -4.580  3.140   1.00 51.89  ? 52  ARG A NH1  1 
ATOM   837  N NH2  . ARG A 1 52 ? -10.364 -2.618  2.544   1.00 48.97  ? 52  ARG A NH2  1 
ATOM   838  H H    . ARG A 1 52 ? -4.452  -6.082  3.992   1.00 16.33  ? 52  ARG A H    1 
ATOM   839  H HA   . ARG A 1 52 ? -5.710  -6.844  6.176   1.00 17.81  ? 52  ARG A HA   1 
ATOM   840  H HB2  . ARG A 1 52 ? -6.562  -7.168  3.536   1.00 22.65  ? 52  ARG A HB2  1 
ATOM   841  H HB3  . ARG A 1 52 ? -7.472  -7.522  4.765   1.00 22.65  ? 52  ARG A HB3  1 
ATOM   842  H HG2  . ARG A 1 52 ? -7.266  -5.212  5.489   1.00 27.94  ? 52  ARG A HG2  1 
ATOM   843  H HG3  . ARG A 1 52 ? -6.530  -4.905  4.139   1.00 27.94  ? 52  ARG A HG3  1 
ATOM   844  H HD2  . ARG A 1 52 ? -8.552  -5.708  3.034   1.00 38.75  ? 52  ARG A HD2  1 
ATOM   845  H HD3  . ARG A 1 52 ? -9.241  -5.608  4.435   1.00 38.75  ? 52  ARG A HD3  1 
ATOM   846  H HE   . ARG A 1 52 ? -8.213  -3.380  3.699   1.00 47.10  ? 52  ARG A HE   1 
ATOM   847  H HH11 . ARG A 1 52 ? -11.348 -5.321  3.576   1.00 62.27  ? 52  ARG A HH11 1 
ATOM   848  H HH12 . ARG A 1 52 ? -11.962 -4.370  2.608   1.00 62.27  ? 52  ARG A HH12 1 
ATOM   849  H HH21 . ARG A 1 52 ? -9.757  -2.158  2.143   1.00 58.77  ? 52  ARG A HH21 1 
ATOM   850  H HH22 . ARG A 1 52 ? -11.195 -2.439  2.411   1.00 58.77  ? 52  ARG A HH22 1 
ATOM   851  N N    . SER A 1 53 ? -4.581  -9.293  4.468   1.00 13.40  ? 53  SER A N    1 
ATOM   852  C CA   . SER A 1 53 ? -4.250  -10.681 4.563   1.00 13.68  ? 53  SER A CA   1 
ATOM   853  C C    . SER A 1 53 ? -3.353  -11.011 5.671   1.00 13.24  ? 53  SER A C    1 
ATOM   854  O O    . SER A 1 53 ? -3.508  -11.996 6.399   1.00 15.01  ? 53  SER A O    1 
ATOM   855  C CB   . SER A 1 53 ? -3.664  -11.086 3.194   1.00 15.02  ? 53  SER A CB   1 
ATOM   856  O OG   . SER A 1 53 ? -3.390  -12.498 3.127   1.00 17.13  ? 53  SER A OG   1 
ATOM   857  H H    . SER A 1 53 ? -4.340  -8.849  3.772   1.00 16.08  ? 53  SER A H    1 
ATOM   858  H HA   . SER A 1 53 ? -5.083  -11.180 4.691   1.00 16.42  ? 53  SER A HA   1 
ATOM   859  H HB2  . SER A 1 53 ? -4.291  -10.848 2.493   1.00 18.02  ? 53  SER A HB2  1 
ATOM   860  H HB3  . SER A 1 53 ? -2.843  -10.593 3.039   1.00 18.02  ? 53  SER A HB3  1 
ATOM   861  H HG   . SER A 1 53 ? -2.849  -12.700 3.709   1.00 25.70  ? 53  SER A HG   1 
ATOM   862  N N    . CYS A 1 54 ? -2.291  -10.199 5.879   1.00 12.95  ? 54  CYS A N    1 
ATOM   863  C CA   . CYS A 1 54 ? -1.415  -10.366 7.036   1.00 13.00  ? 54  CYS A CA   1 
ATOM   864  C C    . CYS A 1 54 ? -2.150  -10.196 8.313   1.00 14.16  ? 54  CYS A C    1 
ATOM   865  O O    . CYS A 1 54 ? -1.913  -10.961 9.268   1.00 16.27  ? 54  CYS A O    1 
ATOM   866  C CB   . CYS A 1 54 ? -0.231  -9.375  6.930   1.00 13.64  ? 54  CYS A CB   1 
ATOM   867  S SG   . CYS A 1 54 ? 0.954   -9.674  5.627   1.00 13.89  ? 54  CYS A SG   1 
ATOM   868  H H    . CYS A 1 54 ? -2.127  -9.569  5.316   1.00 15.54  ? 54  CYS A H    1 
ATOM   869  H HA   . CYS A 1 54 ? -1.052  -11.275 7.013   1.00 15.60  ? 54  CYS A HA   1 
ATOM   870  H HB2  . CYS A 1 54 ? -0.594  -8.484  6.808   1.00 16.37  ? 54  CYS A HB2  1 
ATOM   871  H HB3  . CYS A 1 54 ? 0.243   -9.381  7.776   1.00 16.37  ? 54  CYS A HB3  1 
ATOM   872  N N    . LEU A 1 55 ? -2.965  -9.179  8.440   1.00 14.55  ? 55  LEU A N    1 
ATOM   873  C CA   . LEU A 1 55 ? -3.694  -8.962  9.681   1.00 17.11  ? 55  LEU A CA   1 
ATOM   874  C C    . LEU A 1 55 ? -4.546  -10.085 10.072  1.00 18.92  ? 55  LEU A C    1 
ATOM   875  O O    . LEU A 1 55 ? -4.637  -10.606 11.145  1.00 21.23  ? 55  LEU A O    1 
ATOM   876  C CB   . LEU A 1 55 ? -4.540  -7.641  9.569   1.00 20.31  ? 55  LEU A CB   1 
ATOM   877  C CG   . LEU A 1 55 ? -5.246  -7.201  10.642  1.00 24.02  ? 55  LEU A CG   1 
ATOM   878  C CD1  . LEU A 1 55 ? -4.413  -6.912  11.849  1.00 28.51  ? 55  LEU A CD1  1 
ATOM   879  C CD2  . LEU A 1 55 ? -6.124  -5.999  10.267  1.00 30.92  ? 55  LEU A CD2  1 
ATOM   880  H H    . LEU A 1 55 ? -3.071  -8.633  7.784   1.00 17.45  ? 55  LEU A H    1 
ATOM   881  H HA   . LEU A 1 55 ? -3.034  -8.830  10.392  1.00 20.53  ? 55  LEU A HA   1 
ATOM   882  H HB2  . LEU A 1 55 ? -3.934  -6.930  9.309   1.00 24.37  ? 55  LEU A HB2  1 
ATOM   883  H HB3  . LEU A 1 55 ? -5.166  -7.759  8.837   1.00 24.37  ? 55  LEU A HB3  1 
ATOM   884  H HG   . LEU A 1 55 ? -5.856  -7.927  10.891  1.00 56.01  ? 55  LEU A HG   1 
ATOM   885  H HD11 . LEU A 1 55 ? -3.759  -6.242  11.634  1.00 13.39  ? 55  LEU A HD11 1 
ATOM   886  H HD12 . LEU A 1 55 ? -4.977  -6.595  12.558  1.00 16.67  ? 55  LEU A HD12 1 
ATOM   887  H HD13 . LEU A 1 55 ? -3.968  -7.715  12.130  1.00 157.91 ? 55  LEU A HD13 1 
ATOM   888  H HD21 . LEU A 1 55 ? -5.570  -5.289  9.935   1.00 22.25  ? 55  LEU A HD21 1 
ATOM   889  H HD22 . LEU A 1 55 ? -6.750  -6.259  9.588   1.00 29.72  ? 55  LEU A HD22 1 
ATOM   890  H HD23 . LEU A 1 55 ? -6.601  -5.697  11.044  1.00 157.91 ? 55  LEU A HD23 1 
ATOM   891  N N    . ALA A 1 56 ? -5.252  -10.681 9.047   1.00 18.38  ? 56  ALA A N    1 
ATOM   892  C CA   . ALA A 1 56 ? -6.108  -11.857 9.314   1.00 22.15  ? 56  ALA A CA   1 
ATOM   893  C C    . ALA A 1 56 ? -5.360  -13.143 9.606   1.00 22.58  ? 56  ALA A C    1 
ATOM   894  O O    . ALA A 1 56 ? -5.746  -13.868 10.422  1.00 29.01  ? 56  ALA A O    1 
ATOM   895  C CB   . ALA A 1 56 ? -6.931  -12.117 8.078   1.00 25.05  ? 56  ALA A CB   1 
ATOM   896  H H    . ALA A 1 56 ? -5.194  -10.368 8.248   1.00 22.06  ? 56  ALA A H    1 
ATOM   897  H HA   . ALA A 1 56 ? -6.707  -11.655 10.063  1.00 26.58  ? 56  ALA A HA   1 
ATOM   898  H HB1  . ALA A 1 56 ? -7.429  -11.328 7.853   1.00 37.58  ? 56  ALA A HB1  1 
ATOM   899  H HB2  . ALA A 1 56 ? -6.352  -12.347 7.349   1.00 37.58  ? 56  ALA A HB2  1 
ATOM   900  H HB3  . ALA A 1 56 ? -7.539  -12.842 8.245   1.00 37.58  ? 56  ALA A HB3  1 
ATOM   901  N N    . ARG A 1 57 ? -4.197  -13.308 9.019   1.00 19.08  ? 57  ARG A N    1 
ATOM   902  C CA   . ARG A 1 57 ? -3.462  -14.451 9.351   1.00 20.39  ? 57  ARG A CA   1 
ATOM   903  C C    . ARG A 1 57 ? -2.692  -14.436 10.565  1.00 19.76  ? 57  ARG A C    1 
ATOM   904  O O    . ARG A 1 57 ? -2.733  -15.359 11.371  1.00 23.80  ? 57  ARG A O    1 
ATOM   905  C CB   . ARG A 1 57 ? -2.511  -14.777 8.255   1.00 22.69  ? 57  ARG A CB   1 
ATOM   906  C CG   . ARG A 1 57 ? -2.182  -16.201 8.708   1.00 23.55  ? 57  ARG A CG   1 
ATOM   907  C CD   . ARG A 1 57 ? -1.458  -16.629 7.595   1.00 22.16  ? 57  ARG A CD   1 
ATOM   908  N NE   . ARG A 1 57 ? -1.193  -18.244 7.630   1.00 21.10  ? 57  ARG A NE   1 
ATOM   909  C CZ   . ARG A 1 57 ? -0.457  -18.860 6.739   1.00 18.13  ? 57  ARG A CZ   1 
ATOM   910  N NH1  . ARG A 1 57 ? -0.077  -18.309 5.576   1.00 17.08  ? 57  ARG A NH1  1 
ATOM   911  N NH2  . ARG A 1 57 ? -0.100  -20.121 6.959   1.00 22.27  ? 57  ARG A NH2  1 
ATOM   912  H H    . ARG A 1 57 ? -3.899  -12.735 8.452   1.00 22.90  ? 57  ARG A H    1 
ATOM   913  H HA   . ARG A 1 57 ? -4.095  -15.196 9.418   1.00 24.47  ? 57  ARG A HA   1 
ATOM   914  H HB2  . ARG A 1 57 ? -2.933  -14.757 7.383   1.00 27.23  ? 57  ARG A HB2  1 
ATOM   915  H HB3  . ARG A 1 57 ? -1.731  -14.200 8.259   1.00 27.23  ? 57  ARG A HB3  1 
ATOM   916  H HG2  . ARG A 1 57 ? -1.644  -16.210 9.514   1.00 28.26  ? 57  ARG A HG2  1 
ATOM   917  H HG3  . ARG A 1 57 ? -2.982  -16.732 8.845   1.00 28.26  ? 57  ARG A HG3  1 
ATOM   918  H HD2  . ARG A 1 57 ? -1.947  -16.401 6.788   1.00 26.59  ? 57  ARG A HD2  1 
ATOM   919  H HD3  . ARG A 1 57 ? -0.607  -16.164 7.569   1.00 26.59  ? 57  ARG A HD3  1 
ATOM   920  H HE   . ARG A 1 57 ? -1.553  -18.706 8.259   1.00 25.32  ? 57  ARG A HE   1 
ATOM   921  H HH11 . ARG A 1 57 ? -0.319  -17.506 5.381   1.00 20.49  ? 57  ARG A HH11 1 
ATOM   922  H HH12 . ARG A 1 57 ? 0.407   -18.757 5.025   1.00 20.49  ? 57  ARG A HH12 1 
ATOM   923  H HH21 . ARG A 1 57 ? -0.352  -20.520 7.677   1.00 26.73  ? 57  ARG A HH21 1 
ATOM   924  H HH22 . ARG A 1 57 ? 0.383   -20.538 6.382   1.00 26.73  ? 57  ARG A HH22 1 
ATOM   925  N N    . PHE A 1 58 ? -2.040  -13.288 10.881  1.00 17.07  ? 58  PHE A N    1 
ATOM   926  C CA   . PHE A 1 58 ? -1.166  -13.212 12.020  1.00 18.02  ? 58  PHE A CA   1 
ATOM   927  C C    . PHE A 1 58 ? -1.915  -12.850 13.286  1.00 23.64  ? 58  PHE A C    1 
ATOM   928  O O    . PHE A 1 58 ? -1.402  -13.146 14.365  1.00 27.18  ? 58  PHE A O    1 
ATOM   929  C CB   . PHE A 1 58 ? -0.028  -12.272 11.759  1.00 17.30  ? 58  PHE A CB   1 
ATOM   930  C CG   . PHE A 1 58 ? 0.833   -12.425 10.581  1.00 15.06  ? 58  PHE A CG   1 
ATOM   931  C CD1  . PHE A 1 58 ? 0.987   -13.735 10.040  1.00 16.69  ? 58  PHE A CD1  1 
ATOM   932  C CD2  . PHE A 1 58 ? 1.506   -11.421 9.997   1.00 16.21  ? 58  PHE A CD2  1 
ATOM   933  C CE1  . PHE A 1 58 ? 1.848   -13.903 8.869   1.00 17.68  ? 58  PHE A CE1  1 
ATOM   934  C CE2  . PHE A 1 58 ? 2.302   -11.671 8.835   1.00 17.83  ? 58  PHE A CE2  1 
ATOM   935  C CZ   . PHE A 1 58 ? 2.470   -12.857 8.323   1.00 18.95  ? 58  PHE A CZ   1 
ATOM   936  H H    . PHE A 1 58 ? -2.154  -12.590 10.390  1.00 20.49  ? 58  PHE A H    1 
ATOM   937  H HA   . PHE A 1 58 ? -0.782  -14.103 12.153  1.00 21.62  ? 58  PHE A HA   1 
ATOM   938  H HB2  . PHE A 1 58 ? -0.401  -11.377 11.724  1.00 20.76  ? 58  PHE A HB2  1 
ATOM   939  H HB3  . PHE A 1 58 ? 0.549   -12.303 12.538  1.00 20.76  ? 58  PHE A HB3  1 
ATOM   940  H HD1  . PHE A 1 58 ? 0.552   -14.462 10.422  1.00 20.03  ? 58  PHE A HD1  1 
ATOM   941  H HD2  . PHE A 1 58 ? 1.455   -10.562 10.349  1.00 19.46  ? 58  PHE A HD2  1 
ATOM   942  H HE1  . PHE A 1 58 ? 1.962   -14.749 8.501   1.00 21.21  ? 58  PHE A HE1  1 
ATOM   943  H HE2  . PHE A 1 58 ? 2.720   -10.949 8.423   1.00 21.40  ? 58  PHE A HE2  1 
ATOM   944  H HZ   . PHE A 1 58 ? 3.021   -12.974 7.583   1.00 22.74  ? 58  PHE A HZ   1 
ATOM   945  N N    . GLY A 1 59 ? -3.023  -12.172 13.142  1.00 26.61  ? 59  GLY A N    1 
ATOM   946  C CA   . GLY A 1 59 ? -3.654  -11.498 14.166  0.62 29.76  ? 59  GLY A CA   1 
ATOM   947  C C    . GLY A 1 59 ? -4.800  -12.714 14.517  0.62 46.93  ? 59  GLY A C    1 
ATOM   948  O O    . GLY A 1 59 ? -4.639  -14.170 14.300  0.62 50.01  ? 59  GLY A O    1 
ATOM   949  H H    . GLY A 1 59 ? -3.380  -12.144 12.361  1.00 31.93  ? 59  GLY A H    1 
HETATM 950  O O    . HOH B 2 .  ? 1.128   -3.762  2.134   1.00 16.12  ? 66  HOH A O    1 
HETATM 951  O O    . HOH B 2 .  ? 12.047  -8.219  19.244  1.00 17.31  ? 67  HOH A O    1 
HETATM 952  O O    . HOH B 2 .  ? -1.681  1.841   6.319   1.00 19.74  ? 68  HOH A O    1 
HETATM 953  O O    . HOH B 2 .  ? 2.633   15.798  -6.818  1.00 20.60  ? 69  HOH A O    1 
HETATM 954  O O    . HOH B 2 .  ? -5.219  -14.302 5.507   1.00 27.83  ? 70  HOH A O    1 
HETATM 955  O O    . HOH B 2 .  ? -4.707  3.011   2.645   1.00 25.22  ? 71  HOH A O    1 
HETATM 956  O O    . HOH B 2 .  ? 1.258   -17.248 10.695  1.00 23.74  ? 72  HOH A O    1 
HETATM 957  O O    . HOH B 2 .  ? 7.761   -16.383 13.310  1.00 25.75  ? 73  HOH A O    1 
HETATM 958  O O    . HOH B 2 .  ? 9.697   -10.567 9.525   1.00 22.69  ? 74  HOH A O    1 
HETATM 959  O O    . HOH B 2 .  ? -4.256  13.998  -5.015  1.00 22.36  ? 75  HOH A O    1 
HETATM 960  O O    . HOH B 2 .  ? -6.952  -9.389  1.636   1.00 26.54  ? 76  HOH A O    1 
HETATM 961  O O    . HOH B 2 .  ? -6.233  16.703  -21.335 1.00 24.82  ? 77  HOH A O    1 
HETATM 962  O O    . HOH B 2 .  ? 2.965   7.255   -19.595 1.00 33.01  ? 78  HOH A O    1 
HETATM 963  O O    . HOH B 2 .  ? -5.448  -13.447 1.632   1.00 27.90  ? 79  HOH A O    1 
HETATM 964  O O    . HOH B 2 .  ? 6.478   16.473  -1.325  1.00 29.95  ? 80  HOH A O    1 
HETATM 965  O O    . HOH B 2 .  ? -6.335  2.658   -4.491  1.00 25.17  ? 81  HOH A O    1 
HETATM 966  O O    . HOH B 2 .  ? 5.058   16.266  -3.998  1.00 29.74  ? 82  HOH A O    1 
HETATM 967  O O    . HOH B 2 .  ? -0.058  8.882   -20.740 1.00 36.52  ? 83  HOH A O    1 
HETATM 968  O O    . HOH B 2 .  ? 9.057   -6.849  15.826  1.00 27.94  ? 84  HOH A O    1 
HETATM 969  O O    . HOH B 2 .  ? -8.167  -8.686  7.535   1.00 35.58  ? 85  HOH A O    1 
HETATM 970  O O    . HOH B 2 .  ? -0.309  -61.232 37.430  1.00 32.80  ? 86  HOH A O    1 
HETATM 971  O O    . HOH B 2 .  ? 3.846   0.587   10.415  1.00 34.08  ? 87  HOH A O    1 
HETATM 972  O O    . HOH B 2 .  ? -0.903  7.848   3.725   1.00 29.21  ? 88  HOH A O    1 
HETATM 973  O O    . HOH B 2 .  ? -8.343  -5.179  0.160   1.00 45.77  ? 89  HOH A O    1 
HETATM 974  O O    . HOH B 2 .  ? -2.958  3.781   4.587   1.00 29.62  ? 90  HOH A O    1 
HETATM 975  O O    . HOH B 2 .  ? -6.254  1.578   -11.856 1.00 38.58  ? 91  HOH A O    1 
HETATM 976  O O    . HOH B 2 .  ? 8.905   -4.188  21.624  1.00 39.01  ? 92  HOH A O    1 
HETATM 977  O O    . HOH B 2 .  ? 0.234   -15.763 14.211  1.00 35.23  ? 93  HOH A O    1 
HETATM 978  O O    . HOH B 2 .  ? -6.054  12.210  -5.076  1.00 36.25  ? 94  HOH A O    1 
HETATM 979  O O    . HOH B 2 .  ? -7.790  -4.238  -2.357  1.00 36.11  ? 95  HOH A O    1 
HETATM 980  O O    . HOH B 2 .  ? 5.818   -17.709 12.090  1.00 34.28  ? 96  HOH A O    1 
HETATM 981  O O    . HOH B 2 .  ? 7.977   -2.970  13.422  1.00 44.83  ? 97  HOH A O    1 
HETATM 982  O O    . HOH B 2 .  ? -1.715  -13.146 17.102  1.00 45.80  ? 98  HOH A O    1 
HETATM 983  O O    . HOH B 2 .  ? -3.350  21.371  -5.512  1.00 44.25  ? 99  HOH A O    1 
HETATM 984  O O    . HOH B 2 .  ? -7.150  5.504   -11.696 1.00 40.36  ? 100 HOH A O    1 
HETATM 985  O O    . HOH B 2 .  ? -3.778  -0.115  -13.205 1.00 52.68  ? 101 HOH A O    1 
HETATM 986  O O    . HOH B 2 .  ? 2.949   8.331   4.039   1.00 42.45  ? 102 HOH A O    1 
HETATM 987  O O    . HOH B 2 .  ? -1.670  -10.702 -5.640  0.50 21.48  ? 103 HOH A O    1 
HETATM 988  O O    . HOH B 2 .  ? -0.831  3.860   8.686   1.00 42.56  ? 104 HOH A O    1 
HETATM 989  O O    . HOH B 2 .  ? 12.192  -17.507 10.944  0.50 30.25  ? 105 HOH A O    1 
HETATM 990  O O    . HOH B 2 .  ? -10.844 -8.206  4.727   0.50 40.22  ? 106 HOH A O    1 
HETATM 991  O O    . HOH B 2 .  ? -12.312 -6.914  3.611   0.50 31.41  ? 107 HOH A O    1 
HETATM 992  O O    . HOH B 2 .  ? 2.520   1.354   12.656  1.00 38.32  ? 108 HOH A O    1 
HETATM 993  O O    . HOH B 2 .  ? -0.069  -15.108 19.787  1.00 53.75  ? 109 HOH A O    1 
HETATM 994  O O    . HOH B 2 .  ? 8.289   -6.076  18.072  0.50 24.38  ? 110 HOH A O    1 
HETATM 995  O O    . HOH B 2 .  ? 2.706   -18.122 13.987  1.00 47.99  ? 111 HOH A O    1 
HETATM 996  O O    . HOH B 2 .  ? -0.407  19.492  -11.268 1.00 56.49  ? 112 HOH A O    1 
HETATM 997  O O    . HOH B 2 .  ? -3.401  18.212  -2.327  1.00 41.67  ? 113 HOH A O    1 
HETATM 998  O O    . HOH B 2 .  ? -10.091 1.584   -9.522  1.00 38.34  ? 114 HOH A O    1 
HETATM 999  O O    . HOH B 2 .  ? -4.609  -12.567 -4.063  1.00 51.78  ? 115 HOH A O    1 
HETATM 1000 O O    . HOH B 2 .  ? -6.009  -1.990  10.677  0.50 33.19  ? 116 HOH A O    1 
HETATM 1001 O O    . HOH B 2 .  ? 1.296   18.496  -13.734 1.00 35.01  ? 117 HOH A O    1 
HETATM 1002 O O    . HOH B 2 .  ? -1.279  3.998   11.734  1.00 33.60  ? 118 HOH A O    1 
HETATM 1003 O O    . HOH B 2 .  ? 2.526   3.028   8.979   1.00 42.05  ? 119 HOH A O    1 
HETATM 1004 O O    . HOH B 2 .  ? -6.788  19.286  -22.945 1.00 38.06  ? 120 HOH A O    1 
HETATM 1005 O O    . HOH B 2 .  ? -5.896  -16.419 7.476   1.00 50.37  ? 121 HOH A O    1 
HETATM 1006 O O    . HOH B 2 .  ? -7.851  -10.687 4.027   1.00 41.35  ? 122 HOH A O    1 
HETATM 1007 O O    . HOH B 2 .  ? -1.134  15.390  -2.461  0.41 30.34  ? 123 HOH A O    1 
HETATM 1008 O O    . HOH B 2 .  ? -13.306 -88.334 87.395  1.00 53.29  ? 124 HOH A O    1 
HETATM 1009 O O    . HOH B 2 .  ? 3.591   6.518   5.205   0.50 30.87  ? 125 HOH A O    1 
HETATM 1010 O O    . HOH B 2 .  ? 7.371   -3.440  17.586  0.50 34.75  ? 126 HOH A O    1 
HETATM 1011 O O    . HOH B 2 .  ? 9.580   -7.191  19.906  0.50 21.22  ? 127 HOH A O    1 
HETATM 1012 O O    . HOH B 2 .  ? -9.036  -5.854  7.723   1.00 47.46  ? 128 HOH A O    1 
HETATM 1013 O O    . HOH B 2 .  ? 0.063   -5.747  16.090  1.00 43.09  ? 129 HOH A O    1 
HETATM 1014 O O    . HOH B 2 .  ? -24.329 -90.883 82.274  0.50 37.04  ? 130 HOH A O    1 
HETATM 1015 O O    . HOH B 2 .  ? 4.746   26.189  -16.968 1.00 57.90  ? 131 HOH A O    1 
HETATM 1016 O O    . HOH B 2 .  ? -4.863  20.217  -24.720 1.00 40.36  ? 132 HOH A O    1 
HETATM 1017 O O    . HOH B 2 .  ? -7.187  -13.226 16.705  0.50 53.71  ? 133 HOH A O    1 
HETATM 1018 O O    . HOH B 2 .  ? -3.681  -6.146  -7.928  0.50 36.61  ? 134 HOH A O    1 
HETATM 1019 O O    . HOH B 2 .  ? -8.164  -3.156  7.466   1.00 54.19  ? 135 HOH A O    1 
HETATM 1020 O O    . HOH B 2 .  ? -7.282  -17.429 13.795  0.50 36.53  ? 136 HOH A O    1 
HETATM 1021 O O    . HOH B 2 .  ? 8.897   -12.821 22.067  0.62 27.85  ? 137 HOH A O    1 
HETATM 1022 O O    . HOH B 2 .  ? -1.336  -51.987 30.178  0.50 48.67  ? 138 HOH A O    1 
HETATM 1023 O O    . HOH B 2 .  ? -7.510  12.788  -7.903  0.50 29.55  ? 139 HOH A O    1 
HETATM 1024 O O    . HOH B 2 .  ? -3.022  17.335  -21.836 0.50 33.18  ? 140 HOH A O    1 
HETATM 1025 O O    . HOH B 2 .  ? 3.435   -7.670  19.639  0.60 41.91  ? 141 HOH A O    1 
HETATM 1026 O O    . HOH B 2 .  ? 1.174   -3.972  15.140  1.00 46.87  ? 142 HOH A O    1 
HETATM 1027 O O    . HOH B 2 .  ? 12.674  -13.584 10.673  1.00 43.77  ? 143 HOH A O    1 
HETATM 1028 O O    . HOH B 2 .  ? 4.713   -3.415  19.515  0.50 27.10  ? 144 HOH A O    1 
HETATM 1029 O O    . HOH B 2 .  ? -4.821  -17.328 11.148  0.50 42.11  ? 145 HOH A O    1 
HETATM 1030 O O    . HOH B 2 .  ? -10.266 4.470   -11.939 1.00 69.58  ? 146 HOH A O    1 
HETATM 1031 O O    . HOH B 2 .  ? -7.149  -13.685 3.704   0.50 35.25  ? 147 HOH A O    1 
HETATM 1032 O O    . HOH B 2 .  ? -8.519  -9.145  10.557  0.50 35.63  ? 148 HOH A O    1 
HETATM 1033 O O    . HOH B 2 .  ? 6.974   -10.687 21.418  0.62 26.51  ? 149 HOH A O    1 
HETATM 1034 O O    . HOH B 2 .  ? 0.242   -74.417 49.118  0.50 37.83  ? 150 HOH A O    1 
HETATM 1035 O O    . HOH B 2 .  ? -9.794  -10.218 5.972   0.50 35.72  ? 151 HOH A O    1 
HETATM 1036 O O    . HOH B 2 .  ? -2.841  2.810   8.793   0.50 39.20  ? 152 HOH A O    1 
HETATM 1037 O O    . HOH B 2 .  ? 1.968   1.234   -21.263 0.50 35.74  ? 153 HOH A O    1 
HETATM 1038 O O    . HOH B 2 .  ? -2.113  -6.281  15.480  0.50 33.66  ? 154 HOH A O    1 
HETATM 1039 O O    . HOH B 2 .  ? -1.360  15.111  -22.415 0.50 36.01  ? 155 HOH A O    1 
HETATM 1040 O O    . HOH B 2 .  ? -0.406  15.681  -24.803 0.50 37.56  ? 156 HOH A O    1 
HETATM 1041 O O    . HOH B 2 .  ? -10.289 -13.116 6.442   0.50 39.64  ? 157 HOH A O    1 
HETATM 1042 O O    . HOH B 2 .  ? -7.779  -0.006  -9.876  0.50 41.40  ? 158 HOH A O    1 
HETATM 1043 O O    . HOH B 2 .  ? -1.018  17.802  -25.897 0.50 38.14  ? 159 HOH A O    1 
HETATM 1044 O O    . HOH B 2 .  ? -0.525  14.080  0.103   1.00 53.70  ? 160 HOH A O    1 
HETATM 1045 O O    . HOH B 2 .  ? -7.991  7.340   -6.145  0.50 36.24  ? 161 HOH A O    1 
HETATM 1046 O O    . HOH B 2 .  ? -6.904  -9.994  12.953  0.50 35.48  ? 162 HOH A O    1 
HETATM 1047 O O    . HOH B 2 .  ? -1.041  -17.608 12.195  1.00 48.96  ? 163 HOH A O    1 
HETATM 1048 O O    . HOH B 2 .  ? -4.845  -4.242  -7.458  1.00 48.23  ? 164 HOH A O    1 
HETATM 1049 O O    . HOH B 2 .  ? -4.802  -15.067 -2.243  1.00 49.91  ? 165 HOH A O    1 
HETATM 1050 O O    . HOH B 2 .  ? -6.325  -5.849  -4.598  0.50 36.33  ? 166 HOH A O    1 
HETATM 1051 O O    . HOH B 2 .  ? -21.621 -92.384 81.385  0.50 38.50  ? 167 HOH A O    1 
HETATM 1052 O O    . HOH B 2 .  ? -9.399  -0.252  1.960   0.50 37.66  ? 168 HOH A O    1 
HETATM 1053 O O    . HOH B 2 .  ? -8.694  -3.122  10.886  0.50 36.39  ? 169 HOH A O    1 
HETATM 1054 O O    . HOH B 2 .  ? -10.560 -13.559 8.837   0.50 39.61  ? 170 HOH A O    1 
HETATM 1055 O O    . HOH B 2 .  ? -0.802  17.893  -16.129 0.29 27.87  ? 171 HOH A O    1 
HETATM 1056 O O    . HOH B 2 .  ? -2.986  18.426  -16.289 0.29 27.45  ? 172 HOH A O    1 
HETATM 1057 O O    . HOH B 2 .  ? 6.186   -5.565  20.322  0.19 25.82  ? 173 HOH A O    1 
HETATM 1058 O O    . HOH B 2 .  ? 1.688   16.571  -5.041  0.41 36.86  ? 174 HOH A O    1 
HETATM 1059 O O    . HOH B 2 .  ? -12.711 -88.082 84.373  0.50 43.46  ? 175 HOH A O    1 
HETATM 1060 O O    . HOH B 2 .  ? 12.793  -17.676 15.600  0.50 32.22  ? 176 HOH A O    1 
HETATM 1061 O O    . HOH B 2 .  ? 4.650   28.245  -15.843 0.50 33.06  ? 177 HOH A O    1 
HETATM 1062 O O    . HOH B 2 .  ? 1.348   -20.288 11.596  0.50 43.39  ? 178 HOH A O    1 
HETATM 1063 O O    . HOH B 2 .  ? -3.182  -10.545 17.811  0.50 44.32  ? 179 HOH A O    1 
# 
